data_3EDF
#
_entry.id   3EDF
#
_cell.length_a   106.542
_cell.length_b   111.107
_cell.length_c   106.602
_cell.angle_alpha   90.000
_cell.angle_beta   90.000
_cell.angle_gamma   90.000
#
_symmetry.space_group_name_H-M   'P 21 21 2'
#
loop_
_entity.id
_entity.type
_entity.pdbx_description
1 polymer Cyclomaltodextrinase
2 branched beta-D-glucopyranose-(1-4)-beta-D-glucopyranose-(1-4)-beta-D-glucopyranose-(1-4)-beta-D-glucopyranose-(1-4)-beta-D-glucopyranose-(1-4)-beta-D-glucopyranose
3 branched Cyclohexakis-(1-4)-(alpha-D-glucopyranose)
4 non-polymer 'CALCIUM ION'
5 non-polymer GLYCEROL
6 water water
#
_entity_poly.entity_id   1
_entity_poly.type   'polypeptide(L)'
_entity_poly.pdbx_seq_one_letter_code
;AAPTAIEHMEPPFWWAGMQHKGLQLMVHGRDIGRMEAALDYPGVRLVSPTRVPNANYLFVDLEIGPEAQPGSFDIVFKGD
GRSERYRYRLLAREQGSAQRQGFGPGDAIYQIMPDRFANGDPSNDNVAGMREQADRRHGGGRHGGDIRGTIDHLDYIAGL
GFTQLWPTPLVENDAAAYSYHGYAATDHYRIDPRYGSNEDFVRLSTEARKRGMGLIQDVVLSHIGKHHWWMKDLPTPDWI
NYGGKFVPTQHHRVAVQDPYAAQADSENFTKGWFVEGMPDLNQTNPLVANYLIQNNIWWIEYAGLSGLRIDTYGYSDGAF
LTEYTRRLMAEYPRLNMVGQEWSTRVPVVARWQRGKANFDGYTSHLPSLMDFPLVDAMRNALSKTGEENGLNEVYETLSL
DYLYPEPQNLVLFGGNHDMARMFSAAGEDFDRWRMNLVFLMTMPRIPQFYSGDEILMTSTVKGRDDASYRRDFPGGWAGD
KANAFSGAGLTSQQRAAQDLVRKLANWRKNQPVIHNGRLMHFGPEENTWVYFRYNKDKRIMVAMNNNDKPMTLPTARFQE
MLKGAPSGVDFLSGKTVGLGRELRLAPKSVVVIELPGLPEA
;
_entity_poly.pdbx_strand_id   A,B
#
loop_
_chem_comp.id
_chem_comp.type
_chem_comp.name
_chem_comp.formula
BGC D-saccharide, beta linking beta-D-glucopyranose 'C6 H12 O6'
CA non-polymer 'CALCIUM ION' 'Ca 2'
GLC D-saccharide, alpha linking alpha-D-glucopyranose 'C6 H12 O6'
GOL non-polymer GLYCEROL 'C3 H8 O3'
#
# COMPACT_ATOMS: atom_id res chain seq x y z
N PRO A 3 -20.23 45.62 25.03
CA PRO A 3 -18.79 45.88 24.79
C PRO A 3 -18.54 46.86 23.60
N THR A 4 -17.28 46.97 23.16
CA THR A 4 -16.90 47.81 21.98
C THR A 4 -17.82 47.59 20.78
N ALA A 5 -18.19 48.70 20.12
CA ALA A 5 -19.25 48.72 19.11
C ALA A 5 -19.13 47.56 18.14
N ILE A 6 -18.18 47.67 17.22
CA ILE A 6 -17.75 46.52 16.42
C ILE A 6 -16.43 46.04 17.01
N GLU A 7 -16.47 44.81 17.53
CA GLU A 7 -15.33 44.20 18.19
C GLU A 7 -14.44 43.44 17.19
N HIS A 8 -15.05 42.76 16.24
CA HIS A 8 -14.25 42.09 15.18
C HIS A 8 -14.93 42.32 13.83
N MET A 9 -14.11 42.59 12.81
CA MET A 9 -14.59 42.61 11.43
C MET A 9 -13.65 41.72 10.60
N GLU A 10 -14.19 40.64 10.03
CA GLU A 10 -13.36 39.62 9.42
C GLU A 10 -13.89 39.11 8.07
N PRO A 11 -13.05 39.18 7.01
CA PRO A 11 -11.72 39.77 6.97
C PRO A 11 -11.80 41.30 7.17
N PRO A 12 -10.73 41.88 7.71
CA PRO A 12 -10.74 43.32 8.06
C PRO A 12 -10.62 44.26 6.85
N PHE A 13 -10.15 43.72 5.73
CA PHE A 13 -10.08 44.45 4.46
C PHE A 13 -9.97 43.36 3.39
N TRP A 14 -10.16 43.75 2.12
CA TRP A 14 -10.06 42.76 1.02
C TRP A 14 -9.32 43.40 -0.15
N TRP A 15 -9.51 42.85 -1.36
CA TRP A 15 -8.82 43.33 -2.54
C TRP A 15 -9.79 43.44 -3.70
N ALA A 16 -9.53 44.44 -4.55
CA ALA A 16 -10.15 44.46 -5.87
C ALA A 16 -9.54 43.40 -6.77
N GLY A 17 -10.33 42.83 -7.68
CA GLY A 17 -9.76 41.96 -8.71
C GLY A 17 -9.41 40.53 -8.28
N MET A 18 -10.05 40.02 -7.24
CA MET A 18 -9.89 38.59 -6.91
C MET A 18 -10.64 37.72 -7.93
N GLN A 19 -10.34 36.42 -7.91
CA GLN A 19 -11.01 35.51 -8.82
C GLN A 19 -12.49 35.32 -8.44
N HIS A 20 -12.74 35.05 -7.16
CA HIS A 20 -14.06 34.83 -6.65
C HIS A 20 -14.62 36.21 -6.25
N LYS A 21 -15.78 36.53 -6.79
CA LYS A 21 -16.31 37.88 -6.57
C LYS A 21 -16.90 38.05 -5.17
N GLY A 22 -17.43 36.97 -4.61
CA GLY A 22 -18.16 37.04 -3.34
C GLY A 22 -17.23 37.29 -2.16
N LEU A 23 -17.72 38.06 -1.20
CA LEU A 23 -17.00 38.29 0.04
C LEU A 23 -18.03 38.30 1.17
N GLN A 24 -17.81 37.45 2.18
CA GLN A 24 -18.72 37.38 3.32
C GLN A 24 -18.02 37.93 4.54
N LEU A 25 -18.54 39.03 5.08
CA LEU A 25 -17.94 39.65 6.26
C LEU A 25 -18.61 39.07 7.48
N MET A 26 -17.79 38.70 8.46
CA MET A 26 -18.31 38.23 9.72
C MET A 26 -18.07 39.38 10.67
N VAL A 27 -19.17 39.97 11.15
CA VAL A 27 -19.08 41.15 12.02
C VAL A 27 -19.51 40.75 13.44
N HIS A 28 -18.76 41.19 14.44
CA HIS A 28 -19.03 40.81 15.82
C HIS A 28 -19.02 42.08 16.66
N GLY A 29 -20.09 42.21 17.46
CA GLY A 29 -20.25 43.28 18.44
C GLY A 29 -21.62 43.16 19.10
N ARG A 30 -21.77 43.79 20.25
CA ARG A 30 -23.03 43.69 21.01
C ARG A 30 -24.23 44.17 20.19
N ASP A 31 -25.20 43.28 20.01
CA ASP A 31 -26.42 43.51 19.21
C ASP A 31 -26.18 43.93 17.76
N ILE A 32 -25.00 43.63 17.20
CA ILE A 32 -24.73 43.97 15.79
C ILE A 32 -25.73 43.26 14.91
N GLY A 33 -26.16 42.07 15.32
CA GLY A 33 -27.15 41.27 14.60
C GLY A 33 -28.52 41.93 14.55
N ARG A 34 -28.80 42.82 15.50
CA ARG A 34 -30.06 43.57 15.54
C ARG A 34 -30.07 44.68 14.47
N MET A 35 -28.96 44.84 13.77
CA MET A 35 -28.79 45.97 12.86
C MET A 35 -28.92 45.61 11.38
N GLU A 36 -28.94 46.65 10.56
CA GLU A 36 -29.06 46.52 9.11
C GLU A 36 -27.90 47.25 8.46
N ALA A 37 -27.16 46.54 7.59
CA ALA A 37 -26.01 47.13 6.92
C ALA A 37 -26.41 47.87 5.64
N ALA A 38 -25.60 48.87 5.29
CA ALA A 38 -25.77 49.65 4.06
C ALA A 38 -24.43 50.16 3.59
N LEU A 39 -24.27 50.28 2.27
CA LEU A 39 -23.02 50.81 1.69
C LEU A 39 -23.27 51.39 0.29
N ASP A 40 -22.32 52.18 -0.21
CA ASP A 40 -22.40 52.78 -1.55
C ASP A 40 -21.02 52.88 -2.16
N TYR A 41 -20.69 51.95 -3.08
CA TYR A 41 -19.38 51.95 -3.71
C TYR A 41 -19.52 51.27 -5.05
N PRO A 42 -19.12 51.95 -6.15
CA PRO A 42 -19.34 51.37 -7.48
C PRO A 42 -18.70 49.97 -7.59
N GLY A 43 -19.45 49.04 -8.13
CA GLY A 43 -18.92 47.70 -8.35
C GLY A 43 -19.10 46.77 -7.17
N VAL A 44 -19.51 47.31 -6.02
CA VAL A 44 -19.80 46.44 -4.85
C VAL A 44 -21.30 46.40 -4.62
N ARG A 45 -21.84 45.19 -4.59
CA ARG A 45 -23.26 44.93 -4.27
C ARG A 45 -23.47 44.26 -2.91
N LEU A 46 -24.34 44.85 -2.09
CA LEU A 46 -24.75 44.27 -0.81
C LEU A 46 -25.94 43.33 -1.06
N VAL A 47 -25.77 42.04 -0.75
CA VAL A 47 -26.72 41.00 -1.17
C VAL A 47 -28.10 41.07 -0.50
N SER A 48 -28.12 41.16 0.83
CA SER A 48 -29.37 41.28 1.61
C SER A 48 -29.38 40.21 2.67
N PRO A 49 -29.60 40.62 3.93
CA PRO A 49 -29.19 39.85 5.10
C PRO A 49 -29.81 38.47 5.19
N THR A 50 -28.98 37.50 5.56
CA THR A 50 -29.46 36.22 6.05
C THR A 50 -29.06 36.18 7.52
N ARG A 51 -30.06 36.25 8.40
CA ARG A 51 -29.79 36.45 9.82
C ARG A 51 -29.45 35.16 10.57
N VAL A 52 -28.71 35.31 11.66
CA VAL A 52 -28.47 34.24 12.63
C VAL A 52 -29.11 34.61 13.97
N PRO A 53 -29.58 33.60 14.76
CA PRO A 53 -30.21 33.90 16.06
C PRO A 53 -29.36 34.71 17.05
N ASN A 54 -28.04 34.57 17.01
CA ASN A 54 -27.16 35.31 17.93
C ASN A 54 -27.10 36.79 17.58
N ALA A 55 -27.69 37.61 18.46
CA ALA A 55 -27.72 39.05 18.27
C ALA A 55 -26.34 39.72 18.24
N ASN A 56 -25.29 38.98 18.60
CA ASN A 56 -23.93 39.56 18.64
C ASN A 56 -23.06 39.37 17.38
N TYR A 57 -23.66 38.80 16.35
CA TYR A 57 -22.94 38.54 15.10
C TYR A 57 -23.83 38.89 13.91
N LEU A 58 -23.21 39.45 12.89
CA LEU A 58 -23.91 39.75 11.64
C LEU A 58 -23.01 39.28 10.50
N PHE A 59 -23.59 38.52 9.57
CA PHE A 59 -22.87 38.12 8.35
C PHE A 59 -23.35 39.00 7.21
N VAL A 60 -22.43 39.72 6.59
CA VAL A 60 -22.74 40.66 5.51
C VAL A 60 -22.21 40.08 4.19
N ASP A 61 -23.10 39.82 3.24
CA ASP A 61 -22.73 39.23 1.95
C ASP A 61 -22.55 40.27 0.85
N LEU A 62 -21.33 40.35 0.32
CA LEU A 62 -20.96 41.34 -0.71
C LEU A 62 -20.62 40.59 -1.98
N GLU A 63 -20.91 41.23 -3.12
CA GLU A 63 -20.41 40.73 -4.39
C GLU A 63 -19.56 41.85 -4.96
N ILE A 64 -18.27 41.59 -5.09
CA ILE A 64 -17.36 42.61 -5.55
C ILE A 64 -17.14 42.32 -7.02
N GLY A 65 -17.78 43.13 -7.88
CA GLY A 65 -17.72 42.93 -9.34
C GLY A 65 -16.36 43.24 -9.91
N PRO A 66 -16.09 42.74 -11.13
CA PRO A 66 -14.80 42.99 -11.76
C PRO A 66 -14.59 44.49 -12.00
N GLU A 67 -15.66 45.26 -11.95
CA GLU A 67 -15.55 46.70 -12.18
C GLU A 67 -15.21 47.50 -10.93
N ALA A 68 -15.27 46.86 -9.75
CA ALA A 68 -14.86 47.51 -8.50
C ALA A 68 -13.38 47.85 -8.51
N GLN A 69 -13.08 49.09 -8.10
CA GLN A 69 -11.73 49.61 -8.09
C GLN A 69 -11.12 49.64 -6.68
N PRO A 70 -9.78 49.63 -6.56
CA PRO A 70 -9.26 49.87 -5.22
C PRO A 70 -9.79 51.18 -4.60
N GLY A 71 -10.01 51.13 -3.29
CA GLY A 71 -10.44 52.32 -2.56
C GLY A 71 -11.05 51.91 -1.26
N SER A 72 -11.85 52.79 -0.66
CA SER A 72 -12.45 52.47 0.62
C SER A 72 -13.84 53.04 0.68
N PHE A 73 -14.65 52.46 1.55
CA PHE A 73 -16.04 52.83 1.65
C PHE A 73 -16.59 52.47 3.02
N ASP A 74 -17.55 53.27 3.50
CA ASP A 74 -18.17 52.96 4.76
C ASP A 74 -19.23 51.90 4.65
N ILE A 75 -19.21 50.98 5.60
CA ILE A 75 -20.34 50.10 5.80
C ILE A 75 -21.04 50.61 7.06
N VAL A 76 -22.33 50.93 6.92
CA VAL A 76 -23.12 51.51 8.01
C VAL A 76 -24.19 50.55 8.51
N PHE A 77 -24.25 50.40 9.83
CA PHE A 77 -25.15 49.46 10.46
C PHE A 77 -26.15 50.27 11.30
N LYS A 78 -27.43 50.04 11.07
CA LYS A 78 -28.49 50.80 11.73
C LYS A 78 -29.58 49.94 12.34
N GLY A 79 -30.09 50.40 13.48
CA GLY A 79 -31.20 49.75 14.17
C GLY A 79 -31.25 50.22 15.61
N ASP A 80 -32.38 49.98 16.27
CA ASP A 80 -32.59 50.36 17.68
C ASP A 80 -32.18 51.82 17.97
N GLY A 81 -32.51 52.71 17.05
CA GLY A 81 -32.22 54.14 17.20
C GLY A 81 -30.74 54.49 17.16
N ARG A 82 -29.89 53.48 17.02
CA ARG A 82 -28.44 53.70 16.92
C ARG A 82 -27.86 53.30 15.57
N SER A 83 -26.60 53.68 15.34
CA SER A 83 -25.91 53.37 14.11
C SER A 83 -24.40 53.23 14.30
N GLU A 84 -23.84 52.20 13.66
CA GLU A 84 -22.40 51.95 13.71
C GLU A 84 -21.83 52.01 12.28
N ARG A 85 -20.53 52.30 12.16
CA ARG A 85 -19.86 52.29 10.85
C ARG A 85 -18.47 51.63 10.89
N TYR A 86 -18.06 51.07 9.74
CA TYR A 86 -16.72 50.53 9.56
C TYR A 86 -16.22 50.99 8.18
N ARG A 87 -15.02 51.57 8.13
CA ARG A 87 -14.38 51.95 6.87
C ARG A 87 -13.73 50.72 6.23
N TYR A 88 -14.36 50.21 5.17
CA TYR A 88 -13.86 49.01 4.49
C TYR A 88 -12.94 49.34 3.29
N ARG A 89 -11.75 48.73 3.26
CA ARG A 89 -10.77 49.03 2.22
C ARG A 89 -10.65 47.85 1.24
N LEU A 90 -10.71 48.16 -0.05
CA LEU A 90 -10.31 47.18 -1.10
C LEU A 90 -8.95 47.62 -1.61
N LEU A 91 -7.93 46.82 -1.32
CA LEU A 91 -6.57 47.13 -1.75
C LEU A 91 -6.37 46.76 -3.22
N ALA A 92 -5.38 47.42 -3.83
CA ALA A 92 -4.91 47.04 -5.16
C ALA A 92 -3.97 45.85 -4.94
N ARG A 93 -4.08 44.84 -5.80
CA ARG A 93 -3.18 43.69 -5.75
C ARG A 93 -1.80 44.01 -6.31
N GLU A 94 -0.76 43.46 -5.68
CA GLU A 94 0.59 43.55 -6.22
C GLU A 94 0.63 42.96 -7.63
N GLN A 95 1.52 43.50 -8.47
CA GLN A 95 1.69 42.98 -9.82
C GLN A 95 2.16 41.53 -9.76
N GLY A 96 1.48 40.68 -10.50
CA GLY A 96 1.83 39.25 -10.57
C GLY A 96 1.28 38.44 -9.41
N SER A 97 0.41 39.04 -8.60
CA SER A 97 -0.10 38.34 -7.39
C SER A 97 -0.74 36.98 -7.71
N ALA A 98 -1.71 36.98 -8.63
CA ALA A 98 -2.47 35.73 -8.90
C ALA A 98 -1.59 34.65 -9.50
N GLN A 99 -0.59 35.08 -10.27
CA GLN A 99 0.33 34.17 -10.95
C GLN A 99 1.55 33.72 -10.13
N ARG A 100 1.58 34.11 -8.85
CA ARG A 100 2.72 33.80 -8.01
C ARG A 100 3.12 32.32 -8.13
N GLN A 101 4.41 32.08 -8.23
CA GLN A 101 4.91 30.72 -8.32
C GLN A 101 5.06 30.09 -6.93
N GLY A 102 4.30 29.02 -6.71
CA GLY A 102 4.43 28.22 -5.47
C GLY A 102 5.76 27.47 -5.39
N PHE A 103 6.12 27.02 -4.19
CA PHE A 103 7.27 26.15 -4.06
C PHE A 103 7.10 24.90 -4.92
N GLY A 104 8.23 24.39 -5.38
CA GLY A 104 8.24 23.26 -6.28
C GLY A 104 9.51 22.44 -6.22
N PRO A 105 9.64 21.51 -7.17
CA PRO A 105 10.79 20.60 -7.19
C PRO A 105 12.18 21.27 -7.14
N GLY A 106 12.32 22.49 -7.65
CA GLY A 106 13.63 23.18 -7.56
C GLY A 106 13.93 23.81 -6.21
N ASP A 107 12.92 23.83 -5.33
CA ASP A 107 13.09 24.44 -3.99
C ASP A 107 13.57 23.43 -2.93
N ALA A 108 14.06 23.97 -1.81
CA ALA A 108 14.30 23.17 -0.61
C ALA A 108 13.78 23.99 0.52
N ILE A 109 12.98 23.32 1.36
CA ILE A 109 12.27 23.98 2.44
C ILE A 109 12.99 23.78 3.80
N TYR A 110 13.15 24.88 4.52
CA TYR A 110 13.74 24.86 5.90
C TYR A 110 12.57 25.11 6.84
N GLN A 111 12.33 24.13 7.74
CA GLN A 111 11.24 24.25 8.70
C GLN A 111 11.75 24.69 10.07
N ILE A 112 11.08 25.65 10.68
CA ILE A 112 11.37 26.05 12.10
C ILE A 112 10.07 26.00 12.92
N MET A 113 10.23 25.92 14.24
CA MET A 113 9.15 26.35 15.16
C MET A 113 9.60 27.73 15.68
N PRO A 114 8.83 28.79 15.37
CA PRO A 114 9.22 30.19 15.66
C PRO A 114 9.59 30.40 17.15
N ASP A 115 8.89 29.76 18.07
CA ASP A 115 9.27 29.93 19.51
C ASP A 115 10.64 29.32 19.86
N ARG A 116 11.11 28.35 19.06
CA ARG A 116 12.30 27.54 19.40
C ARG A 116 13.54 27.84 18.55
N PHE A 117 13.40 28.80 17.63
CA PHE A 117 14.48 29.10 16.69
C PHE A 117 15.40 30.24 17.17
N ALA A 118 14.91 31.49 17.21
CA ALA A 118 15.77 32.61 17.63
C ALA A 118 14.98 33.68 18.35
N ASN A 119 15.44 34.05 19.54
CA ASN A 119 14.81 35.06 20.37
C ASN A 119 15.47 36.41 20.11
N GLY A 120 14.98 37.11 19.09
CA GLY A 120 15.55 38.38 18.69
C GLY A 120 15.16 39.54 19.59
N ASP A 121 14.10 39.34 20.37
CA ASP A 121 13.61 40.40 21.25
C ASP A 121 13.10 39.76 22.53
N PRO A 122 13.95 39.68 23.57
CA PRO A 122 13.46 39.08 24.82
C PRO A 122 12.30 39.83 25.45
N SER A 123 12.07 41.07 25.04
CA SER A 123 11.02 41.89 25.66
C SER A 123 9.60 41.46 25.28
N ASN A 124 9.45 40.69 24.21
CA ASN A 124 8.10 40.19 23.88
C ASN A 124 7.88 38.76 24.34
N ASP A 125 8.82 38.22 25.12
CA ASP A 125 8.71 36.84 25.59
C ASP A 125 7.40 36.65 26.35
N ASN A 126 7.07 37.69 27.12
CA ASN A 126 5.77 37.86 27.76
C ASN A 126 5.10 39.11 27.25
N VAL A 127 3.78 39.05 27.10
CA VAL A 127 2.97 40.19 26.69
C VAL A 127 1.86 40.40 27.70
N ALA A 128 1.75 41.64 28.21
CA ALA A 128 0.75 41.92 29.25
C ALA A 128 -0.65 41.49 28.86
N GLY A 129 -1.30 40.75 29.74
CA GLY A 129 -2.68 40.32 29.48
C GLY A 129 -2.80 38.89 29.01
N MET A 130 -1.72 38.35 28.42
CA MET A 130 -1.73 36.96 27.93
C MET A 130 -1.65 35.93 29.05
N ARG A 131 -2.07 34.71 28.75
CA ARG A 131 -2.32 33.67 29.77
C ARG A 131 -1.15 32.83 30.21
N GLU A 132 -0.10 32.78 29.40
CA GLU A 132 1.07 31.97 29.72
C GLU A 132 2.30 32.86 29.85
N GLN A 133 3.09 32.57 30.89
CA GLN A 133 4.38 33.20 31.08
C GLN A 133 5.48 32.33 30.48
N ALA A 134 6.48 32.95 29.88
CA ALA A 134 7.58 32.20 29.27
C ALA A 134 8.36 31.40 30.30
N ASP A 135 8.88 30.25 29.90
CA ASP A 135 9.74 29.45 30.78
C ASP A 135 10.61 28.62 29.88
N ARG A 136 11.85 29.06 29.71
CA ARG A 136 12.79 28.39 28.80
C ARG A 136 13.20 26.99 29.28
N ARG A 137 13.03 26.73 30.57
CA ARG A 137 13.33 25.45 31.22
C ARG A 137 12.17 24.44 31.31
N HIS A 138 11.03 24.80 30.73
CA HIS A 138 9.92 23.91 30.62
C HIS A 138 9.93 23.40 29.18
N GLY A 139 9.99 22.08 29.02
CA GLY A 139 9.97 21.46 27.69
C GLY A 139 8.74 21.76 26.87
N GLY A 140 7.61 21.98 27.53
CA GLY A 140 6.36 22.39 26.88
C GLY A 140 6.02 23.88 27.01
N GLY A 141 6.99 24.69 27.43
CA GLY A 141 6.76 26.11 27.74
C GLY A 141 7.09 27.00 26.55
N ARG A 142 6.81 28.30 26.69
CA ARG A 142 7.31 29.28 25.71
C ARG A 142 8.77 29.65 26.01
N HIS A 143 9.64 29.53 25.01
CA HIS A 143 11.06 29.86 25.19
C HIS A 143 11.45 31.27 24.74
N GLY A 144 10.62 31.85 23.88
CA GLY A 144 10.75 33.26 23.50
C GLY A 144 11.19 33.53 22.07
N GLY A 145 11.23 32.49 21.22
CA GLY A 145 11.64 32.72 19.82
C GLY A 145 10.61 33.67 19.17
N ASP A 146 11.04 34.47 18.20
CA ASP A 146 10.12 35.43 17.61
C ASP A 146 10.48 35.77 16.16
N ILE A 147 9.65 36.63 15.56
CA ILE A 147 9.87 37.04 14.14
C ILE A 147 11.21 37.80 13.99
N ARG A 148 11.52 38.71 14.92
CA ARG A 148 12.80 39.41 14.89
C ARG A 148 13.99 38.45 14.78
N GLY A 149 13.99 37.40 15.62
CA GLY A 149 15.08 36.41 15.62
C GLY A 149 15.15 35.66 14.29
N THR A 150 13.99 35.31 13.73
CA THR A 150 13.96 34.63 12.44
C THR A 150 14.50 35.54 11.34
N ILE A 151 14.02 36.78 11.30
CA ILE A 151 14.55 37.73 10.33
C ILE A 151 16.08 37.90 10.44
N ASP A 152 16.58 38.03 11.68
CA ASP A 152 18.00 38.18 11.97
C ASP A 152 18.85 37.08 11.28
N HIS A 153 18.24 35.89 11.07
CA HIS A 153 19.00 34.73 10.61
C HIS A 153 18.58 34.20 9.24
N LEU A 154 17.88 35.05 8.48
CA LEU A 154 17.53 34.69 7.10
C LEU A 154 18.79 34.48 6.25
N ASP A 155 19.84 35.28 6.44
CA ASP A 155 21.07 35.03 5.67
C ASP A 155 21.66 33.64 5.92
N TYR A 156 21.57 33.17 7.17
CA TYR A 156 22.01 31.81 7.52
C TYR A 156 21.23 30.74 6.73
N ILE A 157 19.90 30.89 6.74
CA ILE A 157 19.02 29.90 6.10
C ILE A 157 19.27 29.88 4.58
N ALA A 158 19.36 31.06 3.99
CA ALA A 158 19.63 31.16 2.54
C ALA A 158 21.02 30.61 2.25
N GLY A 159 21.99 30.91 3.12
CA GLY A 159 23.36 30.45 2.88
C GLY A 159 23.52 28.93 2.96
N LEU A 160 22.63 28.28 3.71
CA LEU A 160 22.63 26.82 3.77
C LEU A 160 22.13 26.19 2.47
N GLY A 161 21.49 26.99 1.61
CA GLY A 161 20.98 26.48 0.32
C GLY A 161 19.46 26.30 0.27
N PHE A 162 18.77 26.76 1.32
CA PHE A 162 17.31 26.67 1.33
C PHE A 162 16.64 27.87 0.62
N THR A 163 15.49 27.60 0.02
CA THR A 163 14.80 28.59 -0.82
C THR A 163 13.37 28.87 -0.37
N GLN A 164 12.96 28.20 0.72
CA GLN A 164 11.64 28.40 1.31
C GLN A 164 11.77 28.26 2.81
N LEU A 165 10.96 29.03 3.53
CA LEU A 165 10.91 28.93 5.00
C LEU A 165 9.50 28.52 5.40
N TRP A 166 9.38 27.43 6.17
CA TRP A 166 8.08 26.98 6.71
C TRP A 166 8.16 27.07 8.25
N PRO A 167 7.56 28.12 8.85
CA PRO A 167 7.44 28.12 10.33
C PRO A 167 6.12 27.47 10.73
N THR A 168 6.12 26.69 11.82
CA THR A 168 4.87 26.24 12.37
C THR A 168 4.05 27.49 12.84
N PRO A 169 2.72 27.32 13.12
CA PRO A 169 1.87 28.54 13.08
C PRO A 169 2.29 29.66 14.02
N LEU A 170 2.19 30.89 13.51
CA LEU A 170 2.44 32.08 14.32
C LEU A 170 1.18 32.80 14.80
N VAL A 171 -0.01 32.36 14.36
CA VAL A 171 -1.28 33.00 14.78
C VAL A 171 -1.47 32.85 16.29
N GLU A 172 -2.20 33.80 16.89
CA GLU A 172 -2.34 33.88 18.33
C GLU A 172 -2.74 32.52 18.89
N ASN A 173 -2.01 32.08 19.92
CA ASN A 173 -2.41 30.93 20.72
C ASN A 173 -2.43 31.37 22.18
N ASP A 174 -3.51 32.00 22.63
CA ASP A 174 -3.48 32.57 23.99
C ASP A 174 -4.01 31.54 24.99
N ALA A 175 -3.26 30.45 25.14
CA ALA A 175 -3.59 29.38 26.07
C ALA A 175 -2.78 29.57 27.36
N ALA A 176 -3.27 28.97 28.47
CA ALA A 176 -2.50 29.01 29.71
C ALA A 176 -1.33 28.01 29.74
N ALA A 177 -1.42 26.98 28.90
CA ALA A 177 -0.43 25.92 28.85
C ALA A 177 -0.28 25.50 27.38
N TYR A 178 0.96 25.15 27.01
CA TYR A 178 1.28 24.60 25.67
C TYR A 178 0.88 25.56 24.56
N SER A 179 0.94 26.86 24.84
CA SER A 179 0.69 27.86 23.76
C SER A 179 1.80 27.86 22.69
N TYR A 180 3.01 27.37 23.03
CA TYR A 180 4.19 27.63 22.18
C TYR A 180 4.07 27.04 20.76
N HIS A 181 3.32 25.95 20.62
CA HIS A 181 3.42 25.16 19.39
C HIS A 181 2.57 25.76 18.26
N GLY A 182 1.54 26.56 18.60
CA GLY A 182 0.83 27.34 17.55
C GLY A 182 -0.42 26.64 16.99
N TYR A 183 -0.62 25.35 17.33
CA TYR A 183 -1.67 24.55 16.65
C TYR A 183 -3.11 24.70 17.20
N ALA A 184 -3.29 25.64 18.12
CA ALA A 184 -4.61 25.84 18.76
C ALA A 184 -4.91 27.37 18.69
N ALA A 185 -5.27 27.84 17.49
CA ALA A 185 -5.48 29.29 17.27
C ALA A 185 -6.59 29.87 18.14
N THR A 186 -6.32 31.05 18.68
CA THR A 186 -7.31 31.82 19.43
C THR A 186 -7.70 33.11 18.70
N ASP A 187 -7.03 33.39 17.57
CA ASP A 187 -7.35 34.52 16.71
C ASP A 187 -6.67 34.29 15.36
N HIS A 188 -7.47 33.87 14.37
CA HIS A 188 -6.91 33.55 13.06
C HIS A 188 -6.43 34.78 12.30
N TYR A 189 -6.82 35.98 12.74
CA TYR A 189 -6.40 37.20 12.03
C TYR A 189 -5.28 37.99 12.67
N ARG A 190 -4.60 37.38 13.66
CA ARG A 190 -3.57 38.09 14.40
C ARG A 190 -2.38 37.19 14.71
N ILE A 191 -1.19 37.69 14.37
CA ILE A 191 0.05 37.05 14.86
C ILE A 191 0.05 37.08 16.41
N ASP A 192 0.44 35.98 17.06
CA ASP A 192 0.65 36.01 18.52
C ASP A 192 1.61 37.15 18.86
N PRO A 193 1.18 38.11 19.71
CA PRO A 193 2.06 39.25 19.99
C PRO A 193 3.44 38.88 20.55
N ARG A 194 3.56 37.66 21.04
CA ARG A 194 4.84 37.22 21.53
C ARG A 194 5.81 36.99 20.37
N TYR A 195 5.27 36.82 19.15
CA TYR A 195 6.14 36.65 17.97
C TYR A 195 6.39 38.01 17.33
N GLY A 196 5.38 38.88 17.42
CA GLY A 196 5.45 40.24 16.86
C GLY A 196 4.09 40.64 16.32
N SER A 197 4.10 41.56 15.38
CA SER A 197 2.86 42.10 14.81
C SER A 197 2.56 41.45 13.45
N ASN A 198 1.33 41.67 12.98
CA ASN A 198 0.96 41.28 11.61
C ASN A 198 1.96 41.88 10.62
N GLU A 199 2.28 43.18 10.80
CA GLU A 199 3.25 43.87 9.96
C GLU A 199 4.65 43.21 9.97
N ASP A 200 5.09 42.74 11.14
CA ASP A 200 6.36 42.04 11.27
C ASP A 200 6.34 40.78 10.41
N PHE A 201 5.21 40.08 10.40
CA PHE A 201 5.10 38.86 9.57
C PHE A 201 5.20 39.21 8.06
N VAL A 202 4.49 40.26 7.65
CA VAL A 202 4.66 40.72 6.26
C VAL A 202 6.12 41.05 5.98
N ARG A 203 6.80 41.71 6.93
CA ARG A 203 8.22 42.03 6.77
C ARG A 203 9.11 40.78 6.66
N LEU A 204 8.78 39.75 7.44
CA LEU A 204 9.45 38.46 7.33
C LEU A 204 9.38 37.97 5.88
N SER A 205 8.18 38.04 5.30
CA SER A 205 8.00 37.61 3.90
C SER A 205 8.86 38.44 2.96
N THR A 206 8.77 39.76 3.10
CA THR A 206 9.52 40.65 2.17
C THR A 206 11.04 40.46 2.33
N GLU A 207 11.53 40.32 3.58
CA GLU A 207 12.96 40.11 3.82
C GLU A 207 13.42 38.76 3.29
N ALA A 208 12.59 37.73 3.45
CA ALA A 208 12.93 36.41 2.91
C ALA A 208 13.03 36.50 1.38
N ARG A 209 12.10 37.25 0.78
CA ARG A 209 12.03 37.36 -0.70
C ARG A 209 13.30 38.01 -1.27
N LYS A 210 13.80 39.02 -0.53
CA LYS A 210 15.06 39.72 -0.86
C LYS A 210 16.27 38.76 -0.93
N ARG A 211 16.16 37.69 -0.16
CA ARG A 211 17.20 36.68 -0.02
C ARG A 211 16.90 35.42 -0.81
N GLY A 212 15.94 35.53 -1.73
CA GLY A 212 15.62 34.45 -2.67
C GLY A 212 14.75 33.35 -2.07
N MET A 213 14.07 33.65 -0.95
CA MET A 213 13.30 32.63 -0.23
C MET A 213 11.79 32.94 -0.19
N GLY A 214 10.97 31.92 -0.40
CA GLY A 214 9.51 32.06 -0.23
C GLY A 214 9.14 31.75 1.22
N LEU A 215 7.93 32.14 1.57
CA LEU A 215 7.40 31.91 2.94
C LEU A 215 6.16 31.06 2.84
N ILE A 216 6.18 29.92 3.53
CA ILE A 216 5.08 28.93 3.52
C ILE A 216 4.39 28.98 4.88
N GLN A 217 3.10 29.32 4.92
CA GLN A 217 2.38 29.41 6.22
C GLN A 217 1.74 28.09 6.59
N ASP A 218 1.74 27.79 7.90
CA ASP A 218 1.22 26.52 8.42
C ASP A 218 -0.19 26.83 8.90
N VAL A 219 -1.20 26.26 8.21
CA VAL A 219 -2.60 26.59 8.52
C VAL A 219 -3.29 25.36 9.12
N VAL A 220 -4.03 25.63 10.19
CA VAL A 220 -4.91 24.61 10.75
C VAL A 220 -6.34 24.96 10.33
N LEU A 221 -7.06 23.99 9.82
CA LEU A 221 -8.42 24.20 9.34
C LEU A 221 -9.46 23.50 10.23
N SER A 222 -9.08 22.33 10.76
CA SER A 222 -10.02 21.49 11.50
C SER A 222 -10.43 22.01 12.89
N HIS A 223 -9.49 22.66 13.56
CA HIS A 223 -9.69 23.03 14.96
C HIS A 223 -9.10 24.36 15.36
N ILE A 224 -9.51 24.80 16.55
CA ILE A 224 -9.02 26.04 17.17
C ILE A 224 -8.62 25.71 18.61
N GLY A 225 -8.11 26.69 19.36
CA GLY A 225 -7.89 26.50 20.82
C GLY A 225 -9.16 26.82 21.61
N LYS A 226 -9.27 26.22 22.78
CA LYS A 226 -10.48 26.45 23.59
C LYS A 226 -10.59 27.91 24.09
N HIS A 227 -9.49 28.66 24.07
CA HIS A 227 -9.51 30.06 24.49
C HIS A 227 -9.82 31.03 23.36
N HIS A 228 -10.17 30.49 22.20
CA HIS A 228 -10.62 31.35 21.12
C HIS A 228 -11.83 32.17 21.58
N TRP A 229 -11.83 33.46 21.23
CA TRP A 229 -12.95 34.34 21.66
C TRP A 229 -14.35 33.87 21.24
N TRP A 230 -14.44 33.11 20.13
CA TRP A 230 -15.69 32.47 19.74
C TRP A 230 -16.33 31.65 20.86
N MET A 231 -15.51 30.99 21.68
CA MET A 231 -16.02 29.96 22.61
C MET A 231 -16.82 30.62 23.75
N LYS A 232 -16.62 31.93 23.91
CA LYS A 232 -17.30 32.76 24.91
C LYS A 232 -18.74 33.05 24.49
N ASP A 233 -19.03 32.96 23.19
CA ASP A 233 -20.34 33.33 22.66
C ASP A 233 -20.42 32.75 21.26
N LEU A 234 -20.84 31.50 21.18
CA LEU A 234 -20.77 30.76 19.92
C LEU A 234 -21.56 31.51 18.84
N PRO A 235 -20.90 31.78 17.70
CA PRO A 235 -21.56 32.50 16.59
C PRO A 235 -22.88 31.84 16.16
N THR A 236 -22.89 30.51 16.10
CA THR A 236 -24.11 29.76 15.88
C THR A 236 -24.02 28.53 16.76
N PRO A 237 -25.18 27.87 17.03
CA PRO A 237 -25.10 26.72 17.92
C PRO A 237 -24.34 25.55 17.31
N ASP A 238 -24.19 25.56 15.98
CA ASP A 238 -23.48 24.47 15.31
C ASP A 238 -22.11 24.88 14.77
N TRP A 239 -21.60 26.02 15.21
CA TRP A 239 -20.29 26.51 14.76
C TRP A 239 -19.20 25.47 15.07
N ILE A 240 -19.30 24.90 16.28
CA ILE A 240 -18.33 23.93 16.76
C ILE A 240 -19.04 22.59 16.77
N ASN A 241 -18.37 21.53 16.29
CA ASN A 241 -18.95 20.20 16.28
C ASN A 241 -19.36 19.69 17.67
N TYR A 242 -20.41 18.87 17.69
CA TYR A 242 -21.00 18.33 18.92
C TYR A 242 -21.51 19.42 19.84
N GLY A 243 -22.03 20.50 19.24
CA GLY A 243 -22.59 21.62 20.00
C GLY A 243 -21.64 22.35 20.94
N GLY A 244 -20.35 22.34 20.61
CA GLY A 244 -19.38 23.06 21.41
C GLY A 244 -18.89 22.26 22.58
N LYS A 245 -19.26 20.98 22.63
CA LYS A 245 -18.84 20.10 23.73
C LYS A 245 -17.77 19.09 23.29
N PHE A 246 -16.81 18.80 24.17
CA PHE A 246 -15.72 17.86 23.88
C PHE A 246 -16.22 16.43 23.62
N VAL A 247 -16.06 15.96 22.39
CA VAL A 247 -16.28 14.54 22.06
C VAL A 247 -15.04 14.13 21.26
N PRO A 248 -14.19 13.24 21.81
CA PRO A 248 -12.88 13.00 21.17
C PRO A 248 -12.96 12.21 19.86
N THR A 249 -12.05 12.57 18.93
CA THR A 249 -11.83 11.69 17.79
C THR A 249 -11.02 10.48 18.25
N GLN A 250 -11.30 9.35 17.61
CA GLN A 250 -10.51 8.13 17.77
C GLN A 250 -9.57 7.89 16.58
N HIS A 251 -9.50 8.87 15.66
CA HIS A 251 -8.43 8.92 14.66
C HIS A 251 -8.51 7.80 13.60
N HIS A 252 -9.73 7.38 13.22
CA HIS A 252 -9.84 6.35 12.17
C HIS A 252 -9.75 6.99 10.80
N ARG A 253 -8.51 7.32 10.42
CA ARG A 253 -8.33 8.20 9.23
C ARG A 253 -8.80 7.53 7.95
N VAL A 254 -8.72 6.19 7.86
CA VAL A 254 -9.14 5.54 6.59
C VAL A 254 -10.67 5.56 6.40
N ALA A 255 -11.40 5.88 7.48
CA ALA A 255 -12.87 5.85 7.44
C ALA A 255 -13.48 6.81 6.39
N VAL A 256 -12.76 7.90 6.08
CA VAL A 256 -13.24 8.83 5.03
C VAL A 256 -12.98 8.34 3.61
N GLN A 257 -12.24 7.26 3.46
CA GLN A 257 -11.85 6.74 2.14
C GLN A 257 -11.78 5.20 2.10
N ASP A 258 -12.85 4.57 2.61
CA ASP A 258 -12.91 3.13 2.80
C ASP A 258 -14.27 2.66 2.32
N PRO A 259 -14.32 1.68 1.38
CA PRO A 259 -15.61 1.16 0.87
C PRO A 259 -16.47 0.54 1.99
N TYR A 260 -15.84 0.04 3.05
CA TYR A 260 -16.57 -0.62 4.15
C TYR A 260 -16.85 0.29 5.36
N ALA A 261 -16.60 1.56 5.22
CA ALA A 261 -16.69 2.50 6.34
C ALA A 261 -18.07 2.58 6.96
N ALA A 262 -18.08 2.79 8.26
CA ALA A 262 -19.26 3.21 9.03
C ALA A 262 -19.30 4.74 9.04
N GLN A 263 -20.50 5.32 8.88
CA GLN A 263 -20.65 6.75 9.05
C GLN A 263 -20.21 7.22 10.43
N ALA A 264 -20.43 6.40 11.46
CA ALA A 264 -19.96 6.75 12.81
C ALA A 264 -18.47 7.09 12.79
N ASP A 265 -17.69 6.27 12.06
CA ASP A 265 -16.22 6.43 12.08
C ASP A 265 -15.78 7.61 11.24
N SER A 266 -16.39 7.77 10.06
CA SER A 266 -16.06 8.95 9.26
C SER A 266 -16.40 10.27 9.95
N GLU A 267 -17.61 10.33 10.53
CA GLU A 267 -18.01 11.51 11.29
C GLU A 267 -17.10 11.73 12.48
N ASN A 268 -16.71 10.64 13.14
CA ASN A 268 -15.81 10.78 14.26
C ASN A 268 -14.46 11.32 13.83
N PHE A 269 -14.03 10.97 12.63
CA PHE A 269 -12.74 11.48 12.18
C PHE A 269 -12.78 12.97 11.85
N THR A 270 -13.84 13.42 11.16
CA THR A 270 -13.88 14.80 10.69
C THR A 270 -14.51 15.79 11.68
N LYS A 271 -15.28 15.27 12.64
CA LYS A 271 -15.97 16.10 13.65
C LYS A 271 -15.46 15.91 15.07
N GLY A 272 -14.89 14.73 15.35
CA GLY A 272 -14.27 14.46 16.66
C GLY A 272 -13.20 15.49 17.03
N TRP A 273 -13.18 15.90 18.28
CA TRP A 273 -12.16 16.81 18.75
C TRP A 273 -10.80 16.16 18.89
N PHE A 274 -9.77 16.87 18.41
CA PHE A 274 -8.42 16.32 18.45
C PHE A 274 -7.99 16.01 19.90
N VAL A 275 -8.20 17.01 20.75
CA VAL A 275 -8.00 16.92 22.21
C VAL A 275 -9.00 17.86 22.85
N GLU A 276 -9.20 17.72 24.17
CA GLU A 276 -10.16 18.57 24.85
C GLU A 276 -9.90 20.08 24.64
N GLY A 277 -8.62 20.45 24.54
CA GLY A 277 -8.23 21.85 24.35
C GLY A 277 -8.37 22.34 22.91
N MET A 278 -8.88 21.51 22.01
CA MET A 278 -8.94 21.91 20.58
C MET A 278 -10.33 21.73 19.97
N PRO A 279 -11.26 22.67 20.28
CA PRO A 279 -12.61 22.61 19.68
C PRO A 279 -12.60 22.43 18.17
N ASP A 280 -13.47 21.56 17.70
CA ASP A 280 -13.46 21.16 16.29
C ASP A 280 -14.46 21.98 15.51
N LEU A 281 -13.98 22.57 14.41
CA LEU A 281 -14.85 23.43 13.61
C LEU A 281 -15.80 22.67 12.72
N ASN A 282 -17.08 23.07 12.75
CA ASN A 282 -18.04 22.45 11.85
C ASN A 282 -18.01 23.03 10.44
N GLN A 283 -17.20 22.42 9.58
CA GLN A 283 -17.02 22.99 8.25
C GLN A 283 -18.17 22.66 7.29
N THR A 284 -19.15 21.87 7.77
CA THR A 284 -20.39 21.67 7.01
C THR A 284 -21.29 22.91 7.11
N ASN A 285 -21.02 23.79 8.08
CA ASN A 285 -21.70 25.08 8.15
C ASN A 285 -21.05 26.01 7.14
N PRO A 286 -21.80 26.43 6.10
CA PRO A 286 -21.13 27.27 5.07
C PRO A 286 -20.47 28.54 5.59
N LEU A 287 -20.95 29.10 6.69
CA LEU A 287 -20.32 30.27 7.28
C LEU A 287 -18.90 29.95 7.77
N VAL A 288 -18.75 28.75 8.34
CA VAL A 288 -17.44 28.29 8.84
C VAL A 288 -16.51 28.02 7.64
N ALA A 289 -17.06 27.36 6.62
CA ALA A 289 -16.29 27.09 5.39
C ALA A 289 -15.80 28.41 4.77
N ASN A 290 -16.72 29.35 4.56
CA ASN A 290 -16.35 30.65 4.00
C ASN A 290 -15.30 31.33 4.87
N TYR A 291 -15.44 31.21 6.18
CA TYR A 291 -14.57 31.92 7.09
C TYR A 291 -13.14 31.44 6.88
N LEU A 292 -12.94 30.13 6.79
CA LEU A 292 -11.59 29.57 6.68
C LEU A 292 -10.97 29.81 5.31
N ILE A 293 -11.79 29.65 4.27
CA ILE A 293 -11.31 29.89 2.90
C ILE A 293 -10.83 31.34 2.78
N GLN A 294 -11.66 32.29 3.22
CA GLN A 294 -11.29 33.70 3.13
C GLN A 294 -10.07 34.05 3.97
N ASN A 295 -10.01 33.45 5.17
CA ASN A 295 -8.90 33.78 6.05
C ASN A 295 -7.56 33.35 5.45
N ASN A 296 -7.52 32.17 4.82
CA ASN A 296 -6.26 31.66 4.28
C ASN A 296 -5.89 32.44 3.03
N ILE A 297 -6.89 32.75 2.19
CA ILE A 297 -6.62 33.68 1.06
C ILE A 297 -6.08 35.02 1.56
N TRP A 298 -6.67 35.53 2.64
CA TRP A 298 -6.27 36.82 3.20
C TRP A 298 -4.77 36.78 3.60
N TRP A 299 -4.34 35.71 4.26
CA TRP A 299 -2.94 35.61 4.64
C TRP A 299 -2.05 35.51 3.40
N ILE A 300 -2.48 34.74 2.39
CA ILE A 300 -1.62 34.62 1.20
C ILE A 300 -1.44 35.96 0.52
N GLU A 301 -2.56 36.65 0.32
CA GLU A 301 -2.50 37.93 -0.37
C GLU A 301 -1.76 39.01 0.45
N TYR A 302 -2.08 39.09 1.74
CA TYR A 302 -1.56 40.12 2.62
C TYR A 302 -0.05 39.91 2.87
N ALA A 303 0.34 38.66 3.10
CA ALA A 303 1.73 38.41 3.48
C ALA A 303 2.63 37.90 2.33
N GLY A 304 2.08 37.85 1.12
CA GLY A 304 2.88 37.46 -0.06
C GLY A 304 3.48 36.06 0.05
N LEU A 305 2.66 35.11 0.53
CA LEU A 305 3.13 33.72 0.73
C LEU A 305 3.38 33.00 -0.59
N SER A 306 4.23 31.99 -0.51
CA SER A 306 4.53 31.13 -1.67
C SER A 306 3.72 29.86 -1.61
N GLY A 307 2.95 29.68 -0.54
CA GLY A 307 2.15 28.45 -0.42
C GLY A 307 1.83 28.20 1.03
N LEU A 308 1.22 27.04 1.27
CA LEU A 308 0.76 26.67 2.61
C LEU A 308 1.17 25.25 2.91
N ARG A 309 1.30 24.97 4.21
CA ARG A 309 1.37 23.61 4.73
C ARG A 309 0.10 23.44 5.56
N ILE A 310 -0.69 22.43 5.25
CA ILE A 310 -2.05 22.28 5.85
C ILE A 310 -2.06 21.14 6.83
N ASP A 311 -2.27 21.51 8.08
CA ASP A 311 -2.22 20.59 9.20
C ASP A 311 -3.37 19.60 9.17
N THR A 312 -3.19 18.48 9.90
CA THR A 312 -4.30 17.54 10.21
C THR A 312 -5.26 17.39 9.03
N TYR A 313 -4.70 17.04 7.88
CA TYR A 313 -5.41 17.27 6.63
C TYR A 313 -6.84 16.64 6.59
N GLY A 314 -6.91 15.33 6.81
CA GLY A 314 -8.20 14.64 6.63
C GLY A 314 -9.18 14.83 7.76
N TYR A 315 -8.76 15.53 8.82
CA TYR A 315 -9.62 15.81 9.97
C TYR A 315 -10.61 16.91 9.67
N SER A 316 -10.47 17.55 8.51
CA SER A 316 -11.49 18.48 8.04
C SER A 316 -12.52 17.74 7.21
N ASP A 317 -13.74 18.26 7.19
CA ASP A 317 -14.80 17.70 6.36
C ASP A 317 -14.33 17.58 4.88
N GLY A 318 -14.53 16.40 4.29
CA GLY A 318 -14.07 16.12 2.93
C GLY A 318 -14.62 17.07 1.88
N ALA A 319 -15.93 17.33 1.95
CA ALA A 319 -16.57 18.20 0.96
C ALA A 319 -16.06 19.63 1.12
N PHE A 320 -15.86 20.05 2.37
CA PHE A 320 -15.21 21.34 2.61
C PHE A 320 -13.81 21.37 1.97
N LEU A 321 -13.02 20.31 2.16
CA LEU A 321 -11.65 20.30 1.57
C LEU A 321 -11.68 20.43 0.05
N THR A 322 -12.66 19.77 -0.57
CA THR A 322 -12.82 19.88 -2.03
C THR A 322 -13.06 21.33 -2.44
N GLU A 323 -13.97 22.02 -1.74
CA GLU A 323 -14.25 23.41 -2.03
C GLU A 323 -13.09 24.34 -1.67
N TYR A 324 -12.48 24.13 -0.50
CA TYR A 324 -11.35 24.96 -0.05
C TYR A 324 -10.19 24.86 -1.02
N THR A 325 -9.85 23.65 -1.42
CA THR A 325 -8.70 23.52 -2.35
C THR A 325 -9.07 24.14 -3.70
N ARG A 326 -10.31 23.95 -4.15
CA ARG A 326 -10.75 24.56 -5.42
C ARG A 326 -10.65 26.07 -5.35
N ARG A 327 -11.18 26.63 -4.27
CA ARG A 327 -11.12 28.10 -4.10
C ARG A 327 -9.71 28.69 -4.06
N LEU A 328 -8.85 28.06 -3.26
CA LEU A 328 -7.48 28.57 -3.11
C LEU A 328 -6.72 28.49 -4.45
N MET A 329 -6.87 27.34 -5.09
CA MET A 329 -6.15 27.12 -6.35
C MET A 329 -6.75 27.92 -7.51
N ALA A 330 -8.04 28.26 -7.41
CA ALA A 330 -8.62 29.18 -8.38
C ALA A 330 -8.03 30.59 -8.24
N GLU A 331 -7.75 31.02 -7.02
CA GLU A 331 -7.09 32.33 -6.86
C GLU A 331 -5.64 32.27 -7.37
N TYR A 332 -4.94 31.20 -7.01
CA TYR A 332 -3.50 31.14 -7.22
C TYR A 332 -3.13 29.85 -7.94
N PRO A 333 -3.37 29.79 -9.25
CA PRO A 333 -3.25 28.50 -9.92
C PRO A 333 -1.85 27.84 -9.89
N ARG A 334 -0.80 28.62 -9.67
CA ARG A 334 0.59 28.13 -9.61
C ARG A 334 1.06 27.90 -8.15
N LEU A 335 0.16 28.06 -7.19
CA LEU A 335 0.55 27.90 -5.79
C LEU A 335 0.91 26.43 -5.53
N ASN A 336 1.58 26.19 -4.41
CA ASN A 336 1.63 24.84 -3.87
C ASN A 336 1.08 24.87 -2.42
N MET A 337 0.42 23.78 -2.09
CA MET A 337 -0.06 23.55 -0.71
C MET A 337 0.22 22.09 -0.42
N VAL A 338 0.90 21.85 0.71
CA VAL A 338 1.25 20.49 1.10
C VAL A 338 0.41 20.07 2.28
N GLY A 339 -0.45 19.05 2.07
CA GLY A 339 -1.29 18.56 3.16
C GLY A 339 -0.50 17.57 4.04
N GLN A 340 -0.82 17.59 5.34
CA GLN A 340 -0.25 16.65 6.29
C GLN A 340 -1.26 15.51 6.52
N GLU A 341 -1.13 14.44 5.75
CA GLU A 341 -1.97 13.25 5.94
C GLU A 341 -1.01 12.22 6.52
N TRP A 342 -1.04 12.10 7.85
CA TRP A 342 -0.01 11.26 8.50
C TRP A 342 -0.37 9.78 8.45
N SER A 343 0.04 9.14 7.34
CA SER A 343 -0.09 7.70 7.15
C SER A 343 1.17 7.22 6.47
N THR A 344 1.60 6.01 6.82
CA THR A 344 2.70 5.39 6.10
C THR A 344 2.22 4.53 4.94
N ARG A 345 0.90 4.56 4.67
CA ARG A 345 0.29 3.82 3.56
C ARG A 345 0.17 4.72 2.32
N VAL A 346 0.92 4.36 1.27
CA VAL A 346 0.90 5.21 0.08
C VAL A 346 -0.55 5.46 -0.43
N PRO A 347 -1.40 4.42 -0.51
CA PRO A 347 -2.77 4.73 -1.02
C PRO A 347 -3.51 5.80 -0.20
N VAL A 348 -3.29 5.82 1.12
CA VAL A 348 -4.02 6.72 1.99
C VAL A 348 -3.60 8.16 1.71
N VAL A 349 -2.30 8.33 1.48
CA VAL A 349 -1.76 9.67 1.19
C VAL A 349 -2.19 10.10 -0.24
N ALA A 350 -2.08 9.20 -1.21
CA ALA A 350 -2.26 9.56 -2.63
C ALA A 350 -3.69 10.02 -2.91
N ARG A 351 -4.64 9.52 -2.11
CA ARG A 351 -6.09 9.81 -2.29
C ARG A 351 -6.36 11.29 -2.46
N TRP A 352 -5.58 12.11 -1.75
CA TRP A 352 -5.88 13.55 -1.62
C TRP A 352 -5.29 14.45 -2.72
N GLN A 353 -4.37 13.90 -3.52
CA GLN A 353 -3.66 14.76 -4.49
C GLN A 353 -4.51 15.07 -5.72
N ARG A 354 -4.43 16.31 -6.21
CA ARG A 354 -5.19 16.73 -7.39
C ARG A 354 -4.95 15.76 -8.57
N GLY A 355 -6.02 15.45 -9.29
CA GLY A 355 -5.90 14.62 -10.51
C GLY A 355 -6.08 13.14 -10.21
N LYS A 356 -6.20 12.76 -8.93
CA LYS A 356 -6.41 11.36 -8.55
C LYS A 356 -7.82 10.88 -8.92
N ALA A 357 -7.89 9.72 -9.58
CA ALA A 357 -9.18 9.10 -9.88
C ALA A 357 -9.53 8.17 -8.73
N ASN A 358 -10.44 8.61 -7.85
CA ASN A 358 -10.77 7.87 -6.64
C ASN A 358 -11.97 6.95 -6.81
N PHE A 359 -11.97 5.84 -6.09
CA PHE A 359 -13.04 4.84 -6.24
C PHE A 359 -14.43 5.40 -5.92
N ASP A 360 -14.47 6.41 -5.04
CA ASP A 360 -15.71 7.04 -4.55
C ASP A 360 -16.00 8.38 -5.23
N GLY A 361 -15.21 8.66 -6.26
CA GLY A 361 -15.29 9.92 -7.00
C GLY A 361 -14.80 11.16 -6.27
N TYR A 362 -14.11 10.98 -5.12
CA TYR A 362 -13.65 12.14 -4.34
C TYR A 362 -12.67 12.95 -5.19
N THR A 363 -12.90 14.26 -5.27
CA THR A 363 -12.00 15.16 -6.02
C THR A 363 -11.38 16.21 -5.11
N SER A 364 -10.21 16.64 -5.52
CA SER A 364 -9.37 17.52 -4.73
C SER A 364 -8.53 18.37 -5.67
N HIS A 365 -8.20 19.60 -5.25
CA HIS A 365 -7.21 20.44 -5.95
C HIS A 365 -5.88 20.57 -5.17
N LEU A 366 -5.70 19.75 -4.14
CA LEU A 366 -4.49 19.81 -3.30
C LEU A 366 -3.25 19.40 -4.10
N PRO A 367 -2.27 20.30 -4.25
CA PRO A 367 -1.11 19.92 -5.08
C PRO A 367 -0.12 18.95 -4.50
N SER A 368 0.00 18.87 -3.16
CA SER A 368 1.13 18.14 -2.56
C SER A 368 0.70 17.53 -1.22
N LEU A 369 1.44 16.51 -0.79
CA LEU A 369 1.30 15.92 0.53
C LEU A 369 2.67 15.60 1.06
N MET A 370 2.73 15.44 2.39
CA MET A 370 3.97 15.00 3.08
C MET A 370 4.22 13.51 2.86
N ASP A 371 5.43 13.14 2.43
CA ASP A 371 5.71 11.77 2.05
C ASP A 371 6.13 10.93 3.26
N PHE A 372 5.21 10.77 4.22
CA PHE A 372 5.46 9.90 5.35
C PHE A 372 5.85 8.45 4.96
N PRO A 373 5.18 7.85 3.96
CA PRO A 373 5.61 6.47 3.64
C PRO A 373 7.09 6.34 3.30
N LEU A 374 7.61 7.26 2.50
CA LEU A 374 8.99 7.06 2.01
C LEU A 374 9.97 7.45 3.13
N VAL A 375 9.62 8.45 3.92
CA VAL A 375 10.50 8.81 5.09
C VAL A 375 10.58 7.62 6.07
N ASP A 376 9.44 7.02 6.36
CA ASP A 376 9.40 5.88 7.30
C ASP A 376 10.24 4.72 6.76
N ALA A 377 10.15 4.45 5.46
CA ALA A 377 10.89 3.36 4.84
C ALA A 377 12.41 3.59 4.99
N MET A 378 12.87 4.80 4.69
CA MET A 378 14.31 5.07 4.78
C MET A 378 14.78 5.05 6.27
N ARG A 379 14.00 5.61 7.19
CA ARG A 379 14.40 5.54 8.59
C ARG A 379 14.51 4.08 9.06
N ASN A 380 13.60 3.21 8.61
CA ASN A 380 13.67 1.79 8.97
C ASN A 380 14.94 1.17 8.38
N ALA A 381 15.23 1.49 7.12
CA ALA A 381 16.37 0.90 6.47
C ALA A 381 17.66 1.25 7.17
N LEU A 382 17.77 2.50 7.64
CA LEU A 382 19.04 3.02 8.18
C LEU A 382 19.22 2.66 9.63
N SER A 383 18.12 2.28 10.31
CA SER A 383 18.19 1.98 11.74
C SER A 383 18.27 0.48 11.98
N LYS A 384 17.57 -0.31 11.16
CA LYS A 384 17.53 -1.77 11.36
C LYS A 384 18.73 -2.38 10.66
N THR A 385 19.91 -2.05 11.18
CA THR A 385 21.15 -2.37 10.49
C THR A 385 21.49 -3.89 10.47
N GLY A 386 20.80 -4.65 11.31
CA GLY A 386 20.94 -6.10 11.34
C GLY A 386 20.19 -6.81 10.21
N GLU A 387 19.32 -6.10 9.50
CA GLU A 387 18.61 -6.67 8.34
C GLU A 387 19.55 -6.85 7.15
N GLU A 388 19.37 -7.92 6.38
CA GLU A 388 20.22 -8.17 5.24
C GLU A 388 20.00 -7.16 4.12
N ASN A 389 18.76 -6.69 3.95
CA ASN A 389 18.46 -5.84 2.79
C ASN A 389 17.36 -4.80 3.10
N GLY A 390 17.52 -4.08 4.21
CA GLY A 390 16.51 -3.14 4.67
C GLY A 390 16.17 -2.07 3.65
N LEU A 391 17.13 -1.73 2.79
CA LEU A 391 16.85 -0.72 1.76
C LEU A 391 15.76 -1.18 0.80
N ASN A 392 15.45 -2.49 0.75
CA ASN A 392 14.40 -2.97 -0.14
C ASN A 392 13.05 -2.28 0.13
N GLU A 393 12.81 -1.93 1.40
CA GLU A 393 11.57 -1.19 1.75
C GLU A 393 11.45 0.17 1.04
N VAL A 394 12.58 0.87 0.88
CA VAL A 394 12.60 2.18 0.25
C VAL A 394 12.31 2.01 -1.25
N TYR A 395 13.02 1.08 -1.87
CA TYR A 395 12.85 0.76 -3.28
C TYR A 395 11.34 0.40 -3.57
N GLU A 396 10.80 -0.54 -2.78
CA GLU A 396 9.40 -0.95 -3.03
C GLU A 396 8.43 0.21 -2.81
N THR A 397 8.69 1.02 -1.79
CA THR A 397 7.78 2.14 -1.52
C THR A 397 7.82 3.10 -2.71
N LEU A 398 9.02 3.39 -3.19
CA LEU A 398 9.18 4.32 -4.28
C LEU A 398 8.52 3.79 -5.58
N SER A 399 8.50 2.48 -5.74
CA SER A 399 7.91 1.85 -6.93
C SER A 399 6.39 2.10 -6.98
N LEU A 400 5.81 2.50 -5.84
CA LEU A 400 4.36 2.77 -5.80
C LEU A 400 4.03 4.18 -6.23
N ASP A 401 5.04 4.92 -6.75
CA ASP A 401 4.80 6.32 -7.11
C ASP A 401 3.69 6.51 -8.12
N TYR A 402 3.42 5.48 -8.93
CA TYR A 402 2.33 5.56 -9.92
C TYR A 402 0.96 5.81 -9.25
N LEU A 403 0.87 5.57 -7.93
CA LEU A 403 -0.41 5.84 -7.22
C LEU A 403 -0.69 7.33 -7.10
N TYR A 404 0.37 8.14 -7.18
CA TYR A 404 0.24 9.58 -7.05
C TYR A 404 0.16 10.21 -8.45
N PRO A 405 -0.81 11.11 -8.66
CA PRO A 405 -0.81 11.86 -9.93
C PRO A 405 0.47 12.64 -10.19
N GLU A 406 1.10 13.21 -9.14
CA GLU A 406 2.30 14.05 -9.28
C GLU A 406 3.27 13.76 -8.14
N PRO A 407 3.92 12.59 -8.19
CA PRO A 407 4.83 12.24 -7.09
C PRO A 407 5.96 13.24 -6.98
N GLN A 408 6.36 13.83 -8.12
CA GLN A 408 7.45 14.82 -8.09
C GLN A 408 7.10 16.08 -7.25
N ASN A 409 5.81 16.28 -6.96
CA ASN A 409 5.37 17.48 -6.23
C ASN A 409 5.18 17.21 -4.74
N LEU A 410 5.44 15.97 -4.32
CA LEU A 410 5.32 15.63 -2.88
C LEU A 410 6.50 16.16 -2.11
N VAL A 411 6.29 16.42 -0.82
CA VAL A 411 7.38 16.89 0.03
C VAL A 411 7.99 15.72 0.76
N LEU A 412 9.27 15.48 0.50
CA LEU A 412 10.03 14.46 1.23
C LEU A 412 10.86 15.19 2.28
N PHE A 413 10.97 14.66 3.49
CA PHE A 413 11.59 15.42 4.57
C PHE A 413 12.60 14.62 5.36
N GLY A 414 13.59 15.33 5.91
CA GLY A 414 14.57 14.66 6.78
C GLY A 414 13.99 14.37 8.15
N GLY A 415 13.04 15.22 8.55
CA GLY A 415 12.30 15.08 9.82
C GLY A 415 11.39 16.28 9.98
N ASN A 416 10.81 16.39 11.16
CA ASN A 416 9.98 17.53 11.50
C ASN A 416 9.74 17.54 13.02
N HIS A 417 8.85 18.42 13.46
CA HIS A 417 8.69 18.71 14.89
C HIS A 417 7.90 17.63 15.62
N ASP A 418 7.43 16.62 14.88
CA ASP A 418 6.56 15.56 15.42
C ASP A 418 7.22 14.19 15.49
N MET A 419 8.48 14.08 15.06
CA MET A 419 9.12 12.76 15.05
C MET A 419 10.55 12.86 15.53
N ALA A 420 11.13 11.69 15.81
CA ALA A 420 12.47 11.60 16.35
C ALA A 420 13.41 12.40 15.46
N ARG A 421 14.37 13.08 16.09
CA ARG A 421 15.42 13.78 15.32
C ARG A 421 16.12 12.86 14.30
N MET A 422 16.36 13.42 13.12
CA MET A 422 16.97 12.68 12.03
C MET A 422 18.24 11.89 12.42
N PHE A 423 19.14 12.55 13.15
CA PHE A 423 20.40 11.90 13.56
C PHE A 423 20.15 10.75 14.54
N SER A 424 19.21 10.97 15.47
CA SER A 424 18.81 9.94 16.43
C SER A 424 18.11 8.76 15.74
N ALA A 425 17.23 9.06 14.79
CA ALA A 425 16.59 8.01 13.97
C ALA A 425 17.58 7.17 13.15
N ALA A 426 18.75 7.75 12.81
CA ALA A 426 19.81 7.05 12.13
C ALA A 426 20.79 6.40 13.13
N GLY A 427 20.41 6.33 14.41
CA GLY A 427 21.23 5.61 15.42
C GLY A 427 22.51 6.36 15.77
N GLU A 428 22.51 7.68 15.59
CA GLU A 428 23.70 8.51 15.79
C GLU A 428 24.89 8.02 14.95
N ASP A 429 24.56 7.42 13.81
CA ASP A 429 25.57 6.89 12.90
C ASP A 429 25.73 7.92 11.78
N PHE A 430 26.86 8.64 11.80
CA PHE A 430 27.05 9.75 10.86
C PHE A 430 27.08 9.24 9.43
N ASP A 431 27.70 8.09 9.19
CA ASP A 431 27.80 7.55 7.83
C ASP A 431 26.40 7.20 7.30
N ARG A 432 25.58 6.58 8.13
CA ARG A 432 24.19 6.31 7.66
C ARG A 432 23.35 7.58 7.54
N TRP A 433 23.55 8.53 8.43
CA TRP A 433 22.90 9.85 8.31
C TRP A 433 23.23 10.50 6.96
N ARG A 434 24.49 10.41 6.52
CA ARG A 434 24.86 10.91 5.18
C ARG A 434 24.02 10.32 4.08
N MET A 435 23.80 9.00 4.15
CA MET A 435 22.91 8.34 3.17
C MET A 435 21.50 8.95 3.17
N ASN A 436 20.92 9.19 4.36
CA ASN A 436 19.62 9.85 4.44
C ASN A 436 19.67 11.22 3.75
N LEU A 437 20.73 11.99 4.00
CA LEU A 437 20.79 13.35 3.49
C LEU A 437 20.91 13.36 1.96
N VAL A 438 21.76 12.48 1.44
CA VAL A 438 21.93 12.35 -0.01
C VAL A 438 20.62 11.97 -0.66
N PHE A 439 19.94 11.01 -0.06
CA PHE A 439 18.60 10.55 -0.55
C PHE A 439 17.62 11.73 -0.63
N LEU A 440 17.54 12.48 0.46
CA LEU A 440 16.63 13.60 0.56
C LEU A 440 16.88 14.59 -0.58
N MET A 441 18.15 14.82 -0.86
CA MET A 441 18.54 15.88 -1.81
C MET A 441 18.55 15.45 -3.27
N THR A 442 18.33 14.15 -3.52
CA THR A 442 18.43 13.58 -4.89
C THR A 442 17.16 12.88 -5.40
N MET A 443 16.22 12.61 -4.49
CA MET A 443 14.94 11.99 -4.90
C MET A 443 14.10 12.95 -5.76
N PRO A 444 13.20 12.38 -6.60
CA PRO A 444 12.28 13.21 -7.40
C PRO A 444 11.13 13.69 -6.49
N ARG A 445 11.46 14.65 -5.65
CA ARG A 445 10.57 15.19 -4.62
C ARG A 445 10.97 16.63 -4.37
N ILE A 446 10.16 17.29 -3.54
CA ILE A 446 10.52 18.60 -2.97
C ILE A 446 11.10 18.34 -1.57
N PRO A 447 12.41 18.59 -1.36
CA PRO A 447 12.95 18.26 -0.04
C PRO A 447 12.61 19.32 1.04
N GLN A 448 12.37 18.83 2.26
CA GLN A 448 12.16 19.70 3.40
C GLN A 448 13.08 19.22 4.52
N PHE A 449 13.65 20.16 5.25
CA PHE A 449 14.66 19.84 6.24
C PHE A 449 14.23 20.56 7.52
N TYR A 450 14.50 19.95 8.67
CA TYR A 450 14.03 20.49 9.96
C TYR A 450 15.18 21.17 10.71
N SER A 451 14.98 22.45 11.05
CA SER A 451 15.97 23.27 11.73
C SER A 451 16.58 22.53 12.92
N GLY A 452 17.92 22.53 12.97
CA GLY A 452 18.67 21.81 13.99
C GLY A 452 19.26 20.49 13.50
N ASP A 453 18.65 19.85 12.51
CA ASP A 453 19.19 18.61 11.96
C ASP A 453 20.57 18.83 11.30
N GLU A 454 20.84 20.08 10.89
CA GLU A 454 22.11 20.38 10.22
C GLU A 454 23.29 20.36 11.22
N ILE A 455 22.98 20.37 12.51
CA ILE A 455 24.05 20.13 13.53
C ILE A 455 23.74 18.90 14.40
N LEU A 456 22.96 17.95 13.85
CA LEU A 456 22.80 16.62 14.45
C LEU A 456 22.19 16.67 15.85
N MET A 457 21.23 17.58 16.04
CA MET A 457 20.48 17.60 17.31
C MET A 457 19.83 16.24 17.53
N THR A 458 19.77 15.83 18.80
CA THR A 458 19.29 14.50 19.13
C THR A 458 17.97 14.56 19.91
N SER A 459 17.30 13.42 19.98
CA SER A 459 16.10 13.30 20.76
C SER A 459 15.94 11.87 21.22
N THR A 460 14.90 11.63 22.03
CA THR A 460 14.48 10.25 22.23
C THR A 460 14.00 9.62 20.90
N VAL A 461 14.07 8.29 20.79
CA VAL A 461 13.57 7.61 19.58
C VAL A 461 12.28 6.81 19.79
N LYS A 462 12.12 6.27 20.99
CA LYS A 462 10.95 5.46 21.31
C LYS A 462 9.75 6.37 21.50
N GLY A 463 8.60 5.90 21.01
CA GLY A 463 7.31 6.48 21.35
C GLY A 463 7.16 7.90 20.86
N ARG A 464 6.43 8.69 21.65
CA ARG A 464 6.25 10.08 21.28
C ARG A 464 6.66 11.00 22.40
N ASP A 465 7.56 11.92 22.07
CA ASP A 465 8.13 12.76 23.09
C ASP A 465 8.35 14.13 22.46
N ASP A 466 7.25 14.88 22.30
CA ASP A 466 7.29 16.11 21.49
C ASP A 466 8.35 17.10 21.94
N ALA A 467 8.46 17.29 23.26
CA ALA A 467 9.43 18.24 23.76
C ALA A 467 10.85 17.90 23.30
N SER A 468 11.14 16.60 23.18
CA SER A 468 12.49 16.18 22.86
C SER A 468 12.85 16.58 21.42
N TYR A 469 11.84 16.75 20.58
CA TYR A 469 12.10 17.07 19.14
C TYR A 469 12.26 18.56 18.89
N ARG A 470 12.13 19.40 19.93
CA ARG A 470 11.89 20.82 19.72
C ARG A 470 12.81 21.70 20.56
N ARG A 471 14.01 21.19 20.85
CA ARG A 471 14.95 21.94 21.67
C ARG A 471 15.40 23.21 20.97
N ASP A 472 15.77 24.23 21.75
CA ASP A 472 16.13 25.53 21.17
C ASP A 472 17.31 25.40 20.23
N PHE A 473 17.25 26.18 19.15
CA PHE A 473 18.40 26.20 18.23
C PHE A 473 19.61 26.83 18.92
N PRO A 474 20.76 26.13 18.91
CA PRO A 474 21.95 26.70 19.57
C PRO A 474 22.44 27.93 18.86
N GLY A 475 22.39 29.06 19.57
CA GLY A 475 22.74 30.35 19.03
C GLY A 475 21.55 31.28 18.90
N GLY A 476 20.35 30.77 19.15
CA GLY A 476 19.17 31.58 19.00
C GLY A 476 18.88 32.48 20.23
N TRP A 477 19.63 32.26 21.32
CA TRP A 477 19.42 32.99 22.56
C TRP A 477 20.72 33.62 23.01
N ALA A 478 20.62 34.86 23.50
CA ALA A 478 21.78 35.54 24.09
C ALA A 478 22.40 34.66 25.18
N GLY A 479 23.73 34.56 25.19
CA GLY A 479 24.44 33.71 26.15
C GLY A 479 24.66 32.28 25.78
N ASP A 480 24.13 31.82 24.64
CA ASP A 480 24.32 30.42 24.27
C ASP A 480 25.82 30.11 24.13
N LYS A 481 26.26 28.97 24.68
CA LYS A 481 27.69 28.59 24.66
C LYS A 481 28.13 28.15 23.27
N ALA A 482 27.20 27.50 22.53
CA ALA A 482 27.45 27.15 21.12
C ALA A 482 26.51 27.97 20.28
N ASN A 483 26.97 28.38 19.11
CA ASN A 483 26.19 29.19 18.20
C ASN A 483 26.32 28.60 16.80
N ALA A 484 25.29 27.88 16.37
CA ALA A 484 25.31 27.23 15.07
C ALA A 484 25.26 28.21 13.88
N PHE A 485 24.72 29.41 14.12
CA PHE A 485 24.73 30.46 13.11
C PHE A 485 26.15 30.93 12.79
N SER A 486 26.99 31.06 13.82
CA SER A 486 28.37 31.54 13.59
C SER A 486 29.37 30.40 13.45
N GLY A 487 29.01 29.21 13.94
CA GLY A 487 29.92 28.08 13.97
C GLY A 487 30.64 27.95 15.32
N ALA A 488 30.50 28.97 16.19
CA ALA A 488 31.22 28.97 17.46
C ALA A 488 30.76 27.80 18.33
N GLY A 489 31.72 27.05 18.87
CA GLY A 489 31.42 26.01 19.85
C GLY A 489 30.82 24.73 19.32
N LEU A 490 30.75 24.60 17.99
CA LEU A 490 30.32 23.31 17.38
C LEU A 490 31.41 22.29 17.47
N THR A 491 31.05 21.02 17.67
CA THR A 491 32.05 19.94 17.58
C THR A 491 32.41 19.73 16.11
N SER A 492 33.49 18.99 15.87
CA SER A 492 33.89 18.66 14.51
C SER A 492 32.78 17.91 13.75
N GLN A 493 32.10 16.96 14.43
CA GLN A 493 31.04 16.18 13.74
C GLN A 493 29.84 17.11 13.44
N GLN A 494 29.52 17.99 14.38
CA GLN A 494 28.43 18.95 14.14
C GLN A 494 28.70 19.84 12.95
N ARG A 495 29.93 20.33 12.88
CA ARG A 495 30.31 21.23 11.82
C ARG A 495 30.37 20.50 10.49
N ALA A 496 30.80 19.23 10.51
CA ALA A 496 30.87 18.38 9.30
C ALA A 496 29.46 18.17 8.76
N ALA A 497 28.51 17.88 9.64
CA ALA A 497 27.11 17.76 9.21
C ALA A 497 26.64 19.07 8.55
N GLN A 498 26.91 20.20 9.20
CA GLN A 498 26.42 21.48 8.69
C GLN A 498 27.07 21.80 7.36
N ASP A 499 28.36 21.49 7.23
CA ASP A 499 29.07 21.70 5.95
C ASP A 499 28.45 20.85 4.84
N LEU A 500 28.04 19.61 5.18
CA LEU A 500 27.51 18.71 4.15
C LEU A 500 26.11 19.21 3.72
N VAL A 501 25.32 19.66 4.68
CA VAL A 501 24.00 20.21 4.31
C VAL A 501 24.16 21.41 3.38
N ARG A 502 25.06 22.33 3.75
CA ARG A 502 25.31 23.52 2.94
C ARG A 502 25.80 23.13 1.54
N LYS A 503 26.71 22.17 1.49
CA LYS A 503 27.26 21.66 0.20
C LYS A 503 26.17 21.09 -0.69
N LEU A 504 25.41 20.14 -0.14
CA LEU A 504 24.41 19.45 -0.95
C LEU A 504 23.21 20.34 -1.32
N ALA A 505 22.73 21.17 -0.40
CA ALA A 505 21.58 22.02 -0.70
C ALA A 505 21.91 23.10 -1.73
N ASN A 506 23.08 23.74 -1.60
CA ASN A 506 23.48 24.69 -2.63
C ASN A 506 23.71 24.04 -3.99
N TRP A 507 24.32 22.85 -4.00
CA TRP A 507 24.49 22.09 -5.25
C TRP A 507 23.12 21.75 -5.85
N ARG A 508 22.20 21.30 -5.01
CA ARG A 508 20.90 20.89 -5.51
C ARG A 508 20.16 22.03 -6.22
N LYS A 509 20.33 23.27 -5.75
CA LYS A 509 19.64 24.41 -6.37
C LYS A 509 19.98 24.49 -7.86
N ASN A 510 21.16 24.03 -8.21
CA ASN A 510 21.72 24.14 -9.56
C ASN A 510 21.60 22.88 -10.38
N GLN A 511 20.72 21.95 -9.96
CA GLN A 511 20.66 20.65 -10.64
C GLN A 511 19.27 20.40 -11.21
N PRO A 512 19.01 20.97 -12.40
CA PRO A 512 17.73 20.66 -13.05
C PRO A 512 17.44 19.17 -13.19
N VAL A 513 18.48 18.34 -13.31
CA VAL A 513 18.26 16.92 -13.48
C VAL A 513 17.58 16.32 -12.23
N ILE A 514 17.85 16.91 -11.06
CA ILE A 514 17.19 16.45 -9.81
C ILE A 514 15.75 17.00 -9.74
N HIS A 515 15.58 18.22 -10.23
CA HIS A 515 14.25 18.87 -10.20
C HIS A 515 13.27 18.22 -11.13
N ASN A 516 13.72 17.86 -12.34
CA ASN A 516 12.76 17.37 -13.32
C ASN A 516 13.27 16.25 -14.22
N GLY A 517 14.46 15.73 -13.95
CA GLY A 517 14.95 14.57 -14.71
C GLY A 517 14.22 13.28 -14.35
N ARG A 518 14.45 12.24 -15.11
CA ARG A 518 13.89 10.93 -14.79
C ARG A 518 14.62 10.32 -13.59
N LEU A 519 13.98 9.29 -13.02
CA LEU A 519 14.61 8.45 -12.02
C LEU A 519 14.57 7.02 -12.57
N MET A 520 15.71 6.31 -12.51
CA MET A 520 15.72 4.86 -12.69
C MET A 520 16.49 4.29 -11.50
N HIS A 521 15.81 3.45 -10.72
CA HIS A 521 16.49 2.81 -9.59
C HIS A 521 16.57 1.31 -9.83
N PHE A 522 17.50 0.67 -9.10
CA PHE A 522 17.73 -0.76 -9.17
C PHE A 522 17.34 -1.40 -7.84
N GLY A 523 16.80 -2.61 -7.88
CA GLY A 523 16.43 -3.28 -6.62
C GLY A 523 17.67 -3.41 -5.76
N PRO A 524 17.57 -3.03 -4.49
CA PRO A 524 18.72 -3.19 -3.59
C PRO A 524 19.04 -4.67 -3.40
N GLU A 525 20.33 -4.96 -3.23
CA GLU A 525 20.78 -6.33 -3.00
C GLU A 525 21.78 -6.29 -1.86
N GLU A 526 21.51 -7.09 -0.82
CA GLU A 526 22.33 -7.05 0.41
C GLU A 526 22.57 -5.62 0.96
N ASN A 527 21.54 -4.78 0.97
CA ASN A 527 21.60 -3.46 1.55
C ASN A 527 22.60 -2.54 0.83
N THR A 528 22.79 -2.80 -0.46
CA THR A 528 23.43 -1.82 -1.34
C THR A 528 22.35 -1.38 -2.34
N TRP A 529 22.40 -0.11 -2.73
CA TRP A 529 21.37 0.44 -3.60
C TRP A 529 21.97 1.44 -4.55
N VAL A 530 21.59 1.30 -5.83
CA VAL A 530 22.03 2.19 -6.88
C VAL A 530 20.81 2.78 -7.55
N TYR A 531 20.84 4.11 -7.73
CA TYR A 531 19.85 4.78 -8.60
C TYR A 531 20.45 5.93 -9.37
N PHE A 532 19.72 6.35 -10.42
CA PHE A 532 20.15 7.44 -11.28
C PHE A 532 19.06 8.47 -11.46
N ARG A 533 19.44 9.75 -11.46
CA ARG A 533 18.60 10.83 -12.03
C ARG A 533 19.23 11.13 -13.39
N TYR A 534 18.42 11.29 -14.41
CA TYR A 534 19.01 11.37 -15.76
C TYR A 534 18.15 12.13 -16.73
N ASN A 535 18.85 12.80 -17.66
CA ASN A 535 18.22 13.33 -18.85
C ASN A 535 19.33 13.45 -19.90
N LYS A 536 19.06 14.14 -21.02
CA LYS A 536 20.05 14.15 -22.10
C LYS A 536 21.29 14.97 -21.74
N ASP A 537 21.20 15.78 -20.69
CA ASP A 537 22.28 16.72 -20.32
C ASP A 537 23.19 16.20 -19.23
N LYS A 538 22.64 15.38 -18.34
CA LYS A 538 23.39 14.93 -17.17
C LYS A 538 22.84 13.63 -16.58
N ARG A 539 23.72 12.86 -15.99
CA ARG A 539 23.35 11.72 -15.14
C ARG A 539 23.95 11.92 -13.78
N ILE A 540 23.17 11.61 -12.75
CA ILE A 540 23.70 11.58 -11.39
C ILE A 540 23.43 10.19 -10.87
N MET A 541 24.51 9.48 -10.54
CA MET A 541 24.43 8.12 -10.03
C MET A 541 24.65 8.15 -8.52
N VAL A 542 23.64 7.73 -7.76
CA VAL A 542 23.80 7.57 -6.33
C VAL A 542 23.99 6.08 -5.99
N ALA A 543 24.97 5.79 -5.14
CA ALA A 543 25.18 4.41 -4.74
C ALA A 543 25.49 4.41 -3.24
N MET A 544 24.77 3.59 -2.49
CA MET A 544 25.00 3.52 -1.05
C MET A 544 25.22 2.09 -0.61
N ASN A 545 26.17 1.97 0.34
CA ASN A 545 26.48 0.70 0.91
C ASN A 545 26.11 0.69 2.38
N ASN A 546 24.89 0.21 2.65
CA ASN A 546 24.32 0.24 4.00
C ASN A 546 24.77 -1.00 4.75
N ASN A 547 26.09 -1.17 4.85
CA ASN A 547 26.71 -2.31 5.56
C ASN A 547 27.99 -1.84 6.21
N ASP A 548 28.34 -2.45 7.34
CA ASP A 548 29.68 -2.23 7.93
C ASP A 548 30.76 -3.18 7.37
N LYS A 549 30.81 -3.31 6.04
CA LYS A 549 31.77 -4.14 5.32
C LYS A 549 31.85 -3.61 3.90
N PRO A 550 32.98 -3.79 3.21
CA PRO A 550 33.05 -3.31 1.83
C PRO A 550 32.16 -4.15 0.94
N MET A 551 31.66 -3.56 -0.14
CA MET A 551 30.83 -4.32 -1.07
C MET A 551 31.27 -3.94 -2.47
N THR A 552 31.21 -4.92 -3.37
CA THR A 552 31.62 -4.72 -4.75
C THR A 552 30.44 -5.08 -5.66
N LEU A 553 30.05 -4.11 -6.49
CA LEU A 553 28.93 -4.32 -7.41
C LEU A 553 29.36 -4.35 -8.87
N PRO A 554 29.20 -5.51 -9.56
CA PRO A 554 29.47 -5.58 -11.00
C PRO A 554 28.67 -4.49 -11.73
N THR A 555 29.32 -3.74 -12.60
CA THR A 555 28.58 -2.65 -13.28
C THR A 555 27.84 -3.08 -14.54
N ALA A 556 28.01 -4.33 -14.97
CA ALA A 556 27.21 -4.83 -16.10
C ALA A 556 25.73 -4.64 -15.80
N ARG A 557 25.36 -4.77 -14.53
CA ARG A 557 23.95 -4.69 -14.12
C ARG A 557 23.33 -3.37 -14.50
N PHE A 558 24.13 -2.30 -14.46
CA PHE A 558 23.64 -0.93 -14.58
C PHE A 558 23.83 -0.31 -15.97
N GLN A 559 24.18 -1.14 -16.94
CA GLN A 559 24.56 -0.60 -18.26
C GLN A 559 23.49 0.21 -19.00
N GLU A 560 22.21 -0.01 -18.71
CA GLU A 560 21.20 0.78 -19.42
C GLU A 560 21.29 2.25 -19.03
N MET A 561 21.87 2.51 -17.85
CA MET A 561 22.14 3.85 -17.38
C MET A 561 23.60 4.28 -17.61
N LEU A 562 24.55 3.34 -17.48
CA LEU A 562 25.97 3.70 -17.58
C LEU A 562 26.47 3.79 -19.02
N LYS A 563 25.94 2.95 -19.91
CA LYS A 563 26.30 2.98 -21.35
C LYS A 563 27.82 3.08 -21.53
N GLY A 564 28.52 2.22 -20.79
CA GLY A 564 29.98 2.11 -20.94
C GLY A 564 30.83 3.21 -20.31
N ALA A 565 30.23 4.07 -19.49
CA ALA A 565 31.03 5.06 -18.76
C ALA A 565 32.15 4.37 -17.95
N PRO A 566 33.42 4.75 -18.21
CA PRO A 566 34.52 4.08 -17.52
C PRO A 566 34.70 4.51 -16.06
N SER A 567 34.21 5.69 -15.73
CA SER A 567 34.42 6.27 -14.41
C SER A 567 33.62 7.56 -14.30
N GLY A 568 33.54 8.11 -13.09
CA GLY A 568 32.98 9.44 -12.91
C GLY A 568 33.47 10.02 -11.60
N VAL A 569 33.34 11.33 -11.45
CA VAL A 569 33.77 12.03 -10.23
C VAL A 569 32.65 12.06 -9.17
N ASP A 570 32.96 11.51 -8.00
CA ASP A 570 32.08 11.59 -6.83
C ASP A 570 32.07 13.03 -6.28
N PHE A 571 30.90 13.67 -6.30
CA PHE A 571 30.76 15.06 -5.83
C PHE A 571 31.11 15.20 -4.34
N LEU A 572 30.82 14.15 -3.54
CA LEU A 572 31.07 14.23 -2.10
C LEU A 572 32.58 14.29 -1.80
N SER A 573 33.33 13.34 -2.32
CA SER A 573 34.76 13.24 -2.03
C SER A 573 35.65 13.96 -3.05
N GLY A 574 35.14 14.27 -4.23
CA GLY A 574 35.97 14.83 -5.31
C GLY A 574 36.80 13.77 -6.02
N LYS A 575 36.72 12.51 -5.57
CA LYS A 575 37.53 11.42 -6.10
C LYS A 575 36.89 10.83 -7.36
N THR A 576 37.73 10.37 -8.28
CA THR A 576 37.28 9.59 -9.44
C THR A 576 36.96 8.16 -9.02
N VAL A 577 35.76 7.70 -9.35
CA VAL A 577 35.30 6.37 -9.01
C VAL A 577 35.24 5.50 -10.27
N GLY A 578 35.87 4.33 -10.22
CA GLY A 578 35.89 3.42 -11.39
C GLY A 578 34.53 2.77 -11.60
N LEU A 579 34.15 2.61 -12.87
CA LEU A 579 32.84 2.02 -13.24
C LEU A 579 32.91 1.06 -14.41
N GLY A 580 34.11 0.85 -14.96
CA GLY A 580 34.25 -0.01 -16.15
C GLY A 580 33.74 -1.44 -15.97
N ARG A 581 34.11 -2.08 -14.85
CA ARG A 581 33.68 -3.46 -14.59
C ARG A 581 32.98 -3.68 -13.23
N GLU A 582 33.30 -2.84 -12.25
CA GLU A 582 32.75 -2.99 -10.90
C GLU A 582 32.80 -1.69 -10.14
N LEU A 583 31.83 -1.51 -9.24
CA LEU A 583 31.81 -0.37 -8.36
C LEU A 583 32.19 -0.86 -6.97
N ARG A 584 33.30 -0.35 -6.48
CA ARG A 584 33.83 -0.78 -5.20
C ARG A 584 33.46 0.19 -4.09
N LEU A 585 32.56 -0.21 -3.19
CA LEU A 585 32.11 0.67 -2.14
C LEU A 585 32.75 0.33 -0.80
N ALA A 586 33.27 1.35 -0.12
CA ALA A 586 33.82 1.18 1.23
C ALA A 586 32.69 0.94 2.25
N PRO A 587 33.02 0.43 3.45
CA PRO A 587 31.97 0.27 4.47
C PRO A 587 31.17 1.54 4.70
N LYS A 588 29.83 1.42 4.78
CA LYS A 588 28.95 2.53 5.17
C LYS A 588 29.13 3.78 4.28
N SER A 589 29.38 3.57 3.00
CA SER A 589 29.68 4.71 2.13
C SER A 589 28.51 5.07 1.23
N VAL A 590 28.56 6.30 0.75
CA VAL A 590 27.63 6.74 -0.29
C VAL A 590 28.43 7.63 -1.24
N VAL A 591 28.18 7.46 -2.53
CA VAL A 591 28.82 8.28 -3.57
C VAL A 591 27.73 8.93 -4.41
N VAL A 592 28.03 10.11 -4.94
CA VAL A 592 27.12 10.84 -5.83
C VAL A 592 27.97 11.19 -7.05
N ILE A 593 27.92 10.28 -8.02
CA ILE A 593 28.82 10.34 -9.19
C ILE A 593 28.14 11.13 -10.27
N GLU A 594 28.81 12.16 -10.77
CA GLU A 594 28.25 13.03 -11.81
C GLU A 594 28.82 12.63 -13.18
N LEU A 595 27.93 12.48 -14.14
CA LEU A 595 28.30 11.93 -15.44
C LEU A 595 27.67 12.76 -16.56
N PRO A 596 28.20 12.63 -17.80
CA PRO A 596 27.56 13.30 -18.91
C PRO A 596 26.13 12.79 -19.17
N GLY A 597 25.40 13.47 -20.03
CA GLY A 597 24.04 13.08 -20.35
C GLY A 597 23.88 11.66 -20.87
N LEU A 598 22.63 11.20 -20.80
CA LEU A 598 22.24 9.96 -21.44
C LEU A 598 21.48 10.32 -22.73
N PRO A 599 21.97 9.86 -23.88
CA PRO A 599 21.25 10.09 -25.15
C PRO A 599 19.78 9.62 -25.10
N PRO B 3 15.54 -42.07 -29.56
CA PRO B 3 14.14 -42.46 -29.31
C PRO B 3 13.59 -43.59 -30.23
N THR B 4 12.43 -44.13 -29.86
CA THR B 4 11.70 -45.13 -30.66
C THR B 4 10.48 -44.56 -31.36
N ALA B 5 10.62 -44.39 -32.68
CA ALA B 5 9.65 -43.76 -33.55
C ALA B 5 9.29 -42.39 -32.97
N ILE B 6 8.09 -42.29 -32.42
CA ILE B 6 7.66 -41.06 -31.78
C ILE B 6 7.71 -41.32 -30.28
N GLU B 7 8.60 -40.63 -29.59
CA GLU B 7 8.73 -40.82 -28.15
C GLU B 7 7.67 -40.02 -27.36
N HIS B 8 7.47 -38.75 -27.72
CA HIS B 8 6.47 -37.90 -27.05
C HIS B 8 5.61 -37.23 -28.11
N MET B 9 4.30 -37.24 -27.90
CA MET B 9 3.34 -36.46 -28.70
C MET B 9 2.54 -35.65 -27.69
N GLU B 10 2.64 -34.32 -27.78
CA GLU B 10 2.05 -33.43 -26.76
C GLU B 10 1.32 -32.22 -27.37
N PRO B 11 0.01 -32.03 -27.06
CA PRO B 11 -0.84 -32.94 -26.26
C PRO B 11 -1.07 -34.26 -26.99
N PRO B 12 -1.27 -35.33 -26.22
CA PRO B 12 -1.39 -36.69 -26.78
C PRO B 12 -2.70 -36.95 -27.50
N PHE B 13 -3.69 -36.13 -27.18
CA PHE B 13 -5.02 -36.14 -27.80
C PHE B 13 -5.66 -34.78 -27.48
N TRP B 14 -6.80 -34.52 -28.12
CA TRP B 14 -7.47 -33.23 -27.94
C TRP B 14 -8.96 -33.45 -28.06
N TRP B 15 -9.69 -32.36 -28.27
CA TRP B 15 -11.14 -32.40 -28.24
C TRP B 15 -11.69 -31.68 -29.45
N ALA B 16 -12.79 -32.21 -29.99
CA ALA B 16 -13.59 -31.45 -30.94
C ALA B 16 -14.31 -30.35 -30.16
N GLY B 17 -14.53 -29.21 -30.81
CA GLY B 17 -15.43 -28.22 -30.25
C GLY B 17 -14.81 -27.30 -29.20
N MET B 18 -13.51 -27.10 -29.26
CA MET B 18 -12.87 -26.10 -28.36
C MET B 18 -13.06 -24.72 -28.95
N GLN B 19 -12.87 -23.70 -28.11
CA GLN B 19 -13.03 -22.34 -28.58
C GLN B 19 -11.93 -21.92 -29.56
N HIS B 20 -10.67 -22.18 -29.20
CA HIS B 20 -9.53 -21.86 -30.07
C HIS B 20 -9.42 -23.06 -31.02
N LYS B 21 -9.50 -22.79 -32.33
CA LYS B 21 -9.49 -23.89 -33.30
C LYS B 21 -8.08 -24.47 -33.51
N GLY B 22 -7.05 -23.62 -33.36
CA GLY B 22 -5.66 -24.03 -33.56
C GLY B 22 -5.19 -25.03 -32.54
N LEU B 23 -4.47 -26.04 -33.00
CA LEU B 23 -3.82 -27.01 -32.12
C LEU B 23 -2.40 -27.18 -32.60
N GLN B 24 -1.45 -27.02 -31.69
CA GLN B 24 -0.05 -27.18 -32.05
C GLN B 24 0.52 -28.41 -31.35
N LEU B 25 0.85 -29.44 -32.15
CA LEU B 25 1.48 -30.66 -31.61
C LEU B 25 2.99 -30.57 -31.52
N MET B 26 3.53 -30.91 -30.36
CA MET B 26 4.96 -30.93 -30.19
C MET B 26 5.37 -32.40 -30.20
N VAL B 27 6.09 -32.76 -31.26
CA VAL B 27 6.39 -34.16 -31.54
C VAL B 27 7.87 -34.38 -31.30
N HIS B 28 8.18 -35.46 -30.56
CA HIS B 28 9.56 -35.75 -30.20
C HIS B 28 9.92 -37.20 -30.52
N GLY B 29 11.05 -37.36 -31.20
CA GLY B 29 11.59 -38.69 -31.56
C GLY B 29 12.84 -38.51 -32.40
N ARG B 30 13.70 -39.52 -32.47
CA ARG B 30 14.95 -39.39 -33.24
C ARG B 30 14.68 -39.09 -34.73
N ASP B 31 15.22 -37.97 -35.19
CA ASP B 31 15.09 -37.50 -36.58
C ASP B 31 13.67 -37.20 -37.08
N ILE B 32 12.73 -37.05 -36.15
CA ILE B 32 11.35 -36.72 -36.52
C ILE B 32 11.26 -35.34 -37.19
N GLY B 33 12.21 -34.46 -36.87
CA GLY B 33 12.26 -33.12 -37.47
C GLY B 33 12.55 -33.16 -38.96
N ARG B 34 13.13 -34.28 -39.40
CA ARG B 34 13.49 -34.50 -40.80
C ARG B 34 12.31 -34.99 -41.63
N MET B 35 11.14 -35.05 -41.02
CA MET B 35 9.97 -35.58 -41.67
C MET B 35 8.90 -34.55 -41.96
N GLU B 36 7.95 -34.94 -42.81
CA GLU B 36 6.83 -34.11 -43.21
C GLU B 36 5.55 -34.82 -42.74
N ALA B 37 4.65 -34.09 -42.07
CA ALA B 37 3.35 -34.63 -41.64
C ALA B 37 2.28 -34.56 -42.72
N ALA B 38 1.37 -35.53 -42.70
CA ALA B 38 0.20 -35.55 -43.57
C ALA B 38 -0.97 -36.21 -42.85
N LEU B 39 -2.19 -35.73 -43.13
CA LEU B 39 -3.39 -36.32 -42.57
C LEU B 39 -4.58 -36.05 -43.49
N ASP B 40 -5.65 -36.79 -43.27
CA ASP B 40 -6.89 -36.56 -43.99
C ASP B 40 -8.05 -36.86 -43.03
N TYR B 41 -8.64 -35.80 -42.48
CA TYR B 41 -9.80 -35.95 -41.62
C TYR B 41 -10.71 -34.74 -41.81
N PRO B 42 -12.02 -34.97 -42.00
CA PRO B 42 -12.94 -33.85 -42.29
C PRO B 42 -12.94 -32.83 -41.15
N GLY B 43 -12.74 -31.56 -41.51
CA GLY B 43 -12.72 -30.46 -40.54
C GLY B 43 -11.36 -30.12 -39.96
N VAL B 44 -10.36 -30.93 -40.26
CA VAL B 44 -9.02 -30.74 -39.73
C VAL B 44 -8.06 -30.38 -40.86
N ARG B 45 -7.43 -29.23 -40.73
CA ARG B 45 -6.50 -28.73 -41.74
C ARG B 45 -5.09 -28.74 -41.17
N LEU B 46 -4.14 -29.24 -41.97
CA LEU B 46 -2.72 -29.18 -41.64
C LEU B 46 -2.20 -27.87 -42.23
N VAL B 47 -1.50 -27.09 -41.43
CA VAL B 47 -1.02 -25.78 -41.87
C VAL B 47 0.20 -25.89 -42.82
N SER B 48 1.26 -25.15 -42.53
CA SER B 48 2.43 -25.14 -43.39
C SER B 48 3.62 -25.26 -42.46
N PRO B 49 4.45 -26.31 -42.66
CA PRO B 49 5.59 -26.59 -41.79
C PRO B 49 6.38 -25.33 -41.40
N THR B 50 6.66 -25.20 -40.10
CA THR B 50 7.70 -24.28 -39.63
C THR B 50 8.77 -25.12 -38.92
N ARG B 51 9.88 -25.33 -39.61
CA ARG B 51 10.92 -26.25 -39.13
C ARG B 51 11.81 -25.60 -38.06
N VAL B 52 12.21 -26.40 -37.07
CA VAL B 52 13.22 -26.00 -36.08
C VAL B 52 14.53 -26.73 -36.39
N PRO B 53 15.68 -26.12 -36.05
CA PRO B 53 16.99 -26.74 -36.36
C PRO B 53 17.27 -28.09 -35.65
N ASN B 54 16.61 -28.38 -34.54
CA ASN B 54 16.79 -29.66 -33.84
C ASN B 54 16.04 -30.79 -34.53
N ALA B 55 16.82 -31.73 -35.05
CA ALA B 55 16.34 -32.92 -35.78
C ALA B 55 15.38 -33.80 -35.00
N ASN B 56 15.35 -33.66 -33.68
CA ASN B 56 14.58 -34.55 -32.83
C ASN B 56 13.21 -34.04 -32.42
N TYR B 57 12.82 -32.87 -32.95
CA TYR B 57 11.52 -32.28 -32.65
C TYR B 57 10.84 -31.80 -33.91
N LEU B 58 9.52 -31.92 -33.93
CA LEU B 58 8.70 -31.40 -35.02
C LEU B 58 7.47 -30.76 -34.40
N PHE B 59 7.18 -29.54 -34.83
CA PHE B 59 5.95 -28.88 -34.39
C PHE B 59 4.95 -28.90 -35.53
N VAL B 60 3.75 -29.39 -35.26
CA VAL B 60 2.74 -29.59 -36.29
C VAL B 60 1.51 -28.75 -35.94
N ASP B 61 1.18 -27.80 -36.83
CA ASP B 61 0.06 -26.91 -36.62
C ASP B 61 -1.16 -27.41 -37.36
N LEU B 62 -2.24 -27.56 -36.61
CA LEU B 62 -3.53 -27.98 -37.11
C LEU B 62 -4.55 -26.88 -36.84
N GLU B 63 -5.55 -26.82 -37.69
CA GLU B 63 -6.73 -26.01 -37.42
C GLU B 63 -7.94 -26.94 -37.42
N ILE B 64 -8.58 -27.02 -36.26
CA ILE B 64 -9.68 -27.94 -36.06
C ILE B 64 -10.97 -27.14 -36.14
N GLY B 65 -11.62 -27.23 -37.30
CA GLY B 65 -12.86 -26.50 -37.54
C GLY B 65 -13.99 -27.03 -36.68
N PRO B 66 -15.02 -26.20 -36.44
CA PRO B 66 -16.16 -26.61 -35.61
C PRO B 66 -16.91 -27.81 -36.17
N GLU B 67 -16.73 -28.06 -37.48
CA GLU B 67 -17.36 -29.21 -38.15
C GLU B 67 -16.61 -30.55 -37.91
N ALA B 68 -15.38 -30.48 -37.42
CA ALA B 68 -14.66 -31.71 -37.02
C ALA B 68 -15.46 -32.46 -35.96
N GLN B 69 -15.69 -33.76 -36.20
CA GLN B 69 -16.43 -34.62 -35.27
C GLN B 69 -15.48 -35.38 -34.37
N PRO B 70 -15.97 -35.81 -33.18
CA PRO B 70 -15.11 -36.71 -32.41
C PRO B 70 -14.80 -37.98 -33.25
N GLY B 71 -13.56 -38.43 -33.13
CA GLY B 71 -13.06 -39.60 -33.86
C GLY B 71 -11.55 -39.63 -33.82
N SER B 72 -10.96 -40.41 -34.73
CA SER B 72 -9.50 -40.52 -34.79
C SER B 72 -9.02 -40.50 -36.23
N PHE B 73 -7.77 -40.11 -36.40
CA PHE B 73 -7.14 -40.06 -37.72
C PHE B 73 -5.65 -40.27 -37.56
N ASP B 74 -5.04 -40.91 -38.55
CA ASP B 74 -3.61 -41.07 -38.55
C ASP B 74 -2.92 -39.79 -38.99
N ILE B 75 -1.92 -39.39 -38.21
CA ILE B 75 -0.95 -38.42 -38.69
C ILE B 75 0.27 -39.20 -39.12
N VAL B 76 0.60 -39.07 -40.39
CA VAL B 76 1.73 -39.81 -40.97
C VAL B 76 2.91 -38.88 -41.17
N PHE B 77 4.08 -39.36 -40.75
CA PHE B 77 5.33 -38.61 -40.84
C PHE B 77 6.30 -39.31 -41.78
N LYS B 78 6.57 -38.66 -42.92
CA LYS B 78 7.38 -39.27 -43.97
C LYS B 78 8.65 -38.48 -44.19
N GLY B 79 9.76 -39.20 -44.33
CA GLY B 79 11.03 -38.62 -44.76
C GLY B 79 12.15 -39.66 -44.82
N ASP B 80 13.15 -39.40 -45.67
CA ASP B 80 14.36 -40.25 -45.77
C ASP B 80 14.07 -41.72 -46.09
N GLY B 81 12.98 -41.97 -46.80
CA GLY B 81 12.58 -43.33 -47.14
C GLY B 81 11.90 -44.08 -46.00
N ARG B 82 11.49 -43.36 -44.95
CA ARG B 82 10.65 -44.00 -43.93
C ARG B 82 9.37 -43.24 -43.63
N SER B 83 8.45 -43.93 -42.97
CA SER B 83 7.21 -43.33 -42.52
C SER B 83 6.92 -43.77 -41.10
N GLU B 84 6.40 -42.84 -40.30
CA GLU B 84 5.98 -43.11 -38.94
C GLU B 84 4.55 -42.62 -38.78
N ARG B 85 3.76 -43.33 -37.98
CA ARG B 85 2.36 -42.98 -37.78
C ARG B 85 2.06 -42.65 -36.31
N TYR B 86 1.05 -41.80 -36.11
CA TYR B 86 0.42 -41.62 -34.81
C TYR B 86 -1.09 -41.50 -35.03
N ARG B 87 -1.88 -42.39 -34.42
CA ARG B 87 -3.35 -42.27 -34.44
C ARG B 87 -3.78 -41.17 -33.45
N TYR B 88 -4.20 -40.03 -33.99
CA TYR B 88 -4.64 -38.89 -33.17
C TYR B 88 -6.13 -38.91 -32.89
N ARG B 89 -6.49 -38.69 -31.62
CA ARG B 89 -7.88 -38.75 -31.23
C ARG B 89 -8.42 -37.38 -30.84
N LEU B 90 -9.61 -37.09 -31.35
CA LEU B 90 -10.40 -35.93 -30.95
C LEU B 90 -11.54 -36.48 -30.12
N LEU B 91 -11.54 -36.13 -28.84
CA LEU B 91 -12.60 -36.58 -27.94
C LEU B 91 -13.83 -35.68 -28.03
N ALA B 92 -15.00 -36.26 -27.80
CA ALA B 92 -16.21 -35.49 -27.51
C ALA B 92 -16.10 -34.91 -26.11
N ARG B 93 -16.42 -33.63 -26.00
CA ARG B 93 -16.46 -32.93 -24.73
C ARG B 93 -17.71 -33.27 -23.90
N GLU B 94 -17.55 -33.27 -22.58
CA GLU B 94 -18.70 -33.46 -21.68
C GLU B 94 -19.70 -32.32 -21.85
N GLN B 95 -20.98 -32.64 -21.73
CA GLN B 95 -22.02 -31.62 -21.78
C GLN B 95 -21.75 -30.63 -20.66
N GLY B 96 -21.77 -29.35 -21.01
CA GLY B 96 -21.52 -28.28 -20.04
C GLY B 96 -20.05 -27.99 -19.72
N SER B 97 -19.13 -28.65 -20.43
CA SER B 97 -17.70 -28.47 -20.18
C SER B 97 -17.27 -27.01 -20.19
N ALA B 98 -17.60 -26.28 -21.26
CA ALA B 98 -17.04 -24.93 -21.41
C ALA B 98 -17.57 -24.03 -20.31
N GLN B 99 -18.82 -24.26 -19.91
CA GLN B 99 -19.48 -23.40 -18.90
C GLN B 99 -19.25 -23.85 -17.46
N ARG B 100 -18.35 -24.82 -17.27
CA ARG B 100 -18.04 -25.33 -15.91
C ARG B 100 -17.94 -24.18 -14.90
N GLN B 101 -18.60 -24.33 -13.75
CA GLN B 101 -18.53 -23.31 -12.71
C GLN B 101 -17.22 -23.42 -11.90
N GLY B 102 -16.38 -22.40 -12.00
CA GLY B 102 -15.17 -22.31 -11.18
C GLY B 102 -15.46 -22.06 -9.70
N PHE B 103 -14.46 -22.33 -8.86
CA PHE B 103 -14.64 -22.07 -7.45
C PHE B 103 -14.90 -20.58 -7.24
N GLY B 104 -15.67 -20.27 -6.20
CA GLY B 104 -16.05 -18.89 -5.92
C GLY B 104 -16.32 -18.65 -4.45
N PRO B 105 -16.89 -17.47 -4.14
CA PRO B 105 -17.12 -17.02 -2.74
C PRO B 105 -17.92 -18.01 -1.88
N GLY B 106 -18.79 -18.84 -2.49
CA GLY B 106 -19.55 -19.83 -1.71
C GLY B 106 -18.75 -21.09 -1.35
N ASP B 107 -17.55 -21.20 -1.90
CA ASP B 107 -16.73 -22.38 -1.70
C ASP B 107 -15.79 -22.19 -0.53
N ALA B 108 -15.27 -23.32 -0.04
CA ALA B 108 -14.11 -23.28 0.89
C ALA B 108 -13.13 -24.34 0.43
N ILE B 109 -11.85 -23.95 0.33
CA ILE B 109 -10.84 -24.80 -0.30
C ILE B 109 -10.02 -25.48 0.81
N TYR B 110 -9.84 -26.79 0.66
CA TYR B 110 -8.94 -27.54 1.56
C TYR B 110 -7.68 -27.83 0.77
N GLN B 111 -6.52 -27.42 1.32
CA GLN B 111 -5.25 -27.60 0.64
C GLN B 111 -4.45 -28.77 1.26
N ILE B 112 -3.92 -29.63 0.40
CA ILE B 112 -2.99 -30.68 0.84
C ILE B 112 -1.70 -30.67 0.03
N MET B 113 -0.64 -31.26 0.62
CA MET B 113 0.48 -31.75 -0.19
C MET B 113 0.29 -33.28 -0.31
N PRO B 114 0.11 -33.80 -1.54
CA PRO B 114 -0.20 -35.21 -1.77
C PRO B 114 0.82 -36.14 -1.09
N ASP B 115 2.12 -35.79 -1.11
CA ASP B 115 3.12 -36.68 -0.48
C ASP B 115 2.94 -36.78 1.05
N ARG B 116 2.28 -35.78 1.64
CA ARG B 116 2.27 -35.62 3.10
C ARG B 116 0.90 -35.84 3.77
N PHE B 117 -0.13 -36.16 2.98
CA PHE B 117 -1.48 -36.30 3.49
C PHE B 117 -1.81 -37.75 3.86
N ALA B 118 -1.84 -38.67 2.86
CA ALA B 118 -2.23 -40.04 3.19
C ALA B 118 -1.59 -41.04 2.25
N ASN B 119 -0.92 -42.02 2.84
CA ASN B 119 -0.25 -43.07 2.08
C ASN B 119 -1.18 -44.25 1.95
N GLY B 120 -2.03 -44.21 0.93
CA GLY B 120 -3.01 -45.30 0.73
C GLY B 120 -2.39 -46.56 0.13
N ASP B 121 -1.23 -46.43 -0.48
CA ASP B 121 -0.59 -47.53 -1.17
C ASP B 121 0.91 -47.48 -0.93
N PRO B 122 1.38 -48.19 0.11
CA PRO B 122 2.81 -48.20 0.38
C PRO B 122 3.65 -48.76 -0.78
N SER B 123 3.04 -49.57 -1.66
CA SER B 123 3.81 -50.18 -2.77
C SER B 123 4.33 -49.19 -3.82
N ASN B 124 3.73 -48.00 -3.93
CA ASN B 124 4.21 -46.99 -4.88
C ASN B 124 5.13 -45.92 -4.25
N ASP B 125 5.54 -46.11 -2.99
CA ASP B 125 6.45 -45.15 -2.34
C ASP B 125 7.74 -44.99 -3.12
N ASN B 126 8.23 -46.12 -3.64
CA ASN B 126 9.30 -46.14 -4.61
C ASN B 126 8.79 -46.77 -5.88
N VAL B 127 9.27 -46.26 -7.00
CA VAL B 127 8.93 -46.78 -8.33
C VAL B 127 10.25 -47.07 -9.03
N ALA B 128 10.42 -48.32 -9.47
CA ALA B 128 11.67 -48.72 -10.08
C ALA B 128 11.97 -47.80 -11.26
N GLY B 129 13.21 -47.34 -11.33
CA GLY B 129 13.62 -46.43 -12.38
C GLY B 129 13.77 -45.00 -11.89
N MET B 130 13.06 -44.65 -10.83
CA MET B 130 13.07 -43.26 -10.35
C MET B 130 14.31 -42.92 -9.54
N ARG B 131 14.62 -41.63 -9.46
CA ARG B 131 15.89 -41.14 -8.95
C ARG B 131 15.98 -41.00 -7.43
N GLU B 132 14.82 -40.96 -6.76
CA GLU B 132 14.81 -40.77 -5.31
C GLU B 132 14.16 -41.92 -4.58
N GLN B 133 14.81 -42.36 -3.49
CA GLN B 133 14.21 -43.32 -2.59
C GLN B 133 13.46 -42.63 -1.46
N ALA B 134 12.29 -43.18 -1.12
CA ALA B 134 11.46 -42.63 -0.03
C ALA B 134 12.19 -42.70 1.31
N ASP B 135 11.95 -41.70 2.15
CA ASP B 135 12.51 -41.68 3.52
C ASP B 135 11.58 -40.85 4.37
N ARG B 136 10.72 -41.53 5.12
CA ARG B 136 9.72 -40.87 5.95
C ARG B 136 10.33 -40.01 7.09
N ARG B 137 11.53 -40.36 7.56
CA ARG B 137 12.17 -39.60 8.64
C ARG B 137 12.94 -38.34 8.15
N HIS B 138 13.12 -38.20 6.84
CA HIS B 138 13.81 -37.02 6.28
C HIS B 138 12.80 -35.90 6.02
N GLY B 139 13.01 -34.74 6.62
CA GLY B 139 12.05 -33.62 6.47
C GLY B 139 11.85 -33.16 5.03
N GLY B 140 12.84 -33.40 4.19
CA GLY B 140 12.76 -33.03 2.77
C GLY B 140 12.59 -34.25 1.86
N GLY B 141 12.29 -35.40 2.47
CA GLY B 141 12.19 -36.65 1.71
C GLY B 141 10.77 -36.90 1.22
N ARG B 142 10.61 -38.00 0.46
CA ARG B 142 9.28 -38.48 0.10
C ARG B 142 8.81 -39.37 1.22
N HIS B 143 7.59 -39.12 1.67
CA HIS B 143 7.04 -39.91 2.78
C HIS B 143 6.03 -40.97 2.34
N GLY B 144 5.51 -40.79 1.13
CA GLY B 144 4.73 -41.80 0.43
C GLY B 144 3.25 -41.51 0.28
N GLY B 145 2.80 -40.28 0.56
CA GLY B 145 1.37 -40.01 0.38
C GLY B 145 1.07 -40.10 -1.11
N ASP B 146 -0.18 -40.42 -1.44
CA ASP B 146 -0.53 -40.72 -2.83
C ASP B 146 -2.01 -40.50 -3.11
N ILE B 147 -2.42 -40.70 -4.37
CA ILE B 147 -3.83 -40.45 -4.77
C ILE B 147 -4.84 -41.39 -4.09
N ARG B 148 -4.51 -42.69 -4.04
CA ARG B 148 -5.32 -43.65 -3.28
C ARG B 148 -5.61 -43.14 -1.88
N GLY B 149 -4.57 -42.69 -1.17
CA GLY B 149 -4.74 -42.15 0.20
C GLY B 149 -5.67 -40.93 0.21
N THR B 150 -5.46 -40.00 -0.71
CA THR B 150 -6.36 -38.82 -0.84
C THR B 150 -7.81 -39.23 -1.10
N ILE B 151 -8.02 -40.09 -2.09
CA ILE B 151 -9.38 -40.60 -2.37
C ILE B 151 -10.04 -41.26 -1.14
N ASP B 152 -9.25 -42.01 -0.37
CA ASP B 152 -9.68 -42.74 0.81
C ASP B 152 -10.32 -41.77 1.82
N HIS B 153 -9.89 -40.51 1.78
CA HIS B 153 -10.31 -39.56 2.81
C HIS B 153 -11.07 -38.34 2.31
N LEU B 154 -11.57 -38.41 1.08
CA LEU B 154 -12.52 -37.39 0.60
C LEU B 154 -13.74 -37.22 1.49
N ASP B 155 -14.30 -38.31 2.03
CA ASP B 155 -15.44 -38.18 2.95
C ASP B 155 -15.10 -37.29 4.15
N TYR B 156 -13.87 -37.44 4.65
CA TYR B 156 -13.41 -36.62 5.79
C TYR B 156 -13.38 -35.13 5.39
N ILE B 157 -12.75 -34.86 4.25
CA ILE B 157 -12.61 -33.46 3.77
C ILE B 157 -13.98 -32.80 3.54
N ALA B 158 -14.88 -33.52 2.84
CA ALA B 158 -16.22 -33.01 2.57
C ALA B 158 -16.98 -32.89 3.88
N GLY B 159 -16.78 -33.85 4.79
CA GLY B 159 -17.40 -33.81 6.11
C GLY B 159 -17.03 -32.57 6.91
N LEU B 160 -15.83 -32.07 6.72
CA LEU B 160 -15.37 -30.86 7.42
C LEU B 160 -16.08 -29.61 6.90
N GLY B 161 -16.70 -29.71 5.73
CA GLY B 161 -17.40 -28.57 5.16
C GLY B 161 -16.71 -27.92 3.97
N PHE B 162 -15.63 -28.55 3.49
CA PHE B 162 -14.90 -28.04 2.33
C PHE B 162 -15.54 -28.46 1.03
N THR B 163 -15.46 -27.59 0.03
CA THR B 163 -16.10 -27.85 -1.26
C THR B 163 -15.14 -27.86 -2.43
N GLN B 164 -13.84 -27.70 -2.15
CA GLN B 164 -12.84 -27.74 -3.19
C GLN B 164 -11.59 -28.34 -2.58
N LEU B 165 -10.87 -29.11 -3.38
CA LEU B 165 -9.57 -29.70 -2.95
C LEU B 165 -8.49 -29.08 -3.83
N TRP B 166 -7.48 -28.47 -3.20
CA TRP B 166 -6.28 -28.01 -3.90
C TRP B 166 -5.07 -28.82 -3.40
N PRO B 167 -4.62 -29.79 -4.22
CA PRO B 167 -3.33 -30.41 -3.92
C PRO B 167 -2.18 -29.69 -4.60
N THR B 168 -1.04 -29.56 -3.91
CA THR B 168 0.18 -29.05 -4.57
C THR B 168 0.54 -30.05 -5.73
N PRO B 169 1.43 -29.68 -6.67
CA PRO B 169 1.48 -30.43 -7.95
C PRO B 169 1.79 -31.92 -7.81
N LEU B 170 1.07 -32.71 -8.61
CA LEU B 170 1.22 -34.18 -8.65
C LEU B 170 2.01 -34.61 -9.90
N VAL B 171 2.30 -33.66 -10.80
CA VAL B 171 3.02 -33.98 -12.03
C VAL B 171 4.43 -34.47 -11.68
N GLU B 172 4.95 -35.34 -12.55
CA GLU B 172 6.24 -35.97 -12.33
C GLU B 172 7.34 -35.01 -11.90
N ASN B 173 7.99 -35.35 -10.78
CA ASN B 173 9.18 -34.64 -10.31
C ASN B 173 10.28 -35.65 -10.06
N ASP B 174 11.00 -36.06 -11.11
CA ASP B 174 11.94 -37.19 -10.96
C ASP B 174 13.31 -36.64 -10.64
N ALA B 175 13.42 -36.02 -9.47
CA ALA B 175 14.70 -35.41 -9.06
C ALA B 175 15.42 -36.40 -8.16
N ALA B 176 16.71 -36.19 -7.96
CA ALA B 176 17.50 -37.03 -7.02
C ALA B 176 17.25 -36.69 -5.55
N ALA B 177 16.78 -35.46 -5.31
CA ALA B 177 16.52 -34.98 -3.96
C ALA B 177 15.38 -33.96 -4.05
N TYR B 178 14.63 -33.84 -2.94
CA TYR B 178 13.50 -32.89 -2.83
C TYR B 178 12.45 -33.01 -3.94
N SER B 179 12.25 -34.22 -4.44
CA SER B 179 11.15 -34.49 -5.37
C SER B 179 9.74 -34.29 -4.78
N TYR B 180 9.60 -34.38 -3.45
CA TYR B 180 8.29 -34.57 -2.88
C TYR B 180 7.36 -33.38 -3.10
N HIS B 181 7.95 -32.17 -3.27
CA HIS B 181 7.11 -30.94 -3.20
C HIS B 181 6.35 -30.64 -4.50
N GLY B 182 6.84 -31.21 -5.60
CA GLY B 182 6.08 -31.15 -6.87
C GLY B 182 6.35 -29.92 -7.74
N TYR B 183 7.11 -28.93 -7.26
CA TYR B 183 7.24 -27.64 -7.97
C TYR B 183 8.29 -27.61 -9.07
N ALA B 184 8.92 -28.76 -9.36
CA ALA B 184 9.96 -28.80 -10.38
C ALA B 184 9.62 -29.92 -11.39
N ALA B 185 8.67 -29.64 -12.28
CA ALA B 185 8.11 -30.71 -13.16
C ALA B 185 9.19 -31.27 -14.08
N THR B 186 9.17 -32.61 -14.23
CA THR B 186 10.05 -33.30 -15.19
C THR B 186 9.24 -33.93 -16.33
N ASP B 187 7.91 -33.90 -16.20
CA ASP B 187 6.99 -34.32 -17.26
C ASP B 187 5.63 -33.71 -16.95
N HIS B 188 5.28 -32.66 -17.71
CA HIS B 188 3.98 -31.95 -17.55
C HIS B 188 2.73 -32.76 -17.93
N TYR B 189 2.92 -33.86 -18.68
CA TYR B 189 1.77 -34.68 -19.09
C TYR B 189 1.65 -35.98 -18.33
N ARG B 190 2.36 -36.07 -17.21
CA ARG B 190 2.33 -37.31 -16.46
C ARG B 190 2.31 -37.08 -14.95
N ILE B 191 1.34 -37.70 -14.29
CA ILE B 191 1.29 -37.81 -12.80
C ILE B 191 2.54 -38.56 -12.35
N ASP B 192 3.22 -38.06 -11.31
CA ASP B 192 4.37 -38.78 -10.78
C ASP B 192 3.88 -40.19 -10.38
N PRO B 193 4.53 -41.25 -10.93
CA PRO B 193 4.10 -42.62 -10.68
C PRO B 193 4.03 -43.01 -9.18
N ARG B 194 4.78 -42.30 -8.32
CA ARG B 194 4.63 -42.56 -6.87
C ARG B 194 3.28 -42.08 -6.30
N TYR B 195 2.61 -41.14 -6.99
CA TYR B 195 1.25 -40.75 -6.63
C TYR B 195 0.17 -41.66 -7.23
N GLY B 196 0.45 -42.14 -8.44
CA GLY B 196 -0.47 -43.01 -9.15
C GLY B 196 -0.37 -42.66 -10.63
N SER B 197 -1.41 -43.02 -11.37
CA SER B 197 -1.45 -42.79 -12.83
C SER B 197 -2.27 -41.54 -13.16
N ASN B 198 -2.16 -41.08 -14.42
CA ASN B 198 -3.08 -40.06 -14.95
C ASN B 198 -4.55 -40.44 -14.70
N GLU B 199 -4.89 -41.71 -14.93
CA GLU B 199 -6.25 -42.20 -14.73
C GLU B 199 -6.74 -42.07 -13.27
N ASP B 200 -5.83 -42.33 -12.31
CA ASP B 200 -6.11 -42.14 -10.88
C ASP B 200 -6.41 -40.66 -10.57
N PHE B 201 -5.74 -39.75 -11.28
CA PHE B 201 -6.00 -38.29 -11.07
C PHE B 201 -7.39 -37.91 -11.57
N VAL B 202 -7.76 -38.38 -12.76
CA VAL B 202 -9.15 -38.23 -13.22
C VAL B 202 -10.15 -38.82 -12.21
N ARG B 203 -9.83 -40.00 -11.67
CA ARG B 203 -10.69 -40.62 -10.68
C ARG B 203 -10.78 -39.80 -9.38
N LEU B 204 -9.66 -39.23 -8.96
CA LEU B 204 -9.69 -38.30 -7.81
C LEU B 204 -10.70 -37.17 -8.07
N SER B 205 -10.66 -36.58 -9.27
CA SER B 205 -11.64 -35.56 -9.65
C SER B 205 -13.10 -36.07 -9.62
N THR B 206 -13.35 -37.23 -10.22
CA THR B 206 -14.72 -37.74 -10.26
C THR B 206 -15.25 -38.13 -8.88
N GLU B 207 -14.38 -38.71 -8.04
CA GLU B 207 -14.76 -39.09 -6.68
C GLU B 207 -15.00 -37.87 -5.79
N ALA B 208 -14.18 -36.83 -5.98
CA ALA B 208 -14.38 -35.57 -5.26
C ALA B 208 -15.74 -34.99 -5.66
N ARG B 209 -16.03 -34.98 -6.96
CA ARG B 209 -17.29 -34.42 -7.46
C ARG B 209 -18.53 -35.10 -6.90
N LYS B 210 -18.46 -36.43 -6.73
CA LYS B 210 -19.56 -37.19 -6.18
C LYS B 210 -19.83 -36.74 -4.76
N ARG B 211 -18.80 -36.19 -4.11
CA ARG B 211 -18.93 -35.68 -2.74
C ARG B 211 -19.15 -34.16 -2.65
N GLY B 212 -19.53 -33.55 -3.77
CA GLY B 212 -19.76 -32.10 -3.82
C GLY B 212 -18.50 -31.23 -3.74
N MET B 213 -17.36 -31.77 -4.16
CA MET B 213 -16.09 -31.02 -4.17
C MET B 213 -15.49 -30.86 -5.57
N GLY B 214 -15.02 -29.66 -5.87
CA GLY B 214 -14.25 -29.42 -7.07
C GLY B 214 -12.78 -29.76 -6.83
N LEU B 215 -12.03 -29.86 -7.92
CA LEU B 215 -10.60 -30.12 -7.84
C LEU B 215 -9.83 -28.98 -8.52
N ILE B 216 -8.87 -28.41 -7.80
CA ILE B 216 -8.09 -27.28 -8.27
C ILE B 216 -6.64 -27.73 -8.42
N GLN B 217 -6.12 -27.65 -9.65
CA GLN B 217 -4.75 -28.10 -9.91
C GLN B 217 -3.78 -26.94 -9.71
N ASP B 218 -2.62 -27.29 -9.14
CA ASP B 218 -1.54 -26.39 -8.88
C ASP B 218 -0.60 -26.43 -10.08
N VAL B 219 -0.54 -25.32 -10.81
CA VAL B 219 0.29 -25.27 -12.02
C VAL B 219 1.47 -24.32 -11.94
N VAL B 220 2.61 -24.82 -12.39
CA VAL B 220 3.80 -24.01 -12.51
C VAL B 220 4.01 -23.68 -14.00
N LEU B 221 4.11 -22.38 -14.26
CA LEU B 221 4.33 -21.88 -15.61
C LEU B 221 5.76 -21.43 -15.86
N SER B 222 6.42 -20.88 -14.85
CA SER B 222 7.69 -20.22 -15.06
C SER B 222 8.89 -21.17 -15.23
N HIS B 223 8.83 -22.31 -14.55
CA HIS B 223 9.99 -23.19 -14.46
C HIS B 223 9.67 -24.69 -14.48
N ILE B 224 10.72 -25.45 -14.75
CA ILE B 224 10.65 -26.90 -14.70
C ILE B 224 11.76 -27.40 -13.76
N GLY B 225 11.89 -28.72 -13.61
CA GLY B 225 13.02 -29.29 -12.86
C GLY B 225 14.19 -29.58 -13.79
N LYS B 226 15.40 -29.56 -13.22
CA LYS B 226 16.59 -29.76 -14.02
C LYS B 226 16.65 -31.15 -14.67
N HIS B 227 15.88 -32.10 -14.13
CA HIS B 227 15.82 -33.46 -14.67
C HIS B 227 14.72 -33.68 -15.71
N HIS B 228 14.08 -32.59 -16.13
CA HIS B 228 13.11 -32.71 -17.21
C HIS B 228 13.84 -33.28 -18.45
N TRP B 229 13.18 -34.19 -19.15
CA TRP B 229 13.77 -34.80 -20.37
C TRP B 229 14.16 -33.79 -21.46
N TRP B 230 13.49 -32.62 -21.50
CA TRP B 230 13.95 -31.54 -22.37
C TRP B 230 15.40 -31.14 -22.18
N MET B 231 15.91 -31.20 -20.94
CA MET B 231 17.21 -30.66 -20.62
C MET B 231 18.35 -31.45 -21.26
N LYS B 232 18.05 -32.68 -21.69
CA LYS B 232 19.04 -33.56 -22.36
C LYS B 232 19.21 -33.19 -23.82
N ASP B 233 18.22 -32.52 -24.41
CA ASP B 233 18.22 -32.22 -25.83
C ASP B 233 17.23 -31.07 -26.04
N LEU B 234 17.72 -29.86 -25.78
CA LEU B 234 16.86 -28.65 -25.77
C LEU B 234 16.09 -28.53 -27.08
N PRO B 235 14.76 -28.43 -27.01
CA PRO B 235 13.93 -28.38 -28.22
C PRO B 235 14.34 -27.25 -29.16
N THR B 236 14.66 -26.09 -28.59
CA THR B 236 15.29 -24.99 -29.33
C THR B 236 16.39 -24.45 -28.45
N PRO B 237 17.38 -23.75 -29.04
CA PRO B 237 18.44 -23.10 -28.26
C PRO B 237 17.94 -22.09 -27.21
N ASP B 238 16.76 -21.51 -27.46
CA ASP B 238 16.21 -20.47 -26.57
C ASP B 238 14.97 -20.97 -25.79
N TRP B 239 14.78 -22.27 -25.71
CA TRP B 239 13.61 -22.83 -25.01
C TRP B 239 13.68 -22.43 -23.53
N ILE B 240 14.91 -22.46 -23.00
CA ILE B 240 15.19 -22.12 -21.61
C ILE B 240 15.88 -20.77 -21.60
N ASN B 241 15.44 -19.88 -20.71
CA ASN B 241 16.11 -18.60 -20.59
C ASN B 241 17.63 -18.70 -20.30
N TYR B 242 18.38 -17.71 -20.79
CA TYR B 242 19.84 -17.66 -20.60
C TYR B 242 20.56 -18.86 -21.24
N GLY B 243 20.04 -19.26 -22.40
CA GLY B 243 20.59 -20.38 -23.19
C GLY B 243 20.63 -21.74 -22.50
N GLY B 244 19.73 -21.96 -21.55
CA GLY B 244 19.72 -23.20 -20.78
C GLY B 244 20.78 -23.31 -19.69
N LYS B 245 21.46 -22.21 -19.38
CA LYS B 245 22.38 -22.20 -18.25
C LYS B 245 21.86 -21.35 -17.10
N PHE B 246 22.19 -21.78 -15.89
CA PHE B 246 21.75 -21.13 -14.65
C PHE B 246 22.20 -19.66 -14.53
N VAL B 247 21.22 -18.75 -14.48
CA VAL B 247 21.45 -17.37 -14.16
C VAL B 247 20.34 -17.06 -13.16
N PRO B 248 20.71 -16.78 -11.88
CA PRO B 248 19.65 -16.70 -10.85
C PRO B 248 18.83 -15.43 -10.93
N THR B 249 17.56 -15.56 -10.55
CA THR B 249 16.79 -14.35 -10.25
C THR B 249 17.16 -13.81 -8.86
N GLN B 250 17.09 -12.48 -8.74
CA GLN B 250 17.25 -11.79 -7.45
C GLN B 250 15.86 -11.35 -6.88
N HIS B 251 14.80 -11.77 -7.57
CA HIS B 251 13.42 -11.61 -7.02
C HIS B 251 12.92 -10.18 -6.82
N HIS B 252 13.32 -9.27 -7.72
CA HIS B 252 12.80 -7.91 -7.70
C HIS B 252 11.41 -7.86 -8.32
N ARG B 253 10.42 -8.31 -7.53
CA ARG B 253 9.04 -8.51 -8.05
C ARG B 253 8.40 -7.21 -8.50
N VAL B 254 8.72 -6.09 -7.83
CA VAL B 254 8.04 -4.83 -8.23
C VAL B 254 8.56 -4.33 -9.58
N ALA B 255 9.69 -4.87 -10.05
CA ALA B 255 10.32 -4.41 -11.31
C ALA B 255 9.43 -4.55 -12.54
N VAL B 256 8.48 -5.48 -12.49
CA VAL B 256 7.54 -5.61 -13.62
C VAL B 256 6.42 -4.60 -13.58
N GLN B 257 6.33 -3.86 -12.48
CA GLN B 257 5.21 -2.92 -12.28
C GLN B 257 5.64 -1.65 -11.55
N ASP B 258 6.71 -1.04 -12.06
CA ASP B 258 7.36 0.09 -11.38
C ASP B 258 7.73 1.14 -12.43
N PRO B 259 7.26 2.39 -12.27
CA PRO B 259 7.58 3.44 -13.28
C PRO B 259 9.09 3.69 -13.40
N TYR B 260 9.82 3.37 -12.32
CA TYR B 260 11.26 3.64 -12.31
C TYR B 260 12.12 2.39 -12.60
N ALA B 261 11.49 1.34 -13.09
CA ALA B 261 12.13 0.04 -13.24
C ALA B 261 13.26 0.13 -14.25
N ALA B 262 14.33 -0.59 -13.94
CA ALA B 262 15.33 -0.97 -14.93
C ALA B 262 14.90 -2.24 -15.69
N GLN B 263 15.09 -2.24 -17.00
CA GLN B 263 14.91 -3.47 -17.78
C GLN B 263 15.73 -4.63 -17.23
N ALA B 264 16.92 -4.33 -16.70
CA ALA B 264 17.75 -5.41 -16.13
C ALA B 264 16.98 -6.13 -15.03
N ASP B 265 16.30 -5.35 -14.19
CA ASP B 265 15.55 -5.95 -13.07
C ASP B 265 14.30 -6.68 -13.52
N SER B 266 13.54 -6.09 -14.45
CA SER B 266 12.32 -6.75 -14.90
C SER B 266 12.64 -8.07 -15.66
N GLU B 267 13.64 -8.02 -16.54
CA GLU B 267 14.15 -9.23 -17.17
C GLU B 267 14.65 -10.28 -16.18
N ASN B 268 15.37 -9.84 -15.17
CA ASN B 268 15.88 -10.76 -14.18
C ASN B 268 14.75 -11.44 -13.39
N PHE B 269 13.63 -10.74 -13.22
CA PHE B 269 12.51 -11.33 -12.51
C PHE B 269 11.78 -12.41 -13.34
N THR B 270 11.55 -12.13 -14.63
CA THR B 270 10.76 -13.04 -15.47
C THR B 270 11.59 -14.08 -16.17
N LYS B 271 12.90 -13.83 -16.28
CA LYS B 271 13.82 -14.74 -16.99
C LYS B 271 14.81 -15.46 -16.08
N GLY B 272 15.15 -14.84 -14.95
CA GLY B 272 16.08 -15.42 -14.00
C GLY B 272 15.57 -16.74 -13.43
N TRP B 273 16.50 -17.66 -13.20
CA TRP B 273 16.13 -18.94 -12.65
C TRP B 273 15.82 -18.86 -11.16
N PHE B 274 14.73 -19.50 -10.75
CA PHE B 274 14.30 -19.47 -9.33
C PHE B 274 15.40 -20.00 -8.40
N VAL B 275 15.90 -21.18 -8.76
CA VAL B 275 17.09 -21.78 -8.15
C VAL B 275 17.79 -22.54 -9.27
N GLU B 276 19.02 -22.99 -9.00
CA GLU B 276 19.78 -23.75 -10.00
C GLU B 276 19.06 -25.00 -10.49
N GLY B 277 18.25 -25.60 -9.62
CA GLY B 277 17.52 -26.83 -9.98
C GLY B 277 16.22 -26.58 -10.72
N MET B 278 15.94 -25.30 -11.03
CA MET B 278 14.68 -24.92 -11.70
C MET B 278 14.87 -24.07 -12.98
N PRO B 279 15.26 -24.75 -14.09
CA PRO B 279 15.41 -24.07 -15.38
C PRO B 279 14.17 -23.24 -15.72
N ASP B 280 14.43 -22.02 -16.18
CA ASP B 280 13.36 -21.04 -16.42
C ASP B 280 12.90 -21.08 -17.89
N LEU B 281 11.60 -21.29 -18.08
CA LEU B 281 11.00 -21.37 -19.43
C LEU B 281 10.95 -20.01 -20.13
N ASN B 282 11.44 -19.97 -21.38
CA ASN B 282 11.40 -18.76 -22.18
C ASN B 282 10.03 -18.60 -22.84
N GLN B 283 9.12 -17.93 -22.14
CA GLN B 283 7.72 -17.84 -22.62
C GLN B 283 7.54 -16.79 -23.74
N THR B 284 8.62 -16.09 -24.10
CA THR B 284 8.58 -15.18 -25.25
C THR B 284 8.72 -15.99 -26.55
N ASN B 285 9.15 -17.24 -26.43
CA ASN B 285 9.11 -18.17 -27.57
C ASN B 285 7.69 -18.67 -27.74
N PRO B 286 7.05 -18.35 -28.89
CA PRO B 286 5.65 -18.78 -29.04
C PRO B 286 5.41 -20.28 -28.86
N LEU B 287 6.43 -21.11 -29.14
CA LEU B 287 6.28 -22.55 -28.99
C LEU B 287 6.13 -22.94 -27.51
N VAL B 288 6.89 -22.22 -26.68
CA VAL B 288 6.83 -22.39 -25.21
C VAL B 288 5.48 -21.90 -24.68
N ALA B 289 5.08 -20.68 -25.06
CA ALA B 289 3.74 -20.17 -24.70
C ALA B 289 2.63 -21.16 -25.07
N ASN B 290 2.61 -21.61 -26.34
CA ASN B 290 1.57 -22.55 -26.79
C ASN B 290 1.58 -23.83 -25.99
N TYR B 291 2.78 -24.32 -25.69
CA TYR B 291 2.93 -25.56 -24.95
C TYR B 291 2.24 -25.49 -23.59
N LEU B 292 2.53 -24.42 -22.86
CA LEU B 292 2.02 -24.26 -21.50
C LEU B 292 0.51 -24.08 -21.51
N ILE B 293 0.03 -23.19 -22.40
CA ILE B 293 -1.40 -22.91 -22.53
C ILE B 293 -2.18 -24.20 -22.86
N GLN B 294 -1.68 -24.95 -23.85
CA GLN B 294 -2.35 -26.18 -24.22
C GLN B 294 -2.29 -27.23 -23.12
N ASN B 295 -1.15 -27.33 -22.44
CA ASN B 295 -1.03 -28.34 -21.38
C ASN B 295 -2.02 -28.10 -20.24
N ASN B 296 -2.14 -26.84 -19.82
CA ASN B 296 -3.07 -26.54 -18.73
C ASN B 296 -4.53 -26.72 -19.18
N ILE B 297 -4.83 -26.35 -20.43
CA ILE B 297 -6.18 -26.61 -20.94
C ILE B 297 -6.45 -28.12 -20.97
N TRP B 298 -5.45 -28.89 -21.40
CA TRP B 298 -5.55 -30.34 -21.45
C TRP B 298 -5.87 -30.91 -20.09
N TRP B 299 -5.18 -30.43 -19.04
CA TRP B 299 -5.48 -30.92 -17.70
C TRP B 299 -6.90 -30.58 -17.26
N ILE B 300 -7.34 -29.34 -17.55
CA ILE B 300 -8.69 -28.94 -17.16
C ILE B 300 -9.77 -29.82 -17.82
N GLU B 301 -9.63 -30.04 -19.13
CA GLU B 301 -10.63 -30.79 -19.89
C GLU B 301 -10.58 -32.30 -19.56
N TYR B 302 -9.37 -32.80 -19.38
CA TYR B 302 -9.14 -34.22 -19.13
C TYR B 302 -9.58 -34.61 -17.73
N ALA B 303 -9.20 -33.81 -16.74
CA ALA B 303 -9.40 -34.16 -15.33
C ALA B 303 -10.65 -33.51 -14.72
N GLY B 304 -11.35 -32.69 -15.50
CA GLY B 304 -12.59 -32.06 -15.05
C GLY B 304 -12.36 -31.13 -13.87
N LEU B 305 -11.33 -30.29 -14.01
CA LEU B 305 -10.94 -29.38 -12.93
C LEU B 305 -11.95 -28.24 -12.77
N SER B 306 -12.02 -27.69 -11.55
CA SER B 306 -12.87 -26.53 -11.29
C SER B 306 -12.09 -25.21 -11.31
N GLY B 307 -10.78 -25.32 -11.54
CA GLY B 307 -9.97 -24.11 -11.54
C GLY B 307 -8.51 -24.44 -11.30
N LEU B 308 -7.68 -23.41 -11.23
CA LEU B 308 -6.22 -23.58 -11.08
C LEU B 308 -5.71 -22.67 -9.97
N ARG B 309 -4.62 -23.08 -9.34
CA ARG B 309 -3.80 -22.21 -8.50
C ARG B 309 -2.47 -22.09 -9.26
N ILE B 310 -2.07 -20.86 -9.54
CA ILE B 310 -0.96 -20.66 -10.45
C ILE B 310 0.25 -20.18 -9.64
N ASP B 311 1.28 -21.02 -9.63
CA ASP B 311 2.48 -20.77 -8.82
C ASP B 311 3.31 -19.58 -9.33
N THR B 312 4.09 -18.97 -8.46
CA THR B 312 5.16 -18.06 -8.89
C THR B 312 4.67 -17.09 -9.99
N TYR B 313 3.58 -16.40 -9.67
CA TYR B 313 2.77 -15.80 -10.73
C TYR B 313 3.56 -14.84 -11.61
N GLY B 314 4.15 -13.80 -10.99
CA GLY B 314 4.83 -12.75 -11.75
C GLY B 314 6.20 -13.15 -12.30
N TYR B 315 6.66 -14.36 -11.98
CA TYR B 315 7.94 -14.86 -12.53
C TYR B 315 7.79 -15.30 -14.00
N SER B 316 6.57 -15.32 -14.53
CA SER B 316 6.36 -15.60 -15.95
C SER B 316 6.32 -14.29 -16.73
N ASP B 317 6.68 -14.34 -18.01
CA ASP B 317 6.66 -13.17 -18.89
C ASP B 317 5.25 -12.54 -18.88
N GLY B 318 5.21 -11.20 -18.73
CA GLY B 318 3.96 -10.44 -18.56
C GLY B 318 3.03 -10.57 -19.77
N ALA B 319 3.60 -10.43 -20.98
CA ALA B 319 2.77 -10.57 -22.18
C ALA B 319 2.25 -12.02 -22.33
N PHE B 320 3.09 -13.01 -22.05
CA PHE B 320 2.62 -14.39 -22.02
C PHE B 320 1.46 -14.54 -21.04
N LEU B 321 1.57 -13.96 -19.85
CA LEU B 321 0.50 -14.12 -18.89
C LEU B 321 -0.84 -13.54 -19.38
N THR B 322 -0.78 -12.39 -20.07
CA THR B 322 -2.02 -11.81 -20.67
C THR B 322 -2.67 -12.80 -21.62
N GLU B 323 -1.84 -13.40 -22.50
CA GLU B 323 -2.35 -14.38 -23.47
C GLU B 323 -2.80 -15.71 -22.84
N TYR B 324 -2.01 -16.22 -21.89
CA TYR B 324 -2.37 -17.43 -21.17
C TYR B 324 -3.75 -17.24 -20.48
N THR B 325 -3.89 -16.15 -19.72
CA THR B 325 -5.15 -15.94 -18.99
C THR B 325 -6.31 -15.70 -19.97
N ARG B 326 -6.03 -15.00 -21.07
CA ARG B 326 -7.07 -14.82 -22.11
C ARG B 326 -7.51 -16.18 -22.70
N ARG B 327 -6.53 -17.00 -23.10
CA ARG B 327 -6.84 -18.32 -23.67
C ARG B 327 -7.66 -19.21 -22.74
N LEU B 328 -7.24 -19.30 -21.48
CA LEU B 328 -7.91 -20.11 -20.48
C LEU B 328 -9.33 -19.64 -20.20
N MET B 329 -9.49 -18.32 -20.00
CA MET B 329 -10.80 -17.74 -19.70
C MET B 329 -11.75 -17.77 -20.91
N ALA B 330 -11.17 -17.75 -22.11
CA ALA B 330 -11.96 -17.90 -23.35
C ALA B 330 -12.55 -19.31 -23.46
N GLU B 331 -11.76 -20.31 -23.09
CA GLU B 331 -12.27 -21.67 -23.07
C GLU B 331 -13.31 -21.87 -21.99
N TYR B 332 -13.06 -21.32 -20.80
CA TYR B 332 -13.86 -21.60 -19.62
C TYR B 332 -14.26 -20.28 -18.97
N PRO B 333 -15.30 -19.63 -19.51
CA PRO B 333 -15.58 -18.25 -19.04
C PRO B 333 -15.96 -18.08 -17.55
N ARG B 334 -16.36 -19.17 -16.90
CA ARG B 334 -16.79 -19.16 -15.49
C ARG B 334 -15.72 -19.78 -14.58
N LEU B 335 -14.55 -20.07 -15.16
CA LEU B 335 -13.47 -20.69 -14.39
C LEU B 335 -12.97 -19.69 -13.37
N ASN B 336 -12.37 -20.20 -12.29
CA ASN B 336 -11.55 -19.32 -11.47
C ASN B 336 -10.11 -19.84 -11.48
N MET B 337 -9.18 -18.91 -11.44
CA MET B 337 -7.73 -19.22 -11.35
C MET B 337 -7.14 -18.25 -10.33
N VAL B 338 -6.38 -18.78 -9.38
CA VAL B 338 -5.85 -17.93 -8.30
C VAL B 338 -4.34 -17.89 -8.43
N GLY B 339 -3.81 -16.70 -8.73
CA GLY B 339 -2.37 -16.54 -8.87
C GLY B 339 -1.71 -16.32 -7.52
N GLN B 340 -0.50 -16.86 -7.39
CA GLN B 340 0.34 -16.63 -6.21
C GLN B 340 1.35 -15.52 -6.45
N GLU B 341 0.94 -14.26 -6.14
CA GLU B 341 1.87 -13.14 -6.16
C GLU B 341 2.23 -12.90 -4.70
N TRP B 342 3.40 -13.41 -4.30
CA TRP B 342 3.73 -13.42 -2.87
C TRP B 342 4.30 -12.05 -2.41
N SER B 343 3.39 -11.10 -2.18
CA SER B 343 3.71 -9.79 -1.62
C SER B 343 2.64 -9.42 -0.60
N THR B 344 3.09 -8.80 0.49
CA THR B 344 2.19 -8.26 1.49
C THR B 344 1.73 -6.82 1.15
N ARG B 345 2.10 -6.33 -0.04
CA ARG B 345 1.66 -5.00 -0.49
C ARG B 345 0.42 -5.11 -1.38
N VAL B 346 -0.69 -4.56 -0.91
CA VAL B 346 -1.93 -4.61 -1.70
C VAL B 346 -1.73 -4.17 -3.18
N PRO B 347 -1.08 -3.02 -3.44
CA PRO B 347 -0.95 -2.63 -4.84
C PRO B 347 -0.24 -3.66 -5.73
N VAL B 348 0.73 -4.38 -5.17
CA VAL B 348 1.51 -5.38 -5.96
C VAL B 348 0.65 -6.56 -6.36
N VAL B 349 -0.24 -6.99 -5.44
CA VAL B 349 -1.13 -8.11 -5.70
C VAL B 349 -2.22 -7.65 -6.67
N ALA B 350 -2.79 -6.47 -6.40
CA ALA B 350 -3.98 -6.03 -7.16
C ALA B 350 -3.69 -5.81 -8.64
N ARG B 351 -2.42 -5.49 -8.96
CA ARG B 351 -2.00 -5.26 -10.33
C ARG B 351 -2.44 -6.35 -11.32
N TRP B 352 -2.49 -7.58 -10.83
CA TRP B 352 -2.71 -8.74 -11.69
C TRP B 352 -4.16 -9.13 -11.89
N GLN B 353 -5.08 -8.56 -11.12
CA GLN B 353 -6.45 -9.09 -11.17
C GLN B 353 -7.20 -8.54 -12.38
N ARG B 354 -7.95 -9.42 -13.04
CA ARG B 354 -8.79 -9.08 -14.20
C ARG B 354 -9.62 -7.84 -13.82
N GLY B 355 -9.63 -6.85 -14.71
CA GLY B 355 -10.44 -5.62 -14.50
C GLY B 355 -9.64 -4.43 -14.02
N LYS B 356 -8.39 -4.67 -13.61
CA LYS B 356 -7.60 -3.61 -13.02
C LYS B 356 -7.17 -2.61 -14.12
N ALA B 357 -7.36 -1.32 -13.85
CA ALA B 357 -6.81 -0.25 -14.70
C ALA B 357 -5.40 0.09 -14.23
N ASN B 358 -4.39 -0.42 -14.96
CA ASN B 358 -2.97 -0.22 -14.58
C ASN B 358 -2.32 1.00 -15.22
N PHE B 359 -1.39 1.64 -14.49
CA PHE B 359 -0.80 2.91 -14.94
C PHE B 359 -0.10 2.75 -16.29
N ASP B 360 0.35 1.52 -16.56
CA ASP B 360 1.12 1.20 -17.77
C ASP B 360 0.28 0.48 -18.83
N GLY B 361 -1.02 0.37 -18.58
CA GLY B 361 -1.94 -0.26 -19.53
C GLY B 361 -1.89 -1.79 -19.53
N TYR B 362 -1.18 -2.39 -18.58
CA TYR B 362 -1.06 -3.85 -18.51
C TYR B 362 -2.45 -4.46 -18.28
N THR B 363 -2.84 -5.43 -19.12
CA THR B 363 -4.13 -6.09 -19.00
C THR B 363 -3.97 -7.58 -18.64
N SER B 364 -4.80 -8.02 -17.71
CA SER B 364 -4.75 -9.40 -17.25
C SER B 364 -6.17 -9.97 -17.29
N HIS B 365 -6.27 -11.28 -17.47
CA HIS B 365 -7.54 -11.99 -17.35
C HIS B 365 -7.64 -12.92 -16.13
N LEU B 366 -6.68 -12.77 -15.22
CA LEU B 366 -6.61 -13.60 -14.02
C LEU B 366 -7.73 -13.26 -13.02
N PRO B 367 -8.62 -14.22 -12.74
CA PRO B 367 -9.71 -13.81 -11.82
C PRO B 367 -9.41 -13.57 -10.35
N SER B 368 -8.38 -14.23 -9.82
CA SER B 368 -8.17 -14.22 -8.36
C SER B 368 -6.66 -14.22 -8.06
N LEU B 369 -6.36 -13.75 -6.84
CA LEU B 369 -5.00 -13.83 -6.27
C LEU B 369 -5.08 -14.23 -4.79
N MET B 370 -3.95 -14.73 -4.29
CA MET B 370 -3.79 -15.08 -2.87
C MET B 370 -3.68 -13.80 -2.08
N ASP B 371 -4.53 -13.65 -1.03
CA ASP B 371 -4.53 -12.42 -0.25
C ASP B 371 -3.46 -12.45 0.84
N PHE B 372 -2.19 -12.49 0.42
CA PHE B 372 -1.06 -12.36 1.36
C PHE B 372 -1.14 -11.09 2.23
N PRO B 373 -1.48 -9.91 1.65
CA PRO B 373 -1.53 -8.71 2.54
C PRO B 373 -2.47 -8.87 3.76
N LEU B 374 -3.66 -9.43 3.54
CA LEU B 374 -4.62 -9.49 4.63
C LEU B 374 -4.25 -10.60 5.62
N VAL B 375 -3.70 -11.70 5.10
CA VAL B 375 -3.25 -12.82 5.97
C VAL B 375 -2.11 -12.29 6.85
N ASP B 376 -1.20 -11.55 6.24
CA ASP B 376 -0.09 -10.97 6.99
C ASP B 376 -0.60 -10.02 8.08
N ALA B 377 -1.57 -9.19 7.73
CA ALA B 377 -2.12 -8.22 8.71
C ALA B 377 -2.73 -8.92 9.92
N MET B 378 -3.52 -9.95 9.68
CA MET B 378 -4.13 -10.69 10.80
C MET B 378 -3.07 -11.45 11.62
N ARG B 379 -2.07 -12.03 10.95
CA ARG B 379 -1.02 -12.75 11.72
C ARG B 379 -0.23 -11.76 12.58
N ASN B 380 -0.02 -10.54 12.05
CA ASN B 380 0.60 -9.47 12.86
C ASN B 380 -0.26 -9.09 14.05
N ALA B 381 -1.56 -8.94 13.83
CA ALA B 381 -2.44 -8.57 14.95
C ALA B 381 -2.42 -9.60 16.06
N LEU B 382 -2.37 -10.87 15.67
CA LEU B 382 -2.49 -11.95 16.66
C LEU B 382 -1.16 -12.17 17.39
N SER B 383 -0.06 -11.94 16.69
CA SER B 383 1.31 -12.05 17.27
C SER B 383 1.84 -10.84 18.06
N LYS B 384 1.49 -9.63 17.64
CA LYS B 384 2.01 -8.41 18.25
C LYS B 384 1.20 -8.14 19.52
N THR B 385 1.29 -9.08 20.47
CA THR B 385 0.53 -9.06 21.73
C THR B 385 0.88 -7.87 22.65
N GLY B 386 2.05 -7.27 22.42
CA GLY B 386 2.49 -6.09 23.16
C GLY B 386 1.97 -4.78 22.59
N GLU B 387 1.30 -4.83 21.44
CA GLU B 387 0.75 -3.62 20.79
C GLU B 387 -0.67 -3.37 21.26
N GLU B 388 -1.02 -2.09 21.47
CA GLU B 388 -2.33 -1.73 22.07
C GLU B 388 -3.48 -2.04 21.12
N ASN B 389 -3.21 -1.98 19.81
CA ASN B 389 -4.27 -2.01 18.78
C ASN B 389 -3.84 -2.66 17.47
N GLY B 390 -3.18 -3.82 17.56
CA GLY B 390 -2.69 -4.53 16.34
C GLY B 390 -3.77 -4.85 15.30
N LEU B 391 -5.02 -5.08 15.75
CA LEU B 391 -6.11 -5.32 14.80
C LEU B 391 -6.30 -4.15 13.81
N ASN B 392 -5.79 -2.97 14.19
CA ASN B 392 -5.84 -1.84 13.23
C ASN B 392 -5.22 -2.18 11.86
N GLU B 393 -4.17 -3.00 11.84
CA GLU B 393 -3.57 -3.38 10.56
C GLU B 393 -4.55 -4.12 9.66
N VAL B 394 -5.40 -4.96 10.27
CA VAL B 394 -6.38 -5.72 9.50
C VAL B 394 -7.43 -4.79 8.88
N TYR B 395 -7.99 -3.94 9.75
CA TYR B 395 -8.97 -2.92 9.34
C TYR B 395 -8.42 -2.02 8.22
N GLU B 396 -7.24 -1.46 8.41
CA GLU B 396 -6.68 -0.58 7.34
C GLU B 396 -6.37 -1.37 6.04
N THR B 397 -5.88 -2.60 6.16
CA THR B 397 -5.63 -3.41 4.95
C THR B 397 -6.94 -3.65 4.19
N LEU B 398 -7.98 -4.06 4.93
CA LEU B 398 -9.30 -4.25 4.32
C LEU B 398 -9.82 -2.98 3.62
N SER B 399 -9.53 -1.82 4.22
CA SER B 399 -10.01 -0.55 3.66
C SER B 399 -9.43 -0.30 2.25
N LEU B 400 -8.35 -1.02 1.92
CA LEU B 400 -7.71 -0.88 0.59
C LEU B 400 -8.35 -1.78 -0.46
N ASP B 401 -9.50 -2.39 -0.15
CA ASP B 401 -10.09 -3.34 -1.09
C ASP B 401 -10.52 -2.68 -2.40
N TYR B 402 -10.73 -1.36 -2.37
CA TYR B 402 -11.07 -0.67 -3.62
C TYR B 402 -9.96 -0.77 -4.66
N LEU B 403 -8.74 -1.12 -4.23
CA LEU B 403 -7.66 -1.31 -5.22
C LEU B 403 -7.85 -2.53 -6.12
N TYR B 404 -8.66 -3.49 -5.66
CA TYR B 404 -8.94 -4.68 -6.43
C TYR B 404 -10.24 -4.54 -7.20
N PRO B 405 -10.23 -4.92 -8.47
CA PRO B 405 -11.51 -4.94 -9.22
C PRO B 405 -12.57 -5.83 -8.58
N GLU B 406 -12.14 -6.96 -7.97
CA GLU B 406 -13.11 -7.96 -7.44
C GLU B 406 -12.54 -8.60 -6.16
N PRO B 407 -12.49 -7.81 -5.08
CA PRO B 407 -11.83 -8.29 -3.85
C PRO B 407 -12.55 -9.52 -3.28
N GLN B 408 -13.86 -9.65 -3.51
CA GLN B 408 -14.57 -10.85 -3.00
C GLN B 408 -14.15 -12.16 -3.68
N ASN B 409 -13.43 -12.06 -4.80
CA ASN B 409 -12.93 -13.26 -5.50
C ASN B 409 -11.52 -13.67 -5.09
N LEU B 410 -10.89 -12.87 -4.22
CA LEU B 410 -9.53 -13.19 -3.77
C LEU B 410 -9.59 -14.35 -2.80
N VAL B 411 -8.52 -15.12 -2.75
CA VAL B 411 -8.46 -16.25 -1.80
C VAL B 411 -7.76 -15.82 -0.49
N LEU B 412 -8.50 -15.89 0.61
CA LEU B 412 -7.97 -15.60 1.94
C LEU B 412 -7.69 -16.96 2.57
N PHE B 413 -6.58 -17.08 3.31
CA PHE B 413 -6.18 -18.42 3.78
C PHE B 413 -5.74 -18.43 5.23
N GLY B 414 -5.96 -19.56 5.92
CA GLY B 414 -5.49 -19.69 7.31
C GLY B 414 -3.97 -19.87 7.31
N GLY B 415 -3.44 -20.43 6.22
CA GLY B 415 -2.01 -20.73 6.10
C GLY B 415 -1.83 -21.58 4.86
N ASN B 416 -0.60 -22.05 4.65
CA ASN B 416 -0.32 -22.92 3.50
C ASN B 416 1.03 -23.56 3.73
N HIS B 417 1.52 -24.26 2.71
CA HIS B 417 2.72 -25.13 2.85
C HIS B 417 4.00 -24.30 2.91
N ASP B 418 3.87 -22.97 2.75
CA ASP B 418 5.04 -22.08 2.71
C ASP B 418 5.21 -21.22 3.97
N MET B 419 4.28 -21.35 4.91
CA MET B 419 4.30 -20.44 6.07
C MET B 419 4.15 -21.19 7.36
N ALA B 420 4.51 -20.52 8.45
CA ALA B 420 4.29 -21.10 9.77
C ALA B 420 2.86 -21.60 9.94
N ARG B 421 2.73 -22.69 10.69
CA ARG B 421 1.42 -23.23 10.96
C ARG B 421 0.50 -22.20 11.64
N MET B 422 -0.75 -22.16 11.17
CA MET B 422 -1.77 -21.26 11.68
C MET B 422 -1.77 -21.19 13.22
N PHE B 423 -1.73 -22.37 13.86
CA PHE B 423 -1.78 -22.38 15.32
C PHE B 423 -0.53 -21.77 15.94
N SER B 424 0.62 -22.06 15.34
CA SER B 424 1.87 -21.46 15.82
C SER B 424 1.86 -19.94 15.58
N ALA B 425 1.30 -19.52 14.45
CA ALA B 425 1.21 -18.08 14.17
C ALA B 425 0.31 -17.32 15.16
N ALA B 426 -0.60 -18.04 15.80
CA ALA B 426 -1.48 -17.52 16.86
C ALA B 426 -0.81 -17.61 18.25
N GLY B 427 0.47 -17.98 18.29
CA GLY B 427 1.19 -18.12 19.59
C GLY B 427 0.69 -19.34 20.36
N GLU B 428 0.09 -20.30 19.65
CA GLU B 428 -0.53 -21.51 20.27
C GLU B 428 -1.64 -21.13 21.26
N ASP B 429 -2.27 -19.99 20.99
CA ASP B 429 -3.34 -19.47 21.81
C ASP B 429 -4.64 -19.86 21.15
N PHE B 430 -5.35 -20.83 21.75
CA PHE B 430 -6.58 -21.31 21.12
C PHE B 430 -7.60 -20.20 20.87
N ASP B 431 -7.65 -19.21 21.77
CA ASP B 431 -8.64 -18.14 21.67
C ASP B 431 -8.32 -17.22 20.52
N ARG B 432 -7.04 -16.89 20.37
CA ARG B 432 -6.61 -16.12 19.19
C ARG B 432 -6.79 -16.90 17.89
N TRP B 433 -6.52 -18.21 17.93
CA TRP B 433 -6.73 -19.06 16.76
C TRP B 433 -8.21 -19.01 16.33
N ARG B 434 -9.14 -19.08 17.30
CA ARG B 434 -10.58 -18.97 17.01
C ARG B 434 -10.88 -17.66 16.29
N MET B 435 -10.30 -16.57 16.75
CA MET B 435 -10.45 -15.29 16.03
C MET B 435 -10.01 -15.40 14.56
N ASN B 436 -8.86 -16.02 14.33
CA ASN B 436 -8.36 -16.16 12.96
C ASN B 436 -9.37 -17.00 12.15
N LEU B 437 -9.90 -18.07 12.77
CA LEU B 437 -10.77 -18.98 12.00
C LEU B 437 -12.10 -18.30 11.68
N VAL B 438 -12.64 -17.58 12.66
CA VAL B 438 -13.87 -16.83 12.42
C VAL B 438 -13.67 -15.80 11.30
N PHE B 439 -12.55 -15.08 11.38
CA PHE B 439 -12.19 -14.08 10.35
C PHE B 439 -12.16 -14.72 8.95
N LEU B 440 -11.47 -15.85 8.84
CA LEU B 440 -11.32 -16.57 7.57
C LEU B 440 -12.69 -16.92 6.98
N MET B 441 -13.58 -17.37 7.86
CA MET B 441 -14.88 -17.88 7.46
C MET B 441 -15.95 -16.85 7.26
N THR B 442 -15.67 -15.59 7.61
CA THR B 442 -16.69 -14.53 7.49
C THR B 442 -16.32 -13.34 6.59
N MET B 443 -15.04 -13.24 6.22
CA MET B 443 -14.59 -12.13 5.33
C MET B 443 -15.21 -12.26 3.93
N PRO B 444 -15.34 -11.13 3.18
CA PRO B 444 -15.80 -11.17 1.79
C PRO B 444 -14.65 -11.68 0.89
N ARG B 445 -14.39 -12.99 0.98
CA ARG B 445 -13.30 -13.65 0.30
C ARG B 445 -13.69 -15.10 0.03
N ILE B 446 -12.86 -15.77 -0.74
CA ILE B 446 -12.94 -17.24 -0.87
C ILE B 446 -11.96 -17.85 0.17
N PRO B 447 -12.48 -18.56 1.19
CA PRO B 447 -11.55 -19.07 2.21
C PRO B 447 -10.82 -20.34 1.78
N GLN B 448 -9.56 -20.46 2.19
CA GLN B 448 -8.76 -21.64 1.92
C GLN B 448 -8.09 -22.01 3.25
N PHE B 449 -8.02 -23.30 3.49
CA PHE B 449 -7.56 -23.87 4.74
C PHE B 449 -6.50 -24.89 4.44
N TYR B 450 -5.50 -25.00 5.32
CA TYR B 450 -4.36 -25.87 5.05
C TYR B 450 -4.45 -27.11 5.93
N SER B 451 -4.38 -28.26 5.28
CA SER B 451 -4.61 -29.56 5.92
C SER B 451 -3.71 -29.66 7.15
N GLY B 452 -4.27 -30.07 8.28
CA GLY B 452 -3.47 -30.18 9.50
C GLY B 452 -3.81 -29.07 10.47
N ASP B 453 -4.19 -27.90 9.94
CA ASP B 453 -4.57 -26.82 10.81
C ASP B 453 -5.85 -27.09 11.61
N GLU B 454 -6.69 -28.02 11.15
CA GLU B 454 -7.93 -28.30 11.88
C GLU B 454 -7.68 -29.08 13.18
N ILE B 455 -6.45 -29.59 13.34
CA ILE B 455 -6.05 -30.26 14.60
C ILE B 455 -4.84 -29.54 15.21
N LEU B 456 -4.69 -28.26 14.88
CA LEU B 456 -3.71 -27.42 15.54
C LEU B 456 -2.26 -27.92 15.43
N MET B 457 -1.90 -28.46 14.26
CA MET B 457 -0.51 -28.81 14.02
C MET B 457 0.34 -27.56 14.22
N THR B 458 1.55 -27.78 14.73
CA THR B 458 2.47 -26.68 14.98
C THR B 458 3.78 -26.77 14.19
N SER B 459 4.51 -25.66 14.19
CA SER B 459 5.77 -25.58 13.44
C SER B 459 6.69 -24.58 14.11
N THR B 460 7.86 -24.36 13.51
CA THR B 460 8.67 -23.18 13.85
C THR B 460 7.92 -21.91 13.39
N VAL B 461 8.33 -20.76 13.90
CA VAL B 461 7.64 -19.50 13.59
C VAL B 461 8.40 -18.49 12.72
N LYS B 462 9.73 -18.54 12.78
CA LYS B 462 10.56 -17.50 12.17
C LYS B 462 11.17 -17.96 10.84
N GLY B 463 11.31 -17.00 9.93
CA GLY B 463 11.94 -17.22 8.62
C GLY B 463 11.26 -18.28 7.77
N ARG B 464 12.04 -18.93 6.91
CA ARG B 464 11.53 -19.98 6.02
C ARG B 464 12.09 -21.35 6.41
N ASP B 465 11.21 -22.24 6.85
CA ASP B 465 11.61 -23.55 7.35
C ASP B 465 10.63 -24.60 6.82
N ASP B 466 10.70 -24.83 5.50
CA ASP B 466 9.63 -25.53 4.80
C ASP B 466 9.29 -26.88 5.39
N ALA B 467 10.29 -27.69 5.76
CA ALA B 467 9.96 -29.01 6.28
C ALA B 467 9.04 -28.93 7.51
N SER B 468 9.18 -27.86 8.28
CA SER B 468 8.40 -27.71 9.50
C SER B 468 6.91 -27.53 9.25
N TYR B 469 6.57 -27.04 8.06
CA TYR B 469 5.17 -26.75 7.75
C TYR B 469 4.45 -27.90 7.06
N ARG B 470 5.16 -29.01 6.81
CA ARG B 470 4.67 -30.08 5.94
C ARG B 470 4.73 -31.46 6.59
N ARG B 471 4.58 -31.50 7.92
CA ARG B 471 4.62 -32.78 8.65
C ARG B 471 3.46 -33.68 8.24
N ASP B 472 3.68 -34.99 8.29
CA ASP B 472 2.66 -35.96 7.88
C ASP B 472 1.35 -35.74 8.59
N PHE B 473 0.26 -35.82 7.82
CA PHE B 473 -1.05 -35.74 8.45
C PHE B 473 -1.25 -36.94 9.40
N PRO B 474 -1.64 -36.67 10.65
CA PRO B 474 -1.83 -37.76 11.64
C PRO B 474 -3.00 -38.65 11.21
N GLY B 475 -2.68 -39.92 10.91
CA GLY B 475 -3.68 -40.88 10.48
C GLY B 475 -3.49 -41.24 9.01
N GLY B 476 -2.60 -40.52 8.32
CA GLY B 476 -2.32 -40.79 6.91
C GLY B 476 -1.49 -42.05 6.64
N TRP B 477 -0.87 -42.59 7.70
CA TRP B 477 0.02 -43.75 7.59
C TRP B 477 -0.43 -44.88 8.53
N ALA B 478 -0.39 -46.11 8.02
CA ALA B 478 -0.68 -47.27 8.85
C ALA B 478 0.26 -47.23 10.06
N GLY B 479 -0.31 -47.50 11.22
CA GLY B 479 0.46 -47.48 12.48
C GLY B 479 0.46 -46.16 13.25
N ASP B 480 -0.08 -45.09 12.66
CA ASP B 480 -0.10 -43.80 13.35
C ASP B 480 -0.88 -43.89 14.67
N LYS B 481 -0.30 -43.35 15.74
CA LYS B 481 -0.92 -43.38 17.09
C LYS B 481 -1.79 -42.14 17.39
N ALA B 482 -1.69 -41.11 16.55
CA ALA B 482 -2.65 -40.00 16.58
C ALA B 482 -3.24 -40.04 15.19
N ASN B 483 -4.56 -40.01 15.12
CA ASN B 483 -5.27 -40.18 13.87
C ASN B 483 -6.42 -39.18 13.83
N ALA B 484 -6.28 -38.12 13.01
CA ALA B 484 -7.29 -37.07 12.91
C ALA B 484 -8.55 -37.56 12.18
N PHE B 485 -8.41 -38.61 11.36
CA PHE B 485 -9.56 -39.14 10.61
C PHE B 485 -10.54 -39.85 11.54
N SER B 486 -10.01 -40.59 12.51
CA SER B 486 -10.83 -41.34 13.49
C SER B 486 -10.99 -40.62 14.82
N GLY B 487 -10.06 -39.71 15.14
CA GLY B 487 -10.15 -38.96 16.39
C GLY B 487 -9.23 -39.56 17.44
N ALA B 488 -8.69 -40.73 17.13
CA ALA B 488 -7.83 -41.42 18.09
C ALA B 488 -6.57 -40.61 18.41
N GLY B 489 -6.30 -40.41 19.69
CA GLY B 489 -5.07 -39.73 20.09
C GLY B 489 -5.05 -38.21 20.03
N LEU B 490 -6.14 -37.58 19.60
CA LEU B 490 -6.19 -36.13 19.63
C LEU B 490 -6.42 -35.67 21.07
N THR B 491 -5.79 -34.56 21.44
CA THR B 491 -6.13 -33.92 22.73
C THR B 491 -7.53 -33.34 22.66
N SER B 492 -8.15 -33.06 23.82
CA SER B 492 -9.46 -32.37 23.84
C SER B 492 -9.42 -31.09 23.00
N GLN B 493 -8.33 -30.34 23.14
CA GLN B 493 -8.22 -29.07 22.42
C GLN B 493 -8.13 -29.27 20.92
N GLN B 494 -7.32 -30.24 20.50
CA GLN B 494 -7.19 -30.57 19.06
C GLN B 494 -8.53 -31.02 18.49
N ARG B 495 -9.24 -31.89 19.21
CA ARG B 495 -10.58 -32.30 18.77
C ARG B 495 -11.56 -31.11 18.72
N ALA B 496 -11.50 -30.22 19.71
CA ALA B 496 -12.35 -29.03 19.74
C ALA B 496 -12.06 -28.17 18.50
N ALA B 497 -10.79 -27.98 18.15
CA ALA B 497 -10.44 -27.22 16.94
C ALA B 497 -11.10 -27.85 15.70
N GLN B 498 -10.97 -29.17 15.60
CA GLN B 498 -11.52 -29.90 14.46
C GLN B 498 -13.05 -29.76 14.38
N ASP B 499 -13.70 -29.92 15.53
CA ASP B 499 -15.16 -29.75 15.59
C ASP B 499 -15.60 -28.32 15.19
N LEU B 500 -14.80 -27.32 15.60
CA LEU B 500 -15.10 -25.91 15.29
C LEU B 500 -14.92 -25.65 13.80
N VAL B 501 -13.86 -26.23 13.22
CA VAL B 501 -13.69 -26.12 11.75
C VAL B 501 -14.92 -26.70 11.04
N ARG B 502 -15.31 -27.91 11.43
CA ARG B 502 -16.52 -28.53 10.86
C ARG B 502 -17.76 -27.65 11.04
N LYS B 503 -17.95 -27.12 12.26
CA LYS B 503 -19.12 -26.31 12.59
C LYS B 503 -19.18 -25.04 11.72
N LEU B 504 -18.06 -24.33 11.67
CA LEU B 504 -18.04 -23.08 10.92
C LEU B 504 -18.08 -23.26 9.40
N ALA B 505 -17.30 -24.22 8.88
CA ALA B 505 -17.26 -24.42 7.42
C ALA B 505 -18.64 -24.89 6.91
N ASN B 506 -19.25 -25.85 7.61
CA ASN B 506 -20.59 -26.28 7.16
C ASN B 506 -21.63 -25.17 7.31
N TRP B 507 -21.55 -24.39 8.39
CA TRP B 507 -22.43 -23.22 8.54
C TRP B 507 -22.22 -22.23 7.40
N ARG B 508 -20.95 -21.95 7.04
CA ARG B 508 -20.67 -20.96 6.02
C ARG B 508 -21.29 -21.34 4.66
N LYS B 509 -21.31 -22.64 4.37
CA LYS B 509 -21.88 -23.15 3.10
C LYS B 509 -23.27 -22.61 2.90
N ASN B 510 -24.02 -22.47 4.00
CA ASN B 510 -25.41 -22.03 3.97
C ASN B 510 -25.66 -20.57 4.39
N GLN B 511 -24.64 -19.72 4.22
CA GLN B 511 -24.78 -18.29 4.53
C GLN B 511 -24.47 -17.42 3.33
N PRO B 512 -25.46 -17.25 2.44
CA PRO B 512 -25.30 -16.37 1.27
C PRO B 512 -24.81 -14.98 1.63
N VAL B 513 -25.15 -14.48 2.82
CA VAL B 513 -24.70 -13.14 3.20
C VAL B 513 -23.17 -13.09 3.35
N ILE B 514 -22.54 -14.20 3.70
CA ILE B 514 -21.05 -14.20 3.72
C ILE B 514 -20.49 -14.27 2.28
N HIS B 515 -21.18 -15.00 1.40
CA HIS B 515 -20.73 -15.16 0.00
C HIS B 515 -20.84 -13.90 -0.83
N ASN B 516 -21.89 -13.11 -0.60
CA ASN B 516 -22.12 -11.94 -1.48
C ASN B 516 -22.71 -10.72 -0.79
N GLY B 517 -22.81 -10.78 0.54
CA GLY B 517 -23.30 -9.65 1.33
C GLY B 517 -22.33 -8.48 1.37
N ARG B 518 -22.82 -7.34 1.85
CA ARG B 518 -21.94 -6.20 2.11
C ARG B 518 -21.12 -6.44 3.37
N LEU B 519 -20.08 -5.63 3.54
CA LEU B 519 -19.28 -5.63 4.76
C LEU B 519 -19.28 -4.21 5.29
N MET B 520 -19.61 -4.03 6.56
CA MET B 520 -19.29 -2.78 7.23
C MET B 520 -18.47 -3.09 8.45
N HIS B 521 -17.26 -2.52 8.51
CA HIS B 521 -16.43 -2.71 9.69
C HIS B 521 -16.23 -1.40 10.42
N PHE B 522 -15.87 -1.51 11.70
CA PHE B 522 -15.60 -0.35 12.53
C PHE B 522 -14.11 -0.33 12.89
N GLY B 523 -13.57 0.87 13.00
CA GLY B 523 -12.14 1.00 13.38
C GLY B 523 -11.92 0.27 14.70
N PRO B 524 -10.90 -0.63 14.78
CA PRO B 524 -10.58 -1.27 16.08
C PRO B 524 -10.12 -0.26 17.10
N GLU B 525 -10.51 -0.50 18.35
CA GLU B 525 -10.12 0.39 19.44
C GLU B 525 -9.62 -0.48 20.58
N GLU B 526 -8.38 -0.21 21.01
CA GLU B 526 -7.73 -1.06 22.03
C GLU B 526 -7.84 -2.56 21.76
N ASN B 527 -7.64 -2.94 20.50
CA ASN B 527 -7.59 -4.34 20.08
C ASN B 527 -8.92 -5.06 20.27
N THR B 528 -9.99 -4.29 20.22
CA THR B 528 -11.35 -4.87 20.02
C THR B 528 -11.78 -4.46 18.63
N TRP B 529 -12.55 -5.33 17.97
CA TRP B 529 -12.95 -5.07 16.60
C TRP B 529 -14.33 -5.64 16.38
N VAL B 530 -15.16 -4.86 15.70
CA VAL B 530 -16.53 -5.26 15.36
C VAL B 530 -16.76 -5.02 13.89
N TYR B 531 -17.34 -6.02 13.22
CA TYR B 531 -17.80 -5.84 11.84
C TYR B 531 -19.04 -6.63 11.56
N PHE B 532 -19.68 -6.32 10.42
CA PHE B 532 -20.96 -6.93 10.05
C PHE B 532 -20.92 -7.36 8.59
N ARG B 533 -21.49 -8.51 8.30
CA ARG B 533 -21.82 -8.88 6.92
C ARG B 533 -23.32 -8.68 6.87
N TYR B 534 -23.85 -8.10 5.79
CA TYR B 534 -25.27 -7.78 5.82
C TYR B 534 -25.88 -7.65 4.44
N ASN B 535 -27.18 -7.99 4.37
CA ASN B 535 -27.98 -7.75 3.16
C ASN B 535 -29.43 -7.67 3.62
N LYS B 536 -30.38 -7.64 2.69
CA LYS B 536 -31.78 -7.53 3.11
C LYS B 536 -32.26 -8.74 3.95
N ASP B 537 -31.57 -9.87 3.83
CA ASP B 537 -32.02 -11.11 4.49
C ASP B 537 -31.42 -11.33 5.88
N LYS B 538 -30.22 -10.82 6.14
CA LYS B 538 -29.51 -11.23 7.35
C LYS B 538 -28.40 -10.21 7.70
N ARG B 539 -28.15 -10.06 8.99
CA ARG B 539 -26.89 -9.48 9.47
C ARG B 539 -26.12 -10.57 10.19
N ILE B 540 -24.79 -10.60 9.97
CA ILE B 540 -23.93 -11.38 10.85
C ILE B 540 -22.91 -10.43 11.49
N MET B 541 -22.97 -10.33 12.82
CA MET B 541 -22.08 -9.49 13.58
C MET B 541 -20.93 -10.34 14.10
N VAL B 542 -19.70 -9.89 13.85
CA VAL B 542 -18.51 -10.49 14.47
C VAL B 542 -17.92 -9.45 15.42
N ALA B 543 -17.62 -9.88 16.66
CA ALA B 543 -16.92 -8.98 17.57
C ALA B 543 -15.81 -9.74 18.25
N MET B 544 -14.61 -9.18 18.29
CA MET B 544 -13.51 -9.88 18.95
C MET B 544 -12.79 -8.95 19.92
N ASN B 545 -12.34 -9.56 21.01
CA ASN B 545 -11.58 -8.86 22.03
C ASN B 545 -10.18 -9.48 22.14
N ASN B 546 -9.20 -8.86 21.47
CA ASN B 546 -7.85 -9.39 21.42
C ASN B 546 -7.04 -8.79 22.60
N ASN B 547 -7.52 -9.10 23.79
CA ASN B 547 -6.88 -8.67 25.07
C ASN B 547 -7.12 -9.74 26.12
N ASP B 548 -6.21 -9.82 27.11
CA ASP B 548 -6.40 -10.80 28.19
C ASP B 548 -7.26 -10.28 29.36
N LYS B 549 -7.91 -9.14 29.15
CA LYS B 549 -8.80 -8.50 30.14
C LYS B 549 -10.18 -8.34 29.48
N PRO B 550 -11.27 -8.23 30.28
CA PRO B 550 -12.58 -8.00 29.69
C PRO B 550 -12.67 -6.62 29.10
N MET B 551 -13.54 -6.45 28.10
CA MET B 551 -13.74 -5.15 27.53
C MET B 551 -15.21 -4.89 27.40
N THR B 552 -15.62 -3.65 27.64
CA THR B 552 -17.05 -3.28 27.53
C THR B 552 -17.15 -2.16 26.50
N LEU B 553 -17.90 -2.43 25.43
CA LEU B 553 -18.04 -1.51 24.31
C LEU B 553 -19.46 -0.94 24.27
N PRO B 554 -19.59 0.39 24.45
CA PRO B 554 -20.93 1.00 24.28
C PRO B 554 -21.50 0.70 22.89
N THR B 555 -22.76 0.29 22.81
CA THR B 555 -23.30 -0.13 21.52
C THR B 555 -23.90 1.03 20.67
N ALA B 556 -23.95 2.24 21.24
CA ALA B 556 -24.30 3.45 20.49
C ALA B 556 -23.49 3.54 19.20
N ARG B 557 -22.22 3.18 19.33
CA ARG B 557 -21.28 3.32 18.23
C ARG B 557 -21.72 2.57 16.98
N PHE B 558 -22.39 1.43 17.19
CA PHE B 558 -22.64 0.50 16.10
C PHE B 558 -24.09 0.55 15.63
N GLN B 559 -24.82 1.59 16.06
CA GLN B 559 -26.25 1.63 15.76
C GLN B 559 -26.62 1.65 14.28
N GLU B 560 -25.73 2.13 13.41
CA GLU B 560 -26.09 2.05 11.98
C GLU B 560 -26.27 0.64 11.44
N MET B 561 -25.69 -0.35 12.16
CA MET B 561 -25.80 -1.76 11.86
C MET B 561 -26.76 -2.45 12.82
N LEU B 562 -26.79 -2.03 14.09
CA LEU B 562 -27.58 -2.76 15.08
C LEU B 562 -29.05 -2.33 15.10
N LYS B 563 -29.28 -1.05 14.83
CA LYS B 563 -30.64 -0.46 14.79
C LYS B 563 -31.50 -0.94 15.97
N GLY B 564 -30.97 -0.80 17.17
CA GLY B 564 -31.73 -1.10 18.40
C GLY B 564 -31.87 -2.55 18.80
N ALA B 565 -31.20 -3.48 18.10
CA ALA B 565 -31.25 -4.90 18.52
C ALA B 565 -30.89 -5.04 20.00
N PRO B 566 -31.78 -5.66 20.81
CA PRO B 566 -31.50 -5.75 22.23
C PRO B 566 -30.47 -6.81 22.63
N SER B 567 -30.31 -7.84 21.79
CA SER B 567 -29.47 -8.98 22.11
C SER B 567 -29.37 -9.88 20.88
N GLY B 568 -28.55 -10.92 21.01
CA GLY B 568 -28.49 -11.95 19.96
C GLY B 568 -27.85 -13.20 20.53
N VAL B 569 -27.85 -14.29 19.77
CA VAL B 569 -27.20 -15.51 20.21
C VAL B 569 -25.88 -15.63 19.48
N ASP B 570 -24.83 -15.89 20.26
CA ASP B 570 -23.52 -16.22 19.72
C ASP B 570 -23.55 -17.64 19.15
N PHE B 571 -23.42 -17.76 17.82
CA PHE B 571 -23.33 -19.07 17.17
C PHE B 571 -22.25 -20.01 17.73
N LEU B 572 -21.14 -19.42 18.19
CA LEU B 572 -20.03 -20.23 18.64
C LEU B 572 -20.32 -20.94 19.96
N SER B 573 -20.49 -20.15 21.00
CA SER B 573 -20.67 -20.68 22.36
C SER B 573 -22.13 -21.08 22.57
N GLY B 574 -23.03 -20.56 21.73
CA GLY B 574 -24.48 -20.70 21.89
C GLY B 574 -25.06 -19.79 22.99
N LYS B 575 -24.20 -18.98 23.64
CA LYS B 575 -24.68 -18.05 24.70
C LYS B 575 -25.46 -16.86 24.13
N THR B 576 -26.38 -16.30 24.92
CA THR B 576 -27.00 -15.03 24.52
C THR B 576 -26.02 -13.91 24.85
N VAL B 577 -26.02 -12.88 24.01
CA VAL B 577 -25.12 -11.73 24.16
C VAL B 577 -25.97 -10.44 24.17
N GLY B 578 -25.88 -9.67 25.25
CA GLY B 578 -26.66 -8.43 25.33
C GLY B 578 -26.09 -7.39 24.37
N LEU B 579 -26.96 -6.59 23.77
CA LEU B 579 -26.55 -5.53 22.83
C LEU B 579 -27.20 -4.16 23.07
N GLY B 580 -28.05 -4.08 24.08
CA GLY B 580 -28.86 -2.89 24.29
C GLY B 580 -28.09 -1.59 24.49
N ARG B 581 -27.16 -1.59 25.42
CA ARG B 581 -26.43 -0.39 25.81
C ARG B 581 -24.93 -0.62 25.76
N GLU B 582 -24.51 -1.83 26.09
CA GLU B 582 -23.09 -2.17 26.08
C GLU B 582 -22.90 -3.62 25.63
N LEU B 583 -21.77 -3.87 24.98
CA LEU B 583 -21.38 -5.20 24.59
C LEU B 583 -20.21 -5.60 25.47
N ARG B 584 -20.45 -6.62 26.30
CA ARG B 584 -19.45 -7.10 27.27
C ARG B 584 -18.73 -8.29 26.66
N LEU B 585 -17.43 -8.12 26.41
CA LEU B 585 -16.62 -9.18 25.81
C LEU B 585 -15.65 -9.75 26.84
N ALA B 586 -15.71 -11.08 27.01
CA ALA B 586 -14.72 -11.74 27.88
C ALA B 586 -13.33 -11.61 27.28
N PRO B 587 -12.28 -11.78 28.12
CA PRO B 587 -10.92 -11.84 27.58
C PRO B 587 -10.82 -12.80 26.39
N LYS B 588 -10.15 -12.34 25.34
CA LYS B 588 -9.80 -13.15 24.18
C LYS B 588 -11.03 -13.82 23.56
N SER B 589 -12.16 -13.14 23.61
CA SER B 589 -13.40 -13.69 23.05
C SER B 589 -13.60 -13.30 21.58
N VAL B 590 -14.30 -14.15 20.85
CA VAL B 590 -14.92 -13.74 19.58
C VAL B 590 -16.34 -14.29 19.59
N VAL B 591 -17.28 -13.47 19.14
CA VAL B 591 -18.67 -13.91 19.03
C VAL B 591 -19.14 -13.69 17.60
N VAL B 592 -20.10 -14.51 17.18
CA VAL B 592 -20.68 -14.45 15.83
C VAL B 592 -22.20 -14.49 16.02
N ILE B 593 -22.87 -13.39 15.70
CA ILE B 593 -24.30 -13.19 16.08
C ILE B 593 -25.11 -12.94 14.84
N GLU B 594 -26.15 -13.75 14.63
CA GLU B 594 -27.04 -13.65 13.50
C GLU B 594 -28.24 -12.82 13.93
N LEU B 595 -28.60 -11.87 13.08
CA LEU B 595 -29.72 -10.98 13.31
C LEU B 595 -30.52 -10.87 12.00
N PRO B 596 -31.81 -10.53 12.09
CA PRO B 596 -32.56 -10.41 10.83
C PRO B 596 -32.03 -9.27 9.96
N GLY B 597 -32.30 -9.33 8.66
CA GLY B 597 -31.86 -8.27 7.74
C GLY B 597 -32.45 -6.89 8.08
N LEU B 598 -31.75 -5.83 7.72
CA LEU B 598 -32.29 -4.47 7.91
C LEU B 598 -33.41 -4.13 6.87
N PRO B 599 -34.39 -3.29 7.27
CA PRO B 599 -35.32 -2.71 6.28
C PRO B 599 -34.62 -1.94 5.15
C2 BGC C . -0.12 8.06 13.18
C3 BGC C . -0.28 9.53 12.83
C4 BGC C . -0.17 10.42 14.07
C5 BGC C . 1.17 10.12 14.79
C6 BGC C . 1.40 10.97 16.04
C1 BGC C . 1.13 7.83 14.04
O1 BGC C . 2.32 7.95 13.25
O2 BGC C . -0.06 7.29 11.97
O3 BGC C . -1.54 9.77 12.22
O4 BGC C . -0.27 11.78 13.67
O5 BGC C . 1.17 8.73 15.15
O6 BGC C . 2.75 10.80 16.51
C2 BGC C . -2.09 13.35 13.23
C3 BGC C . -1.27 14.61 12.89
C4 BGC C . -0.78 15.38 14.14
C5 BGC C . -0.07 14.36 15.06
C6 BGC C . 0.43 14.98 16.37
C1 BGC C . -1.38 12.46 14.25
O2 BGC C . -2.36 12.53 12.09
O3 BGC C . -2.06 15.43 12.02
O4 BGC C . 0.20 16.41 13.91
O5 BGC C . -0.92 13.24 15.37
O6 BGC C . -0.64 15.15 17.29
C2 BGC C . 0.85 18.81 13.87
C3 BGC C . 1.19 18.77 15.35
C4 BGC C . -0.04 19.25 16.15
C5 BGC C . -1.31 18.46 15.72
C6 BGC C . -2.54 19.23 16.19
C1 BGC C . -0.23 17.75 13.59
O2 BGC C . 2.01 18.66 13.00
O3 BGC C . 2.36 19.53 15.67
O4 BGC C . 0.17 18.97 17.52
O5 BGC C . -1.41 18.19 14.30
O6 BGC C . -2.71 20.45 15.44
C2 BGC C . 1.35 20.19 19.28
C3 BGC C . 1.63 18.88 20.05
C4 BGC C . 0.44 18.52 20.95
C5 BGC C . -0.86 18.58 20.10
C6 BGC C . -2.18 18.38 20.87
C1 BGC C . 0.08 20.07 18.44
O2 BGC C . 2.48 20.53 18.45
O3 BGC C . 2.85 19.04 20.81
O4 BGC C . 0.63 17.20 21.47
O5 BGC C . -0.98 19.82 19.36
O6 BGC C . -2.35 19.37 21.88
C2 BGC C . 1.20 16.21 23.62
C3 BGC C . 1.28 14.74 23.20
C4 BGC C . -0.10 14.08 23.26
C5 BGC C . -1.04 14.89 22.37
C6 BGC C . -2.45 14.31 22.29
C1 BGC C . 0.15 16.99 22.81
O2 BGC C . 2.47 16.84 23.43
O3 BGC C . 2.21 14.05 24.05
O4 BGC C . -0.03 12.73 22.82
O5 BGC C . -1.10 16.27 22.81
O6 BGC C . -2.88 14.36 20.93
C2 BGC C . 0.98 10.66 23.63
C3 BGC C . 0.57 9.75 22.47
C4 BGC C . -0.86 9.23 22.60
C5 BGC C . -1.87 10.28 23.10
C6 BGC C . -3.02 9.55 23.78
C1 BGC C . -0.06 11.77 23.89
O2 BGC C . 2.26 11.25 23.38
O3 BGC C . 1.44 8.63 22.38
O4 BGC C . -1.30 8.72 21.33
O5 BGC C . -1.36 11.21 24.06
O6 BGC C . -4.16 9.58 22.91
C1 GLC D . -0.71 11.32 22.15
C2 GLC D . 0.26 10.18 21.89
C3 GLC D . 0.39 9.93 20.38
C4 GLC D . -0.96 9.83 19.69
C5 GLC D . -1.98 10.86 20.17
C6 GLC D . -3.40 10.57 19.65
O2 GLC D . 1.50 10.51 22.54
O3 GLC D . 1.18 8.76 20.08
O4 GLC D . -0.75 10.11 18.32
O5 GLC D . -2.00 10.99 21.59
O6 GLC D . -3.76 9.25 20.06
C1 GLC D . -0.70 8.97 17.47
C2 GLC D . 0.50 9.15 16.53
C3 GLC D . 0.30 10.35 15.64
C4 GLC D . -1.01 10.21 14.85
C5 GLC D . -2.21 9.93 15.78
C6 GLC D . -3.44 9.50 14.97
O2 GLC D . 1.68 9.40 17.31
O3 GLC D . 1.41 10.51 14.75
O4 GLC D . -1.17 11.36 13.99
O5 GLC D . -1.93 8.89 16.73
O6 GLC D . -3.13 8.26 14.32
C1 GLC D . -1.98 12.43 14.51
C2 GLC D . -2.58 13.31 13.38
C3 GLC D . -1.53 14.28 12.81
C4 GLC D . -0.91 15.07 13.97
C5 GLC D . -0.18 14.01 14.82
C6 GLC D . 0.80 14.54 15.86
O2 GLC D . -3.11 12.48 12.36
O3 GLC D . -2.14 15.07 11.79
O4 GLC D . 0.03 16.09 13.60
O5 GLC D . -1.20 13.22 15.43
O6 GLC D . 0.13 15.26 16.92
C1 GLC D . -0.47 17.43 13.43
C2 GLC D . 0.68 18.39 13.74
C3 GLC D . 1.06 18.24 15.22
C4 GLC D . -0.12 18.71 16.05
C5 GLC D . -1.45 18.02 15.65
C6 GLC D . -2.62 18.89 16.07
O2 GLC D . 1.81 18.15 12.91
O3 GLC D . 2.24 19.01 15.52
O4 GLC D . 0.18 18.43 17.40
O5 GLC D . -1.62 17.76 14.24
O6 GLC D . -2.69 20.10 15.28
C1 GLC D . 0.01 19.55 18.24
C2 GLC D . 1.31 19.67 19.04
C3 GLC D . 1.55 18.40 19.87
C4 GLC D . 0.31 18.06 20.71
C5 GLC D . -0.99 18.11 19.87
C6 GLC D . -2.29 17.89 20.66
O2 GLC D . 2.40 19.88 18.15
O3 GLC D . 2.67 18.61 20.75
O4 GLC D . 0.48 16.73 21.19
O5 GLC D . -1.10 19.34 19.13
O6 GLC D . -2.34 18.74 21.82
C1 GLC D . 0.19 16.51 22.57
C2 GLC D . 1.22 15.59 23.21
C3 GLC D . 1.19 14.21 22.55
C4 GLC D . -0.23 13.64 22.47
C5 GLC D . -1.23 14.68 21.95
C6 GLC D . -2.66 14.17 22.08
O2 GLC D . 2.54 16.14 23.11
O3 GLC D . 2.06 13.30 23.21
O4 GLC D . -0.21 12.52 21.57
O5 GLC D . -1.10 15.91 22.68
O6 GLC D . -2.98 14.05 23.47
C2 BGC E . 8.47 -12.83 0.05
C3 BGC E . 7.86 -13.88 -0.87
C4 BGC E . 8.67 -15.17 -0.91
C5 BGC E . 8.86 -15.67 0.53
C6 BGC E . 9.72 -16.92 0.62
C1 BGC E . 8.82 -13.40 1.42
O1 BGC E . 7.65 -13.60 2.22
O2 BGC E . 7.55 -11.73 0.15
O3 BGC E . 7.81 -13.38 -2.19
O4 BGC E . 7.98 -16.11 -1.75
O5 BGC E . 9.51 -14.65 1.31
O6 BGC E . 9.59 -17.48 1.94
C2 BGC E . 7.82 -16.59 -4.12
C3 BGC E . 6.70 -17.63 -4.05
C4 BGC E . 7.22 -18.99 -3.55
C5 BGC E . 7.97 -18.74 -2.25
C6 BGC E . 8.41 -20.00 -1.54
C1 BGC E . 8.72 -16.59 -2.88
O2 BGC E . 7.21 -15.30 -4.25
O3 BGC E . 6.14 -17.78 -5.37
O4 BGC E . 6.19 -19.97 -3.39
O5 BGC E . 9.13 -17.92 -2.58
O6 BGC E . 9.48 -20.63 -2.27
C2 BGC E . 5.47 -22.24 -4.00
C3 BGC E . 6.64 -22.86 -3.25
C4 BGC E . 7.83 -23.05 -4.21
C5 BGC E . 8.15 -21.76 -4.99
C6 BGC E . 9.02 -22.07 -6.20
C1 BGC E . 5.90 -20.86 -4.49
O2 BGC E . 4.25 -22.20 -3.25
O3 BGC E . 6.24 -24.11 -2.64
O4 BGC E . 8.99 -23.41 -3.46
O5 BGC E . 6.98 -21.05 -5.44
O6 BGC E . 8.26 -22.82 -7.15
C2 BGC E . 9.67 -25.57 -2.60
C3 BGC E . 10.69 -25.00 -1.60
C4 BGC E . 12.06 -24.66 -2.21
C5 BGC E . 11.84 -23.83 -3.49
C6 BGC E . 13.09 -23.57 -4.32
C1 BGC E . 9.57 -24.68 -3.83
O2 BGC E . 8.38 -25.64 -1.98
O3 BGC E . 10.82 -25.94 -0.51
O4 BGC E . 12.84 -23.94 -1.23
O5 BGC E . 10.90 -24.49 -4.36
O6 BGC E . 13.82 -24.79 -4.54
C2 BGC E . 14.84 -24.50 0.13
C3 BGC E . 15.23 -23.27 0.94
C4 BGC E . 16.26 -22.39 0.21
C5 BGC E . 16.04 -22.30 -1.31
C6 BGC E . 17.33 -22.62 -2.12
C1 BGC E . 14.27 -24.14 -1.26
O2 BGC E . 13.91 -25.32 0.84
O3 BGC E . 15.80 -23.68 2.19
O4 BGC E . 16.24 -21.07 0.81
O5 BGC E . 14.87 -22.96 -1.84
O6 BGC E . 17.54 -24.01 -2.40
C2 BGC E . 18.00 -19.90 2.15
C3 BGC E . 17.56 -18.48 2.51
C4 BGC E . 17.80 -17.53 1.35
C5 BGC E . 17.03 -18.03 0.14
C6 BGC E . 17.20 -17.08 -1.05
C1 BGC E . 17.51 -20.39 0.76
O2 BGC E . 17.55 -20.82 3.16
O3 BGC E . 18.26 -18.02 3.66
O4 BGC E . 17.39 -16.20 1.74
O5 BGC E . 17.46 -19.35 -0.25
O6 BGC E . 18.46 -17.32 -1.68
C1 GLC F . 9.28 -16.44 -3.19
C2 GLC F . 8.32 -16.48 -4.39
C3 GLC F . 7.14 -17.40 -4.16
C4 GLC F . 7.64 -18.80 -3.74
C5 GLC F . 8.49 -18.69 -2.46
C6 GLC F . 9.06 -20.06 -2.08
O2 GLC F . 7.93 -15.13 -4.68
O3 GLC F . 6.35 -17.43 -5.39
O4 GLC F . 6.59 -19.77 -3.51
O5 GLC F . 9.56 -17.74 -2.66
O6 GLC F . 9.76 -19.98 -0.83
C1 GLC F . 6.17 -20.65 -4.58
C2 GLC F . 5.56 -21.92 -3.97
C3 GLC F . 6.65 -22.62 -3.15
C4 GLC F . 7.66 -23.13 -4.19
C5 GLC F . 8.21 -22.01 -5.10
C6 GLC F . 8.84 -22.65 -6.34
O2 GLC F . 4.35 -21.72 -3.23
O3 GLC F . 6.14 -23.71 -2.37
O4 GLC F . 8.73 -23.74 -3.43
O5 GLC F . 7.21 -21.03 -5.50
O6 GLC F . 7.86 -23.27 -7.19
C1 GLC F . 9.14 -25.01 -3.88
C2 GLC F . 9.23 -25.92 -2.66
C3 GLC F . 10.21 -25.29 -1.67
C4 GLC F . 11.60 -24.96 -2.26
C5 GLC F . 11.47 -24.26 -3.62
C6 GLC F . 12.77 -24.20 -4.43
O2 GLC F . 7.91 -26.02 -2.05
O3 GLC F . 10.32 -26.12 -0.52
O4 GLC F . 12.27 -24.06 -1.33
O5 GLC F . 10.46 -24.85 -4.45
O6 GLC F . 13.31 -25.51 -4.69
C1 GLC F . 13.65 -24.36 -1.07
C2 GLC F . 13.95 -24.12 0.41
C3 GLC F . 13.89 -22.63 0.79
C4 GLC F . 14.70 -21.74 -0.16
C5 GLC F . 14.35 -22.08 -1.62
C6 GLC F . 15.19 -21.30 -2.63
O2 GLC F . 13.03 -24.92 1.17
O3 GLC F . 14.32 -22.39 2.14
O4 GLC F . 14.41 -20.37 0.12
O5 GLC F . 14.47 -23.49 -1.87
O6 GLC F . 16.60 -21.37 -2.33
C1 GLC F . 15.52 -19.51 0.41
C2 GLC F . 15.17 -18.75 1.70
C3 GLC F . 13.91 -17.91 1.49
C4 GLC F . 14.00 -17.02 0.26
C5 GLC F . 14.60 -17.75 -0.96
C6 GLC F . 14.90 -16.77 -2.11
O2 GLC F . 14.95 -19.73 2.72
O3 GLC F . 13.68 -17.09 2.66
O4 GLC F . 12.67 -16.60 -0.10
O5 GLC F . 15.76 -18.54 -0.63
O6 GLC F . 15.97 -15.88 -1.77
C1 GLC F . 12.21 -15.34 0.44
C2 GLC F . 10.83 -15.57 1.05
C3 GLC F . 9.79 -16.00 0.00
C4 GLC F . 9.75 -15.03 -1.19
C5 GLC F . 11.19 -14.78 -1.69
C6 GLC F . 11.27 -13.72 -2.78
O2 GLC F . 10.96 -16.56 2.07
O3 GLC F . 8.45 -16.10 0.54
O4 GLC F . 8.81 -15.51 -2.16
O5 GLC F . 12.06 -14.36 -0.62
O6 GLC F . 10.82 -12.51 -2.20
CA CA G . -12.43 18.21 12.37
CA CA H . 11.13 37.03 22.19
C1 GOL I . 15.43 24.41 16.24
O1 GOL I . 15.33 25.58 15.46
C2 GOL I . 14.08 24.00 16.83
O2 GOL I . 14.16 22.76 17.47
C3 GOL I . 13.05 23.89 15.68
O3 GOL I . 12.81 25.18 15.12
C1 GOL J . 20.33 35.85 19.98
O1 GOL J . 20.60 36.97 20.77
C2 GOL J . 20.27 36.31 18.53
O2 GOL J . 20.53 35.20 17.72
C3 GOL J . 18.87 36.85 18.24
O3 GOL J . 18.46 36.63 16.91
CA CA K . 10.52 -17.09 -15.36
CA CA L . 2.35 -44.51 -1.38
C1 GOL M . -0.97 -32.34 6.26
O1 GOL M . -1.88 -33.07 5.44
C2 GOL M . 0.32 -32.03 5.50
O2 GOL M . 1.20 -31.35 6.36
C3 GOL M . 0.04 -31.14 4.27
O3 GOL M . -0.87 -31.78 3.36
C1 GOL N . -3.37 -45.08 6.36
O1 GOL N . -3.79 -46.44 6.43
C2 GOL N . -4.40 -44.20 5.67
O2 GOL N . -5.71 -44.46 6.15
C3 GOL N . -4.32 -44.45 4.16
O3 GOL N . -5.43 -43.85 3.51
#